data_5LXB
#
_entry.id   5LXB
#
_cell.length_a   72.215
_cell.length_b   137.051
_cell.length_c   131.249
_cell.angle_alpha   90.000
_cell.angle_beta   93.780
_cell.angle_gamma   90.000
#
_symmetry.space_group_name_H-M   'P 1 21 1'
#
loop_
_entity.id
_entity.type
_entity.pdbx_description
1 polymer 'Soluble acetylcholine receptor'
2 non-polymer 2-acetamido-2-deoxy-beta-D-glucopyranose
3 non-polymer palonosetron
4 water water
#
_entity_poly.entity_id   1
_entity_poly.type   'polypeptide(L)'
_entity_poly.pdbx_seq_one_letter_code
;MLVSVYLALLVACVGQAHSQANLMRLKSDLFNRSPMYPGPTKDDPLTVTLGFTLQDIVKVDSSTNEVDLVYWERQRWKLN
SLMWDPNEYGNITDFRTSAADIWTPDITAYSSTRPVQVLSPQIAVVTHDGSVMFIPAQRLSFMCDPTGVDSEEGVTCAVK
FGSWVYSGFEIDLKTDTDQVDLSSYYASSKYEILSATQTRQVQHYSCCPEPYIDVNLVVKFRERRAGNGFFRNLFDHHHH
HH
;
_entity_poly.pdbx_strand_id   A,B,C,D,E,F,G,H,I,J
#
loop_
_chem_comp.id
_chem_comp.type
_chem_comp.name
_chem_comp.formula
7A9 non-polymer palonosetron 'C19 H24 N2 O'
NAG D-saccharide, beta linking 2-acetamido-2-deoxy-beta-D-glucopyranose 'C8 H15 N O6'
#
# COMPACT_ATOMS: atom_id res chain seq x y z
N GLN A 20 6.20 31.64 20.66
CA GLN A 20 5.70 30.70 21.63
C GLN A 20 6.15 31.10 23.05
N ALA A 21 7.41 31.44 23.26
CA ALA A 21 7.97 31.66 24.62
C ALA A 21 7.26 32.74 25.42
N ASN A 22 6.99 33.87 24.75
CA ASN A 22 6.31 34.97 25.39
C ASN A 22 4.88 34.62 25.71
N LEU A 23 4.21 33.96 24.79
CA LEU A 23 2.84 33.55 24.98
C LEU A 23 2.76 32.52 26.12
N MET A 24 3.66 31.55 26.16
CA MET A 24 3.68 30.56 27.24
C MET A 24 3.84 31.27 28.61
N ARG A 25 4.70 32.30 28.65
CA ARG A 25 4.94 33.04 29.87
C ARG A 25 3.67 33.84 30.31
N LEU A 26 3.02 34.47 29.34
CA LEU A 26 1.79 35.21 29.60
C LEU A 26 0.70 34.32 30.14
N LYS A 27 0.50 33.19 29.51
CA LYS A 27 -0.55 32.24 29.92
C LYS A 27 -0.28 31.73 31.32
N SER A 28 0.99 31.42 31.57
CA SER A 28 1.42 31.00 32.89
C SER A 28 1.14 32.06 33.97
N ASP A 29 1.51 33.31 33.68
CA ASP A 29 1.25 34.42 34.60
C ASP A 29 -0.23 34.64 34.86
N LEU A 30 -1.06 34.58 33.83
CA LEU A 30 -2.50 34.73 33.96
C LEU A 30 -3.20 33.55 34.68
N PHE A 31 -2.88 32.31 34.32
CA PHE A 31 -3.68 31.16 34.75
C PHE A 31 -3.08 30.34 35.87
N ASN A 32 -1.77 30.20 35.95
CA ASN A 32 -1.10 29.41 37.02
C ASN A 32 -0.70 30.21 38.24
N ARG A 33 -0.70 31.54 38.18
CA ARG A 33 -0.28 32.36 39.29
C ARG A 33 -1.41 33.01 40.08
N SER A 34 -2.67 32.82 39.68
CA SER A 34 -3.78 33.24 40.56
C SER A 34 -4.98 32.33 40.39
N PRO A 35 -5.89 32.30 41.39
CA PRO A 35 -7.07 31.44 41.22
C PRO A 35 -7.94 31.93 40.10
N MET A 36 -8.82 31.07 39.59
CA MET A 36 -9.74 31.49 38.56
C MET A 36 -10.72 32.55 39.13
N TYR A 37 -11.24 33.36 38.23
CA TYR A 37 -12.23 34.33 38.58
C TYR A 37 -13.43 33.57 39.15
N PRO A 38 -13.87 33.91 40.36
CA PRO A 38 -15.01 33.19 41.00
C PRO A 38 -16.38 33.68 40.49
N GLY A 39 -16.43 34.52 39.46
CA GLY A 39 -17.69 35.07 38.96
C GLY A 39 -18.04 36.40 39.64
N PRO A 40 -19.01 37.12 39.07
CA PRO A 40 -19.38 38.43 39.53
C PRO A 40 -20.19 38.42 40.84
N THR A 41 -20.24 39.57 41.52
CA THR A 41 -21.09 39.77 42.72
C THR A 41 -21.77 41.13 42.61
N LYS A 42 -22.65 41.46 43.55
CA LYS A 42 -23.29 42.79 43.61
C LYS A 42 -22.24 43.91 43.63
N ASP A 43 -21.16 43.70 44.40
CA ASP A 43 -20.09 44.69 44.52
C ASP A 43 -19.18 44.79 43.30
N ASP A 44 -19.09 43.73 42.50
CA ASP A 44 -18.26 43.75 41.27
C ASP A 44 -19.01 43.09 40.11
N PRO A 45 -20.02 43.78 39.57
CA PRO A 45 -20.84 43.18 38.53
C PRO A 45 -20.12 43.17 37.21
N LEU A 46 -20.73 42.47 36.28
CA LEU A 46 -20.16 42.20 35.01
C LEU A 46 -21.20 42.47 33.96
N THR A 47 -20.80 43.06 32.85
CA THR A 47 -21.67 43.18 31.70
C THR A 47 -21.23 42.22 30.61
N VAL A 48 -22.19 41.47 30.11
CA VAL A 48 -22.00 40.51 29.05
C VAL A 48 -22.78 40.96 27.85
N THR A 49 -22.10 41.06 26.72
CA THR A 49 -22.72 41.47 25.49
C THR A 49 -22.96 40.22 24.67
N LEU A 50 -24.08 40.18 23.99
CA LEU A 50 -24.66 38.97 23.42
C LEU A 50 -25.30 39.31 22.10
N GLY A 51 -24.99 38.53 21.08
CA GLY A 51 -25.57 38.67 19.73
C GLY A 51 -25.63 37.33 19.06
N PHE A 52 -26.57 37.19 18.12
CA PHE A 52 -26.84 35.90 17.51
C PHE A 52 -26.60 35.99 16.02
N THR A 53 -25.94 34.97 15.48
CA THR A 53 -25.85 34.75 14.06
C THR A 53 -26.64 33.50 13.75
N LEU A 54 -27.71 33.63 12.97
CA LEU A 54 -28.61 32.55 12.68
C LEU A 54 -28.15 31.91 11.39
N GLN A 55 -27.82 30.61 11.47
CA GLN A 55 -27.25 29.91 10.34
C GLN A 55 -28.31 29.08 9.61
N ASP A 56 -29.21 28.41 10.34
CA ASP A 56 -30.27 27.65 9.66
C ASP A 56 -31.38 27.27 10.63
N ILE A 57 -32.60 27.19 10.13
CA ILE A 57 -33.66 26.52 10.85
C ILE A 57 -33.66 25.14 10.26
N VAL A 58 -33.24 24.15 11.06
CA VAL A 58 -32.95 22.82 10.53
C VAL A 58 -34.08 21.83 10.67
N LYS A 59 -35.07 22.12 11.52
CA LYS A 59 -36.15 21.19 11.77
C LYS A 59 -37.32 21.87 12.43
N VAL A 60 -38.52 21.51 11.99
CA VAL A 60 -39.76 22.00 12.56
C VAL A 60 -40.62 20.78 12.83
N ASP A 61 -41.17 20.63 14.04
CA ASP A 61 -41.94 19.42 14.37
C ASP A 61 -43.26 19.85 14.98
N SER A 62 -44.33 19.71 14.21
CA SER A 62 -45.63 20.21 14.60
C SER A 62 -46.37 19.21 15.49
N SER A 63 -45.88 17.98 15.58
CA SER A 63 -46.51 17.01 16.47
C SER A 63 -46.03 17.19 17.92
N THR A 64 -44.86 17.76 18.13
CA THR A 64 -44.36 18.07 19.48
C THR A 64 -44.16 19.55 19.78
N ASN A 65 -44.40 20.42 18.80
CA ASN A 65 -44.09 21.84 18.91
C ASN A 65 -42.65 22.11 19.36
N GLU A 66 -41.71 21.53 18.62
CA GLU A 66 -40.28 21.80 18.75
C GLU A 66 -39.73 22.37 17.44
N VAL A 67 -38.78 23.28 17.54
CA VAL A 67 -38.09 23.82 16.38
C VAL A 67 -36.61 23.73 16.72
N ASP A 68 -35.77 23.35 15.74
CA ASP A 68 -34.33 23.27 15.93
C ASP A 68 -33.65 24.37 15.10
N LEU A 69 -32.77 25.14 15.73
CA LEU A 69 -31.97 26.16 15.04
C LEU A 69 -30.56 25.76 15.17
N VAL A 70 -29.76 26.20 14.20
CA VAL A 70 -28.31 26.26 14.33
C VAL A 70 -27.95 27.74 14.29
N TYR A 71 -27.18 28.17 15.28
CA TYR A 71 -26.77 29.56 15.38
C TYR A 71 -25.43 29.63 16.11
N TRP A 72 -24.80 30.80 16.01
CA TRP A 72 -23.58 31.14 16.74
C TRP A 72 -23.93 32.20 17.75
N GLU A 73 -23.42 32.07 18.95
CA GLU A 73 -23.78 32.94 20.04
C GLU A 73 -22.53 33.72 20.38
N ARG A 74 -22.47 35.00 20.01
CA ARG A 74 -21.33 35.83 20.31
C ARG A 74 -21.48 36.33 21.72
N GLN A 75 -20.51 36.06 22.59
CA GLN A 75 -20.49 36.54 23.97
C GLN A 75 -19.24 37.31 24.23
N ARG A 76 -19.35 38.45 24.90
CA ARG A 76 -18.21 39.24 25.20
C ARG A 76 -18.32 39.83 26.58
N TRP A 77 -17.22 39.83 27.30
CA TRP A 77 -17.16 40.48 28.62
C TRP A 77 -15.75 40.85 28.89
N LYS A 78 -15.47 41.49 30.01
CA LYS A 78 -14.15 42.00 30.32
C LYS A 78 -13.81 41.77 31.76
N LEU A 79 -12.60 41.33 32.03
CA LEU A 79 -12.11 41.14 33.40
C LEU A 79 -10.79 41.84 33.63
N ASN A 80 -10.68 42.54 34.74
CA ASN A 80 -9.43 43.17 35.14
C ASN A 80 -8.33 42.16 35.34
N SER A 81 -8.70 40.97 35.82
CA SER A 81 -7.72 39.93 36.10
C SER A 81 -7.10 39.34 34.85
N LEU A 82 -7.67 39.61 33.67
CA LEU A 82 -7.11 39.13 32.41
C LEU A 82 -6.33 40.21 31.63
N MET A 83 -6.01 41.35 32.26
CA MET A 83 -5.26 42.43 31.61
C MET A 83 -3.78 42.19 31.68
N TRP A 84 -3.06 42.74 30.71
CA TRP A 84 -1.60 42.73 30.72
C TRP A 84 -1.07 43.86 29.83
N ASP A 85 0.17 44.25 30.08
CA ASP A 85 0.84 45.23 29.23
C ASP A 85 1.57 44.49 28.09
N PRO A 86 1.15 44.70 26.84
CA PRO A 86 1.84 44.03 25.71
C PRO A 86 3.36 44.19 25.66
N ASN A 87 3.89 45.32 26.14
CA ASN A 87 5.33 45.54 26.18
C ASN A 87 6.07 44.58 27.09
N GLU A 88 5.40 44.07 28.10
CA GLU A 88 6.00 43.07 28.99
C GLU A 88 6.02 41.68 28.37
N TYR A 89 5.25 41.45 27.30
CA TYR A 89 5.09 40.12 26.71
C TYR A 89 5.30 40.11 25.19
N GLY A 90 6.42 40.65 24.75
CA GLY A 90 6.77 40.69 23.32
C GLY A 90 5.70 41.17 22.39
N ASN A 91 4.95 42.18 22.84
CA ASN A 91 3.92 42.88 22.05
C ASN A 91 2.72 42.06 21.69
N ILE A 92 2.50 40.96 22.42
CA ILE A 92 1.32 40.17 22.25
C ILE A 92 0.17 41.03 22.79
N THR A 93 -0.85 41.19 21.93
CA THR A 93 -2.02 41.95 22.26
C THR A 93 -3.26 41.10 22.44
N ASP A 94 -3.22 39.86 21.96
CA ASP A 94 -4.29 38.90 22.16
C ASP A 94 -3.82 37.47 21.98
N PHE A 95 -4.60 36.52 22.46
CA PHE A 95 -4.32 35.11 22.29
C PHE A 95 -5.61 34.29 22.40
N ARG A 96 -5.52 33.06 21.93
CA ARG A 96 -6.60 32.11 21.98
C ARG A 96 -6.34 31.12 23.07
N THR A 97 -7.38 30.64 23.70
CA THR A 97 -7.23 29.67 24.78
C THR A 97 -8.53 28.91 24.95
N SER A 98 -8.39 27.67 25.41
CA SER A 98 -9.52 26.80 25.64
C SER A 98 -10.46 27.50 26.63
N ALA A 99 -11.75 27.44 26.37
CA ALA A 99 -12.74 28.00 27.28
C ALA A 99 -12.68 27.39 28.66
N ALA A 100 -12.13 26.18 28.77
CA ALA A 100 -11.96 25.54 30.09
C ALA A 100 -10.92 26.26 30.97
N ASP A 101 -9.99 27.00 30.38
CA ASP A 101 -9.02 27.79 31.16
C ASP A 101 -9.57 29.03 31.85
N ILE A 102 -10.77 29.46 31.46
CA ILE A 102 -11.30 30.71 31.98
C ILE A 102 -12.74 30.55 32.44
N TRP A 103 -13.16 31.49 33.27
CA TRP A 103 -14.58 31.61 33.60
C TRP A 103 -15.34 32.02 32.38
N THR A 104 -16.51 31.41 32.18
CA THR A 104 -17.47 31.80 31.17
C THR A 104 -18.85 31.99 31.80
N PRO A 105 -19.69 32.86 31.23
CA PRO A 105 -20.97 33.10 31.87
C PRO A 105 -21.98 31.96 31.56
N ASP A 106 -22.95 31.80 32.45
CA ASP A 106 -23.97 30.74 32.38
C ASP A 106 -25.24 31.10 31.63
N ILE A 107 -25.06 31.69 30.47
CA ILE A 107 -26.18 32.15 29.65
C ILE A 107 -26.81 30.91 29.10
N THR A 108 -28.14 30.78 29.18
CA THR A 108 -28.82 29.62 28.66
C THR A 108 -30.13 29.98 28.08
N ALA A 109 -30.57 29.19 27.10
CA ALA A 109 -31.94 29.28 26.60
C ALA A 109 -32.90 28.82 27.67
N TYR A 110 -33.98 29.55 27.85
CA TYR A 110 -34.97 29.31 28.92
C TYR A 110 -36.05 28.36 28.53
N SER A 111 -36.23 28.06 27.26
CA SER A 111 -37.29 27.14 26.81
C SER A 111 -36.71 26.07 25.88
N SER A 112 -35.50 25.62 26.16
CA SER A 112 -34.98 24.43 25.44
C SER A 112 -35.73 23.15 25.82
N THR A 113 -35.81 22.22 24.89
CA THR A 113 -36.40 20.90 25.13
C THR A 113 -35.36 19.77 25.13
N ARG A 114 -34.13 20.06 24.70
CA ARG A 114 -33.02 19.09 24.67
C ARG A 114 -31.74 19.76 25.13
N PRO A 115 -30.78 18.97 25.60
CA PRO A 115 -29.48 19.58 25.86
C PRO A 115 -28.92 20.23 24.61
N VAL A 116 -28.29 21.38 24.75
CA VAL A 116 -27.81 22.10 23.58
C VAL A 116 -26.58 21.35 23.04
N GLN A 117 -26.44 21.24 21.73
CA GLN A 117 -25.31 20.56 21.09
C GLN A 117 -24.32 21.56 20.56
N VAL A 118 -23.08 21.47 21.01
CA VAL A 118 -22.03 22.36 20.64
C VAL A 118 -21.42 21.87 19.32
N LEU A 119 -21.28 22.78 18.35
CA LEU A 119 -20.84 22.42 17.01
C LEU A 119 -19.46 22.95 16.68
N SER A 120 -18.83 23.67 17.59
CA SER A 120 -17.57 24.32 17.33
C SER A 120 -16.62 24.03 18.46
N PRO A 121 -15.29 24.10 18.21
CA PRO A 121 -14.33 24.06 19.32
C PRO A 121 -14.60 25.15 20.36
N GLN A 122 -14.35 24.82 21.61
CA GLN A 122 -14.65 25.66 22.75
C GLN A 122 -13.40 26.44 23.10
N ILE A 123 -13.17 27.51 22.33
CA ILE A 123 -11.96 28.28 22.41
C ILE A 123 -12.39 29.72 22.44
N ALA A 124 -11.71 30.52 23.25
CA ALA A 124 -12.03 31.94 23.43
C ALA A 124 -10.84 32.79 22.98
N VAL A 125 -11.11 34.04 22.69
CA VAL A 125 -10.08 35.02 22.37
C VAL A 125 -10.00 36.01 23.54
N VAL A 126 -8.81 36.20 24.09
CA VAL A 126 -8.54 37.12 25.18
C VAL A 126 -7.63 38.25 24.66
N THR A 127 -8.00 39.47 24.98
CA THR A 127 -7.27 40.67 24.53
C THR A 127 -6.67 41.37 25.75
N HIS A 128 -5.58 42.09 25.53
CA HIS A 128 -4.78 42.65 26.62
C HIS A 128 -5.51 43.65 27.54
N ASP A 129 -6.63 44.21 27.09
CA ASP A 129 -7.48 45.05 27.96
C ASP A 129 -8.40 44.20 28.86
N GLY A 130 -8.25 42.86 28.83
CA GLY A 130 -9.03 41.97 29.65
C GLY A 130 -10.34 41.48 29.04
N SER A 131 -10.60 41.88 27.79
CA SER A 131 -11.85 41.47 27.15
C SER A 131 -11.72 40.06 26.58
N VAL A 132 -12.83 39.34 26.64
CA VAL A 132 -12.91 37.98 26.19
C VAL A 132 -14.03 37.94 25.15
N MET A 133 -13.81 37.20 24.07
CA MET A 133 -14.82 36.90 23.07
C MET A 133 -14.93 35.36 22.99
N PHE A 134 -16.13 34.85 23.08
CA PHE A 134 -16.41 33.42 23.01
C PHE A 134 -17.61 33.24 22.11
N ILE A 135 -17.47 32.40 21.06
CA ILE A 135 -18.50 32.27 20.01
C ILE A 135 -18.83 30.80 19.76
N PRO A 136 -19.53 30.17 20.71
CA PRO A 136 -19.99 28.78 20.46
C PRO A 136 -21.08 28.69 19.41
N ALA A 137 -20.88 27.80 18.43
CA ALA A 137 -21.91 27.43 17.48
C ALA A 137 -22.67 26.27 18.09
N GLN A 138 -23.98 26.29 17.91
CA GLN A 138 -24.87 25.42 18.65
C GLN A 138 -26.08 25.02 17.84
N ARG A 139 -26.58 23.81 18.13
CA ARG A 139 -27.92 23.39 17.72
C ARG A 139 -28.83 23.34 18.96
N LEU A 140 -29.96 24.04 18.90
CA LEU A 140 -30.88 24.16 20.01
C LEU A 140 -32.22 23.68 19.54
N SER A 141 -32.84 22.75 20.27
CA SER A 141 -34.27 22.47 20.17
C SER A 141 -35.05 23.31 21.20
N PHE A 142 -36.11 23.98 20.77
CA PHE A 142 -36.91 24.78 21.70
C PHE A 142 -38.40 24.78 21.41
N MET A 143 -39.14 25.26 22.40
CA MET A 143 -40.59 25.21 22.37
C MET A 143 -41.08 26.28 21.39
N CYS A 144 -41.84 25.84 20.40
CA CYS A 144 -42.42 26.69 19.41
C CYS A 144 -43.48 25.90 18.66
N ASP A 145 -44.69 26.46 18.61
CA ASP A 145 -45.78 25.96 17.75
C ASP A 145 -45.62 26.53 16.33
N PRO A 146 -45.25 25.67 15.36
CA PRO A 146 -44.98 26.15 14.03
C PRO A 146 -46.19 26.18 13.09
N THR A 147 -47.41 26.10 13.63
CA THR A 147 -48.63 26.24 12.83
C THR A 147 -48.58 27.52 12.05
N GLY A 148 -48.80 27.42 10.75
CA GLY A 148 -48.76 28.57 9.85
C GLY A 148 -47.44 28.76 9.13
N VAL A 149 -46.44 27.92 9.44
CA VAL A 149 -45.14 28.02 8.78
C VAL A 149 -45.21 27.88 7.27
N ASP A 150 -46.19 27.12 6.80
CA ASP A 150 -46.40 26.86 5.37
C ASP A 150 -47.37 27.84 4.71
N SER A 151 -47.61 29.00 5.30
CA SER A 151 -48.41 30.05 4.70
C SER A 151 -47.54 31.24 4.35
N GLU A 152 -48.15 32.25 3.71
CA GLU A 152 -47.43 33.47 3.32
C GLU A 152 -47.02 34.30 4.54
N GLU A 153 -47.88 34.36 5.56
CA GLU A 153 -47.61 35.14 6.77
C GLU A 153 -46.50 34.52 7.59
N GLY A 154 -46.39 33.20 7.50
CA GLY A 154 -45.40 32.46 8.26
C GLY A 154 -45.80 32.36 9.72
N VAL A 155 -44.82 32.15 10.56
CA VAL A 155 -45.04 31.89 11.96
C VAL A 155 -43.92 32.58 12.70
N THR A 156 -44.19 32.95 13.94
CA THR A 156 -43.23 33.63 14.78
C THR A 156 -42.97 32.74 15.96
N CYS A 157 -41.70 32.47 16.24
CA CYS A 157 -41.33 31.99 17.57
C CYS A 157 -40.22 32.77 18.22
N ALA A 158 -40.06 32.44 19.49
CA ALA A 158 -39.26 33.24 20.40
C ALA A 158 -38.67 32.34 21.43
N VAL A 159 -37.47 32.70 21.85
CA VAL A 159 -36.83 31.98 22.93
C VAL A 159 -35.96 33.05 23.55
N LYS A 160 -35.91 33.07 24.88
CA LYS A 160 -35.05 34.03 25.52
C LYS A 160 -33.86 33.37 26.19
N PHE A 161 -32.81 34.18 26.31
CA PHE A 161 -31.53 33.76 26.82
C PHE A 161 -31.18 34.68 28.00
N GLY A 162 -30.62 34.05 29.04
CA GLY A 162 -30.12 34.82 30.19
C GLY A 162 -29.29 33.90 31.08
N SER A 163 -28.71 34.52 32.08
CA SER A 163 -28.04 33.79 33.12
C SER A 163 -29.06 32.91 33.84
N TRP A 164 -28.64 31.71 34.18
CA TRP A 164 -29.47 30.78 34.94
C TRP A 164 -29.52 31.15 36.39
N VAL A 165 -28.42 31.63 36.94
CA VAL A 165 -28.38 31.91 38.39
C VAL A 165 -27.96 33.31 38.84
N TYR A 166 -27.50 34.16 37.95
CA TYR A 166 -27.09 35.53 38.31
C TYR A 166 -28.20 36.50 37.95
N SER A 167 -28.61 37.32 38.90
CA SER A 167 -29.54 38.46 38.63
C SER A 167 -28.85 39.60 37.88
N GLY A 168 -29.63 40.55 37.48
CA GLY A 168 -29.18 41.85 36.96
C GLY A 168 -28.21 42.62 37.82
N PHE A 169 -28.24 42.42 39.13
CA PHE A 169 -27.23 43.01 40.00
C PHE A 169 -25.83 42.44 39.89
N GLU A 170 -25.69 41.23 39.29
CA GLU A 170 -24.40 40.57 39.11
C GLU A 170 -23.96 40.50 37.67
N ILE A 171 -24.90 40.15 36.77
CA ILE A 171 -24.67 40.09 35.34
C ILE A 171 -25.74 40.89 34.65
N ASP A 172 -25.31 41.95 33.96
CA ASP A 172 -26.14 42.74 33.06
C ASP A 172 -25.87 42.24 31.65
N LEU A 173 -26.95 42.17 30.85
CA LEU A 173 -26.77 41.80 29.43
C LEU A 173 -27.06 42.94 28.56
N LYS A 174 -26.32 43.08 27.49
CA LYS A 174 -26.66 44.01 26.43
C LYS A 174 -26.47 43.34 25.11
N THR A 175 -27.02 43.98 24.10
CA THR A 175 -26.81 43.58 22.71
C THR A 175 -26.20 44.82 22.06
N ASP A 176 -25.37 44.61 21.05
CA ASP A 176 -24.84 45.73 20.24
C ASP A 176 -25.85 46.22 19.23
N THR A 177 -26.83 45.38 18.90
CA THR A 177 -27.79 45.68 17.87
C THR A 177 -29.04 44.87 18.16
N ASP A 178 -30.14 45.38 17.62
CA ASP A 178 -31.41 44.65 17.68
C ASP A 178 -31.59 43.60 16.60
N GLN A 179 -30.78 43.62 15.56
CA GLN A 179 -30.97 42.75 14.40
C GLN A 179 -30.07 41.53 14.60
N VAL A 180 -30.67 40.34 14.50
CA VAL A 180 -29.91 39.10 14.39
C VAL A 180 -29.11 39.09 13.10
N ASP A 181 -27.85 38.72 13.18
CA ASP A 181 -27.00 38.62 11.99
C ASP A 181 -27.48 37.43 11.11
N LEU A 182 -27.98 37.79 9.93
CA LEU A 182 -28.45 36.86 8.91
C LEU A 182 -27.47 36.70 7.73
N SER A 183 -26.25 37.22 7.84
CA SER A 183 -25.31 37.19 6.70
C SER A 183 -24.68 35.81 6.44
N SER A 184 -24.78 34.89 7.36
CA SER A 184 -24.35 33.49 7.16
C SER A 184 -25.53 32.53 7.10
N TYR A 185 -26.74 33.05 6.85
CA TYR A 185 -27.92 32.19 6.82
C TYR A 185 -27.85 31.35 5.55
N TYR A 186 -28.09 30.05 5.70
CA TYR A 186 -27.93 29.08 4.60
C TYR A 186 -28.82 29.44 3.41
N ALA A 187 -28.16 29.69 2.27
CA ALA A 187 -28.83 30.12 1.08
C ALA A 187 -29.90 29.16 0.57
N SER A 188 -29.81 27.87 0.85
CA SER A 188 -30.81 26.89 0.39
C SER A 188 -31.60 26.27 1.50
N SER A 189 -31.86 27.03 2.56
CA SER A 189 -32.68 26.53 3.68
C SER A 189 -34.06 26.14 3.21
N LYS A 190 -34.74 25.22 3.89
CA LYS A 190 -36.18 25.03 3.67
C LYS A 190 -36.98 26.31 4.04
N TYR A 191 -36.43 27.12 4.92
CA TYR A 191 -37.13 28.22 5.54
C TYR A 191 -36.52 29.58 5.19
N GLU A 192 -37.40 30.51 4.87
CA GLU A 192 -37.07 31.88 4.58
C GLU A 192 -37.30 32.69 5.86
N ILE A 193 -36.35 33.53 6.24
CA ILE A 193 -36.45 34.37 7.44
C ILE A 193 -37.11 35.69 7.08
N LEU A 194 -38.28 35.96 7.64
CA LEU A 194 -38.99 37.23 7.39
C LEU A 194 -38.53 38.31 8.34
N SER A 195 -38.17 37.95 9.55
CA SER A 195 -37.70 38.91 10.53
C SER A 195 -36.97 38.18 11.62
N ALA A 196 -35.98 38.83 12.23
CA ALA A 196 -35.21 38.20 13.31
C ALA A 196 -34.60 39.26 14.20
N THR A 197 -35.06 39.35 15.44
CA THR A 197 -34.60 40.36 16.37
C THR A 197 -34.06 39.76 17.67
N GLN A 198 -33.20 40.54 18.33
CA GLN A 198 -32.66 40.23 19.65
C GLN A 198 -32.83 41.45 20.55
N THR A 199 -33.60 41.31 21.61
CA THR A 199 -34.04 42.45 22.42
C THR A 199 -33.83 42.21 23.88
N ARG A 200 -33.01 43.04 24.50
CA ARG A 200 -32.84 43.04 25.94
C ARG A 200 -34.17 43.37 26.64
N GLN A 201 -34.48 42.64 27.71
CA GLN A 201 -35.71 42.82 28.51
C GLN A 201 -35.33 42.72 29.97
N VAL A 202 -35.87 43.63 30.79
CA VAL A 202 -35.54 43.69 32.19
C VAL A 202 -36.83 43.25 32.92
N GLN A 203 -36.74 42.24 33.79
CA GLN A 203 -37.89 41.71 34.46
C GLN A 203 -37.73 41.83 35.95
N HIS A 204 -38.82 42.10 36.65
CA HIS A 204 -38.89 41.82 38.11
C HIS A 204 -39.92 40.69 38.30
N TYR A 205 -39.60 39.71 39.13
CA TYR A 205 -40.55 38.64 39.45
C TYR A 205 -40.97 38.76 40.89
N SER A 206 -42.20 38.35 41.23
CA SER A 206 -42.68 38.38 42.63
C SER A 206 -41.85 37.67 43.67
N CYS A 207 -41.23 36.54 43.30
CA CYS A 207 -40.34 35.77 44.19
C CYS A 207 -39.14 36.50 44.77
N CYS A 208 -38.60 37.46 44.03
CA CYS A 208 -37.21 37.89 44.15
C CYS A 208 -37.19 39.40 44.12
N PRO A 209 -36.35 40.08 44.91
CA PRO A 209 -36.27 41.56 44.80
C PRO A 209 -35.38 42.06 43.67
N GLU A 210 -34.51 41.21 43.17
CA GLU A 210 -33.52 41.59 42.17
C GLU A 210 -34.14 41.58 40.78
N PRO A 211 -33.77 42.54 39.95
CA PRO A 211 -34.13 42.49 38.52
C PRO A 211 -33.38 41.37 37.78
N TYR A 212 -34.02 40.73 36.82
CA TYR A 212 -33.43 39.76 35.96
C TYR A 212 -33.40 40.23 34.53
N ILE A 213 -32.37 39.86 33.79
CA ILE A 213 -32.24 40.36 32.43
C ILE A 213 -32.21 39.17 31.51
N ASP A 214 -32.94 39.26 30.41
CA ASP A 214 -32.78 38.34 29.27
C ASP A 214 -32.73 39.08 27.95
N VAL A 215 -32.28 38.36 26.94
CA VAL A 215 -32.33 38.78 25.56
C VAL A 215 -33.31 37.85 24.86
N ASN A 216 -34.34 38.43 24.28
CA ASN A 216 -35.38 37.69 23.59
C ASN A 216 -35.08 37.61 22.09
N LEU A 217 -34.93 36.39 21.60
CA LEU A 217 -34.63 36.13 20.20
C LEU A 217 -35.97 35.78 19.56
N VAL A 218 -36.46 36.65 18.69
CA VAL A 218 -37.76 36.48 18.05
C VAL A 218 -37.52 36.34 16.57
N VAL A 219 -37.94 35.22 16.01
CA VAL A 219 -37.72 34.92 14.60
C VAL A 219 -39.04 34.60 13.94
N LYS A 220 -39.33 35.32 12.87
CA LYS A 220 -40.51 35.06 12.07
C LYS A 220 -40.03 34.43 10.78
N PHE A 221 -40.67 33.34 10.37
CA PHE A 221 -40.18 32.55 9.23
C PHE A 221 -41.30 31.77 8.56
N ARG A 222 -41.01 31.30 7.36
CA ARG A 222 -41.95 30.46 6.62
C ARG A 222 -41.22 29.53 5.66
N GLU A 223 -41.94 28.60 5.05
CA GLU A 223 -41.34 27.69 4.06
C GLU A 223 -40.98 28.44 2.78
N ARG A 224 -40.15 27.83 1.95
CA ARG A 224 -39.81 28.25 0.57
C ARG A 224 -38.78 29.32 0.64
N GLN B 20 -13.56 40.28 44.01
CA GLN B 20 -13.11 38.94 43.63
C GLN B 20 -12.27 38.33 44.77
N ALA B 21 -11.34 39.12 45.35
CA ALA B 21 -10.41 38.63 46.38
C ALA B 21 -11.08 38.00 47.60
N ASN B 22 -12.12 38.66 48.12
CA ASN B 22 -12.82 38.13 49.28
C ASN B 22 -13.54 36.84 48.94
N LEU B 23 -14.19 36.81 47.77
CA LEU B 23 -14.89 35.64 47.35
C LEU B 23 -13.94 34.48 47.11
N MET B 24 -12.80 34.74 46.46
CA MET B 24 -11.79 33.69 46.25
C MET B 24 -11.34 33.11 47.59
N ARG B 25 -11.14 33.97 48.59
CA ARG B 25 -10.71 33.54 49.91
C ARG B 25 -11.79 32.69 50.60
N LEU B 26 -13.04 33.12 50.52
CA LEU B 26 -14.17 32.36 51.08
C LEU B 26 -14.28 30.98 50.49
N LYS B 27 -14.22 30.90 49.16
CA LYS B 27 -14.36 29.64 48.46
C LYS B 27 -13.22 28.70 48.84
N SER B 28 -12.02 29.26 48.90
CA SER B 28 -10.85 28.53 49.33
C SER B 28 -11.00 27.98 50.74
N ASP B 29 -11.44 28.80 51.68
CA ASP B 29 -11.67 28.37 53.06
C ASP B 29 -12.71 27.28 53.17
N LEU B 30 -13.82 27.42 52.45
CA LEU B 30 -14.87 26.40 52.44
C LEU B 30 -14.49 25.08 51.77
N PHE B 31 -13.87 25.13 50.58
CA PHE B 31 -13.71 23.93 49.75
C PHE B 31 -12.32 23.30 49.77
N ASN B 32 -11.27 24.08 49.89
CA ASN B 32 -9.87 23.55 49.92
C ASN B 32 -9.32 23.27 51.31
N ARG B 33 -9.96 23.78 52.37
CA ARG B 33 -9.41 23.64 53.71
C ARG B 33 -10.21 22.64 54.56
N SER B 34 -11.27 22.00 54.03
CA SER B 34 -11.90 20.91 54.74
C SER B 34 -12.42 19.86 53.77
N PRO B 35 -12.62 18.62 54.27
CA PRO B 35 -13.14 17.59 53.33
C PRO B 35 -14.55 17.93 52.91
N MET B 36 -15.03 17.35 51.83
CA MET B 36 -16.44 17.57 51.44
C MET B 36 -17.36 16.94 52.52
N TYR B 37 -18.57 17.45 52.59
CA TYR B 37 -19.57 16.88 53.46
C TYR B 37 -19.78 15.41 52.97
N PRO B 38 -19.65 14.43 53.87
CA PRO B 38 -19.80 13.03 53.51
C PRO B 38 -21.26 12.56 53.38
N GLY B 39 -22.23 13.47 53.46
CA GLY B 39 -23.66 13.12 53.42
C GLY B 39 -24.21 12.87 54.82
N PRO B 40 -25.53 12.82 54.94
CA PRO B 40 -26.21 12.70 56.24
C PRO B 40 -26.13 11.29 56.82
N THR B 41 -26.39 11.17 58.12
CA THR B 41 -26.50 9.88 58.82
C THR B 41 -27.70 9.91 59.76
N LYS B 42 -27.99 8.78 60.41
CA LYS B 42 -29.08 8.69 61.41
C LYS B 42 -28.88 9.77 62.51
N ASP B 43 -27.63 9.95 62.94
CA ASP B 43 -27.30 10.92 64.00
C ASP B 43 -27.34 12.37 63.54
N ASP B 44 -27.16 12.64 62.24
CA ASP B 44 -27.22 14.02 61.71
C ASP B 44 -28.01 14.04 60.40
N PRO B 45 -29.34 13.91 60.49
CA PRO B 45 -30.14 13.85 59.29
C PRO B 45 -30.28 15.19 58.64
N LEU B 46 -30.82 15.15 57.43
CA LEU B 46 -30.87 16.30 56.60
C LEU B 46 -32.26 16.37 56.00
N THR B 47 -32.81 17.57 55.94
CA THR B 47 -34.06 17.78 55.28
C THR B 47 -33.85 18.52 53.99
N VAL B 48 -34.42 17.96 52.92
CA VAL B 48 -34.33 18.52 51.60
C VAL B 48 -35.72 18.94 51.17
N THR B 49 -35.83 20.19 50.73
CA THR B 49 -37.08 20.73 50.28
C THR B 49 -37.08 20.69 48.77
N LEU B 50 -38.22 20.39 48.20
CA LEU B 50 -38.35 20.00 46.81
C LEU B 50 -39.65 20.60 46.27
N GLY B 51 -39.57 21.29 45.13
CA GLY B 51 -40.74 21.70 44.36
C GLY B 51 -40.47 21.63 42.87
N PHE B 52 -41.55 21.55 42.10
CA PHE B 52 -41.44 21.34 40.67
C PHE B 52 -42.12 22.47 39.94
N THR B 53 -41.44 22.93 38.88
CA THR B 53 -42.03 23.85 37.94
C THR B 53 -42.15 23.11 36.65
N LEU B 54 -43.37 22.93 36.16
CA LEU B 54 -43.62 22.15 34.97
C LEU B 54 -43.65 23.09 33.79
N GLN B 55 -42.76 22.87 32.84
CA GLN B 55 -42.60 23.77 31.71
C GLN B 55 -43.31 23.25 30.46
N ASP B 56 -43.24 21.94 30.19
CA ASP B 56 -43.96 21.39 29.03
C ASP B 56 -44.08 19.87 29.13
N ILE B 57 -45.15 19.32 28.60
CA ILE B 57 -45.24 17.92 28.30
C ILE B 57 -44.88 17.88 26.82
N VAL B 58 -43.71 17.36 26.50
CA VAL B 58 -43.15 17.51 25.15
C VAL B 58 -43.42 16.34 24.23
N LYS B 59 -43.79 15.18 24.80
CA LYS B 59 -43.97 13.97 24.01
C LYS B 59 -44.79 12.95 24.79
N VAL B 60 -45.68 12.29 24.06
CA VAL B 60 -46.48 11.21 24.59
C VAL B 60 -46.33 10.06 23.59
N ASP B 61 -46.03 8.84 24.04
CA ASP B 61 -45.86 7.71 23.15
C ASP B 61 -46.69 6.56 23.64
N SER B 62 -47.79 6.28 22.95
CA SER B 62 -48.75 5.30 23.38
C SER B 62 -48.36 3.88 22.97
N SER B 63 -47.36 3.75 22.09
CA SER B 63 -46.88 2.42 21.72
C SER B 63 -45.90 1.86 22.73
N THR B 64 -45.23 2.72 23.49
CA THR B 64 -44.32 2.28 24.56
C THR B 64 -44.75 2.71 25.98
N ASN B 65 -45.84 3.47 26.10
CA ASN B 65 -46.26 4.07 27.36
C ASN B 65 -45.12 4.85 28.03
N GLU B 66 -44.54 5.78 27.28
CA GLU B 66 -43.59 6.77 27.77
C GLU B 66 -44.14 8.20 27.59
N VAL B 67 -43.83 9.08 28.53
CA VAL B 67 -44.19 10.47 28.41
C VAL B 67 -42.93 11.24 28.76
N ASP B 68 -42.67 12.34 28.05
CA ASP B 68 -41.52 13.21 28.30
C ASP B 68 -41.97 14.55 28.85
N LEU B 69 -41.39 14.97 29.98
CA LEU B 69 -41.66 16.26 30.57
C LEU B 69 -40.42 17.06 30.54
N VAL B 70 -40.57 18.37 30.47
CA VAL B 70 -39.51 19.32 30.80
C VAL B 70 -39.97 20.09 32.02
N TYR B 71 -39.13 20.13 33.04
CA TYR B 71 -39.43 20.76 34.29
C TYR B 71 -38.16 21.25 34.96
N TRP B 72 -38.33 22.10 35.98
CA TRP B 72 -37.25 22.58 36.84
C TRP B 72 -37.49 22.02 38.21
N GLU B 73 -36.43 21.57 38.86
CA GLU B 73 -36.54 20.87 40.12
C GLU B 73 -35.86 21.76 41.13
N ARG B 74 -36.62 22.42 42.00
CA ARG B 74 -36.04 23.28 43.00
C ARG B 74 -35.66 22.42 44.18
N GLN B 75 -34.40 22.43 44.58
CA GLN B 75 -33.91 21.67 45.74
C GLN B 75 -33.23 22.60 46.71
N ARG B 76 -33.51 22.43 48.00
CA ARG B 76 -32.92 23.25 48.98
C ARG B 76 -32.58 22.45 50.21
N TRP B 77 -31.41 22.71 50.79
CA TRP B 77 -31.03 22.05 52.06
C TRP B 77 -30.04 22.98 52.73
N LYS B 78 -29.60 22.62 53.92
CA LYS B 78 -28.74 23.47 54.71
C LYS B 78 -27.68 22.68 55.40
N LEU B 79 -26.44 23.18 55.38
CA LEU B 79 -25.32 22.52 56.05
C LEU B 79 -24.58 23.49 56.97
N ASN B 80 -24.28 23.06 58.18
CA ASN B 80 -23.47 23.84 59.10
C ASN B 80 -22.09 24.09 58.55
N SER B 81 -21.56 23.11 57.79
CA SER B 81 -20.22 23.22 57.25
C SER B 81 -20.10 24.26 56.15
N LEU B 82 -21.22 24.76 55.62
CA LEU B 82 -21.21 25.81 54.62
C LEU B 82 -21.53 27.20 55.16
N MET B 83 -21.51 27.39 56.50
CA MET B 83 -21.76 28.68 57.12
C MET B 83 -20.52 29.52 57.17
N TRP B 84 -20.71 30.83 57.17
CA TRP B 84 -19.63 31.78 57.38
C TRP B 84 -20.20 33.09 57.89
N ASP B 85 -19.34 33.89 58.52
CA ASP B 85 -19.72 35.22 58.98
C ASP B 85 -19.42 36.22 57.85
N PRO B 86 -20.45 36.85 57.28
CA PRO B 86 -20.20 37.83 56.22
C PRO B 86 -19.18 38.94 56.54
N ASN B 87 -19.08 39.33 57.80
CA ASN B 87 -18.13 40.35 58.23
C ASN B 87 -16.69 39.91 58.07
N GLU B 88 -16.43 38.61 58.11
CA GLU B 88 -15.08 38.09 57.87
C GLU B 88 -14.72 38.06 56.38
N TYR B 89 -15.70 38.19 55.49
CA TYR B 89 -15.50 38.06 54.05
C TYR B 89 -16.08 39.23 53.23
N GLY B 90 -15.74 40.44 53.62
CA GLY B 90 -16.21 41.64 52.92
C GLY B 90 -17.70 41.71 52.62
N ASN B 91 -18.49 41.23 53.58
CA ASN B 91 -19.96 41.31 53.56
C ASN B 91 -20.63 40.45 52.51
N ILE B 92 -19.91 39.46 52.00
CA ILE B 92 -20.48 38.48 51.12
C ILE B 92 -21.49 37.69 51.91
N THR B 93 -22.72 37.64 51.40
CA THR B 93 -23.80 36.92 52.01
C THR B 93 -24.19 35.68 51.22
N ASP B 94 -23.83 35.63 49.94
CA ASP B 94 -24.05 34.46 49.12
C ASP B 94 -23.12 34.43 47.91
N PHE B 95 -23.00 33.26 47.30
CA PHE B 95 -22.24 33.12 46.07
C PHE B 95 -22.75 31.90 45.29
N ARG B 96 -22.35 31.87 44.03
CA ARG B 96 -22.66 30.83 43.10
C ARG B 96 -21.46 29.94 42.95
N THR B 97 -21.69 28.66 42.75
CA THR B 97 -20.60 27.72 42.59
C THR B 97 -21.11 26.49 41.85
N SER B 98 -20.21 25.87 41.11
CA SER B 98 -20.50 24.67 40.36
C SER B 98 -21.03 23.63 41.34
N ALA B 99 -22.09 22.94 40.95
CA ALA B 99 -22.64 21.85 41.79
C ALA B 99 -21.63 20.76 42.06
N ALA B 100 -20.62 20.62 41.20
CA ALA B 100 -19.58 19.62 41.42
C ALA B 100 -18.67 19.96 42.63
N ASP B 101 -18.60 21.23 43.04
CA ASP B 101 -17.83 21.62 44.22
C ASP B 101 -18.47 21.26 45.57
N ILE B 102 -19.73 20.86 45.55
CA ILE B 102 -20.45 20.59 46.81
C ILE B 102 -21.17 19.26 46.75
N TRP B 103 -21.52 18.76 47.93
CA TRP B 103 -22.42 17.62 48.02
C TRP B 103 -23.79 18.05 47.56
N THR B 104 -24.44 17.18 46.80
CA THR B 104 -25.82 17.32 46.39
C THR B 104 -26.57 16.01 46.72
N PRO B 105 -27.88 16.11 46.96
CA PRO B 105 -28.59 14.89 47.35
C PRO B 105 -28.92 14.03 46.13
N ASP B 106 -29.09 12.71 46.35
CA ASP B 106 -29.28 11.73 45.27
C ASP B 106 -30.75 11.47 44.89
N ILE B 107 -31.47 12.56 44.71
CA ILE B 107 -32.89 12.52 44.42
C ILE B 107 -32.97 12.02 42.99
N THR B 108 -33.85 11.06 42.74
CA THR B 108 -33.99 10.51 41.39
C THR B 108 -35.49 10.25 41.15
N ALA B 109 -35.88 10.34 39.89
CA ALA B 109 -37.14 9.78 39.46
C ALA B 109 -37.10 8.24 39.58
N TYR B 110 -38.17 7.66 40.09
CA TYR B 110 -38.25 6.24 40.38
C TYR B 110 -38.78 5.45 39.17
N SER B 111 -39.42 6.11 38.20
CA SER B 111 -39.97 5.39 37.07
C SER B 111 -39.47 5.95 35.72
N SER B 112 -38.25 6.47 35.70
CA SER B 112 -37.64 6.90 34.43
C SER B 112 -37.36 5.70 33.50
N THR B 113 -37.44 5.96 32.20
CA THR B 113 -37.10 4.96 31.19
C THR B 113 -35.82 5.29 30.42
N ARG B 114 -35.29 6.51 30.60
CA ARG B 114 -34.02 6.96 29.99
C ARG B 114 -33.26 7.80 30.97
N PRO B 115 -31.93 7.91 30.81
CA PRO B 115 -31.21 8.84 31.67
C PRO B 115 -31.78 10.25 31.51
N VAL B 116 -31.87 10.98 32.60
CA VAL B 116 -32.45 12.30 32.59
C VAL B 116 -31.47 13.25 31.89
N GLN B 117 -31.98 14.16 31.07
CA GLN B 117 -31.16 15.15 30.34
C GLN B 117 -31.22 16.50 30.98
N VAL B 118 -30.07 17.02 31.33
CA VAL B 118 -29.93 18.29 32.01
C VAL B 118 -29.95 19.40 30.98
N LEU B 119 -30.77 20.42 31.20
CA LEU B 119 -30.97 21.51 30.23
C LEU B 119 -30.38 22.82 30.68
N SER B 120 -29.80 22.89 31.88
CA SER B 120 -29.35 24.13 32.45
C SER B 120 -27.96 23.94 33.01
N PRO B 121 -27.17 25.01 33.18
CA PRO B 121 -25.95 24.92 33.95
C PRO B 121 -26.14 24.36 35.34
N GLN B 122 -25.16 23.60 35.79
CA GLN B 122 -25.19 22.88 37.06
C GLN B 122 -24.48 23.74 38.10
N ILE B 123 -25.18 24.78 38.55
CA ILE B 123 -24.61 25.77 39.42
C ILE B 123 -25.59 25.95 40.55
N ALA B 124 -25.05 26.06 41.76
CA ALA B 124 -25.85 26.21 42.99
C ALA B 124 -25.59 27.57 43.62
N VAL B 125 -26.54 28.01 44.44
CA VAL B 125 -26.38 29.24 45.20
C VAL B 125 -26.24 28.83 46.67
N VAL B 126 -25.17 29.32 47.32
CA VAL B 126 -24.86 29.04 48.69
C VAL B 126 -24.96 30.34 49.47
N THR B 127 -25.65 30.30 50.62
CA THR B 127 -25.88 31.49 51.44
C THR B 127 -25.17 31.30 52.76
N HIS B 128 -24.81 32.41 53.40
CA HIS B 128 -23.96 32.40 54.58
C HIS B 128 -24.50 31.64 55.80
N ASP B 129 -25.80 31.38 55.85
CA ASP B 129 -26.40 30.53 56.88
C ASP B 129 -26.26 29.03 56.56
N GLY B 130 -25.53 28.70 55.47
CA GLY B 130 -25.31 27.32 55.10
C GLY B 130 -26.34 26.72 54.17
N SER B 131 -27.33 27.51 53.74
CA SER B 131 -28.37 26.97 52.87
C SER B 131 -27.89 26.96 51.41
N VAL B 132 -28.33 25.95 50.68
CA VAL B 132 -27.98 25.76 49.32
C VAL B 132 -29.28 25.69 48.54
N MET B 133 -29.32 26.32 47.39
CA MET B 133 -30.42 26.22 46.42
C MET B 133 -29.81 25.70 45.10
N PHE B 134 -30.41 24.66 44.54
CA PHE B 134 -29.97 24.09 43.28
C PHE B 134 -31.23 23.83 42.45
N ILE B 135 -31.27 24.35 41.22
CA ILE B 135 -32.47 24.31 40.37
C ILE B 135 -32.15 23.79 38.96
N PRO B 136 -31.85 22.50 38.84
CA PRO B 136 -31.65 21.93 37.51
C PRO B 136 -32.93 21.82 36.67
N ALA B 137 -32.85 22.30 35.45
CA ALA B 137 -33.89 22.09 34.44
C ALA B 137 -33.56 20.79 33.72
N GLN B 138 -34.59 20.01 33.45
CA GLN B 138 -34.42 18.64 33.00
C GLN B 138 -35.51 18.20 32.06
N ARG B 139 -35.16 17.29 31.16
CA ARG B 139 -36.11 16.50 30.39
C ARG B 139 -36.07 15.04 30.87
N LEU B 140 -37.23 14.50 31.23
CA LEU B 140 -37.38 13.17 31.78
C LEU B 140 -38.32 12.38 30.90
N SER B 141 -37.93 11.18 30.48
CA SER B 141 -38.88 10.16 29.99
C SER B 141 -39.32 9.25 31.12
N PHE B 142 -40.61 9.03 31.30
CA PHE B 142 -41.10 8.13 32.36
C PHE B 142 -42.31 7.28 31.96
N MET B 143 -42.56 6.29 32.80
CA MET B 143 -43.62 5.32 32.54
C MET B 143 -44.95 5.95 32.79
N CYS B 144 -45.79 5.96 31.76
CA CYS B 144 -47.12 6.51 31.80
C CYS B 144 -47.88 5.98 30.60
N ASP B 145 -49.03 5.35 30.87
CA ASP B 145 -50.01 4.99 29.84
C ASP B 145 -50.91 6.20 29.53
N PRO B 146 -50.76 6.79 28.34
CA PRO B 146 -51.50 8.00 28.03
C PRO B 146 -52.85 7.76 27.37
N THR B 147 -53.39 6.55 27.42
CA THR B 147 -54.73 6.24 26.89
C THR B 147 -55.72 7.19 27.52
N GLY B 148 -56.51 7.86 26.68
CA GLY B 148 -57.49 8.83 27.14
C GLY B 148 -57.03 10.27 27.10
N VAL B 149 -55.76 10.49 26.74
CA VAL B 149 -55.20 11.84 26.65
C VAL B 149 -55.96 12.72 25.67
N ASP B 150 -56.53 12.12 24.64
CA ASP B 150 -57.28 12.83 23.60
C ASP B 150 -58.77 12.93 23.88
N SER B 151 -59.20 12.75 25.13
CA SER B 151 -60.58 12.95 25.53
C SER B 151 -60.70 14.18 26.43
N GLU B 152 -61.93 14.53 26.81
CA GLU B 152 -62.14 15.66 27.70
C GLU B 152 -61.66 15.44 29.11
N GLU B 153 -61.80 14.22 29.61
CA GLU B 153 -61.36 13.84 30.97
C GLU B 153 -59.86 13.85 31.07
N GLY B 154 -59.19 13.55 29.96
CA GLY B 154 -57.75 13.46 29.93
C GLY B 154 -57.26 12.20 30.59
N VAL B 155 -56.03 12.24 31.05
CA VAL B 155 -55.36 11.10 31.61
C VAL B 155 -54.50 11.59 32.74
N THR B 156 -54.24 10.72 33.70
CA THR B 156 -53.44 11.07 34.86
C THR B 156 -52.22 10.20 34.83
N CYS B 157 -51.04 10.80 34.95
CA CYS B 157 -49.88 10.04 35.39
C CYS B 157 -49.13 10.64 36.54
N ALA B 158 -48.18 9.87 37.03
CA ALA B 158 -47.50 10.10 38.26
C ALA B 158 -46.08 9.59 38.13
N VAL B 159 -45.18 10.27 38.80
CA VAL B 159 -43.83 9.80 38.92
C VAL B 159 -43.38 10.36 40.24
N LYS B 160 -42.67 9.57 41.01
CA LYS B 160 -42.17 10.02 42.27
C LYS B 160 -40.68 10.20 42.27
N PHE B 161 -40.25 11.10 43.14
CA PHE B 161 -38.87 11.51 43.26
C PHE B 161 -38.43 11.35 44.69
N GLY B 162 -37.29 10.69 44.90
CA GLY B 162 -36.70 10.56 46.20
C GLY B 162 -35.28 10.10 46.17
N SER B 163 -34.66 10.05 47.33
CA SER B 163 -33.35 9.52 47.46
C SER B 163 -33.35 8.05 47.00
N TRP B 164 -32.29 7.68 46.27
CA TRP B 164 -32.13 6.32 45.83
C TRP B 164 -31.63 5.44 46.92
N VAL B 165 -30.76 5.95 47.78
CA VAL B 165 -30.16 5.09 48.81
C VAL B 165 -30.24 5.55 50.26
N TYR B 166 -30.75 6.74 50.54
CA TYR B 166 -30.91 7.21 51.92
C TYR B 166 -32.38 6.99 52.32
N SER B 167 -32.57 6.36 53.48
CA SER B 167 -33.88 6.28 54.10
C SER B 167 -34.35 7.59 54.71
N GLY B 168 -35.60 7.59 55.14
CA GLY B 168 -36.17 8.69 55.91
C GLY B 168 -35.42 9.07 57.18
N PHE B 169 -34.70 8.14 57.76
CA PHE B 169 -33.86 8.41 58.90
C PHE B 169 -32.61 9.26 58.60
N GLU B 170 -32.21 9.35 57.32
CA GLU B 170 -31.06 10.14 56.92
C GLU B 170 -31.43 11.38 56.09
N ILE B 171 -32.36 11.21 55.16
CA ILE B 171 -32.87 12.27 54.33
C ILE B 171 -34.38 12.28 54.39
N ASP B 172 -34.92 13.38 54.93
CA ASP B 172 -36.33 13.65 54.90
C ASP B 172 -36.59 14.65 53.80
N LEU B 173 -37.73 14.55 53.13
CA LEU B 173 -38.17 15.46 52.10
C LEU B 173 -39.37 16.21 52.58
N LYS B 174 -39.45 17.48 52.19
CA LYS B 174 -40.65 18.23 52.30
C LYS B 174 -40.88 19.03 51.05
N THR B 175 -42.08 19.58 50.93
CA THR B 175 -42.44 20.49 49.88
C THR B 175 -42.90 21.76 50.54
N ASP B 176 -42.72 22.90 49.91
CA ASP B 176 -43.29 24.17 50.43
C ASP B 176 -44.76 24.29 50.11
N THR B 177 -45.21 23.56 49.10
CA THR B 177 -46.58 23.66 48.64
C THR B 177 -46.96 22.35 47.99
N ASP B 178 -48.24 22.06 47.96
CA ASP B 178 -48.81 20.94 47.26
C ASP B 178 -49.04 21.16 45.78
N GLN B 179 -49.00 22.42 45.32
CA GLN B 179 -49.33 22.71 43.93
C GLN B 179 -48.01 22.79 43.17
N VAL B 180 -47.92 22.06 42.06
CA VAL B 180 -46.82 22.23 41.11
C VAL B 180 -46.92 23.63 40.49
N ASP B 181 -45.80 24.33 40.41
CA ASP B 181 -45.77 25.64 39.77
C ASP B 181 -46.00 25.48 38.24
N LEU B 182 -47.14 26.00 37.79
CA LEU B 182 -47.60 26.03 36.43
C LEU B 182 -47.47 27.43 35.79
N SER B 183 -46.81 28.38 36.45
CA SER B 183 -46.77 29.75 35.92
C SER B 183 -45.79 29.93 34.75
N SER B 184 -44.90 28.96 34.50
CA SER B 184 -44.05 28.98 33.31
C SER B 184 -44.43 27.90 32.31
N TYR B 185 -45.66 27.36 32.42
CA TYR B 185 -46.05 26.28 31.51
C TYR B 185 -46.25 26.87 30.11
N TYR B 186 -45.71 26.21 29.10
CA TYR B 186 -45.74 26.70 27.73
C TYR B 186 -47.15 26.95 27.23
N ALA B 187 -47.47 28.18 26.90
CA ALA B 187 -48.81 28.58 26.51
C ALA B 187 -49.31 27.86 25.26
N SER B 188 -48.43 27.39 24.37
CA SER B 188 -48.86 26.70 23.16
C SER B 188 -48.47 25.24 23.13
N SER B 189 -48.45 24.60 24.28
CA SER B 189 -48.17 23.17 24.39
C SER B 189 -49.20 22.38 23.59
N LYS B 190 -48.87 21.17 23.14
CA LYS B 190 -49.89 20.24 22.63
C LYS B 190 -50.89 19.86 23.75
N TYR B 191 -50.44 19.95 25.01
CA TYR B 191 -51.18 19.45 26.15
C TYR B 191 -51.59 20.55 27.12
N GLU B 192 -52.80 20.47 27.59
CA GLU B 192 -53.38 21.34 28.59
C GLU B 192 -53.27 20.61 29.94
N ILE B 193 -52.79 21.30 30.96
CA ILE B 193 -52.68 20.74 32.32
C ILE B 193 -53.98 20.96 33.08
N LEU B 194 -54.67 19.88 33.45
CA LEU B 194 -55.90 20.00 34.23
C LEU B 194 -55.61 20.06 35.71
N SER B 195 -54.58 19.38 36.16
CA SER B 195 -54.21 19.39 37.56
C SER B 195 -52.78 18.91 37.70
N ALA B 196 -52.08 19.40 38.72
CA ALA B 196 -50.70 19.02 38.94
C ALA B 196 -50.34 19.22 40.40
N THR B 197 -50.07 18.12 41.12
CA THR B 197 -49.75 18.17 42.53
C THR B 197 -48.42 17.52 42.85
N GLN B 198 -47.84 17.94 43.98
CA GLN B 198 -46.60 17.37 44.52
C GLN B 198 -46.83 17.05 46.00
N THR B 199 -46.72 15.78 46.35
CA THR B 199 -47.16 15.30 47.66
C THR B 199 -46.11 14.40 48.27
N ARG B 200 -45.61 14.79 49.44
CA ARG B 200 -44.74 13.96 50.22
C ARG B 200 -45.45 12.64 50.62
N GLN B 201 -44.73 11.52 50.51
CA GLN B 201 -45.22 10.19 50.82
C GLN B 201 -44.14 9.44 51.56
N VAL B 202 -44.58 8.59 52.47
CA VAL B 202 -43.70 7.71 53.22
C VAL B 202 -43.98 6.30 52.69
N GLN B 203 -42.94 5.60 52.23
CA GLN B 203 -43.09 4.28 51.65
C GLN B 203 -42.30 3.32 52.61
N HIS B 204 -42.94 2.17 52.87
CA HIS B 204 -42.19 1.04 53.40
C HIS B 204 -42.14 -0.02 52.30
N TYR B 205 -40.94 -0.58 52.10
CA TYR B 205 -40.77 -1.68 51.13
C TYR B 205 -40.49 -2.95 51.95
N SER B 206 -40.87 -4.11 51.41
CA SER B 206 -40.63 -5.39 52.09
C SER B 206 -39.17 -5.72 52.44
N CYS B 207 -38.25 -5.30 51.57
CA CYS B 207 -36.79 -5.44 51.79
C CYS B 207 -36.21 -4.86 53.08
N CYS B 208 -36.79 -3.78 53.57
CA CYS B 208 -36.08 -2.82 54.42
C CYS B 208 -37.02 -2.44 55.55
N PRO B 209 -36.54 -2.32 56.79
CA PRO B 209 -37.43 -1.83 57.86
C PRO B 209 -37.58 -0.30 57.91
N GLU B 210 -36.67 0.42 57.28
CA GLU B 210 -36.68 1.87 57.32
C GLU B 210 -37.66 2.42 56.30
N PRO B 211 -38.39 3.48 56.67
CA PRO B 211 -39.21 4.18 55.69
C PRO B 211 -38.36 4.95 54.67
N TYR B 212 -38.83 5.05 53.44
CA TYR B 212 -38.25 5.88 52.43
C TYR B 212 -39.23 6.97 52.05
N ILE B 213 -38.70 8.17 51.78
CA ILE B 213 -39.54 9.32 51.56
C ILE B 213 -39.40 9.75 50.10
N ASP B 214 -40.54 9.98 49.48
CA ASP B 214 -40.60 10.53 48.15
C ASP B 214 -41.64 11.66 48.05
N VAL B 215 -41.51 12.42 46.96
CA VAL B 215 -42.51 13.39 46.57
C VAL B 215 -43.10 12.87 45.28
N ASN B 216 -44.41 12.70 45.30
CA ASN B 216 -45.15 12.16 44.18
C ASN B 216 -45.70 13.32 43.34
N LEU B 217 -45.29 13.36 42.07
CA LEU B 217 -45.71 14.37 41.15
C LEU B 217 -46.82 13.74 40.33
N VAL B 218 -48.04 14.22 40.48
CA VAL B 218 -49.21 13.67 39.81
C VAL B 218 -49.76 14.74 38.92
N VAL B 219 -49.84 14.44 37.62
CA VAL B 219 -50.25 15.40 36.62
C VAL B 219 -51.39 14.80 35.82
N LYS B 220 -52.48 15.53 35.72
CA LYS B 220 -53.59 15.17 34.88
C LYS B 220 -53.59 16.12 33.72
N PHE B 221 -53.72 15.60 32.51
CA PHE B 221 -53.57 16.42 31.31
C PHE B 221 -54.32 15.83 30.13
N ARG B 222 -54.51 16.65 29.11
CA ARG B 222 -55.17 16.23 27.88
C ARG B 222 -54.69 17.04 26.69
N GLU B 223 -55.06 16.63 25.48
CA GLU B 223 -54.69 17.38 24.27
C GLU B 223 -55.45 18.71 24.20
N ARG B 224 -54.95 19.63 23.37
CA ARG B 224 -55.59 20.91 23.02
C ARG B 224 -55.30 21.89 24.10
N GLN C 20 -20.89 14.22 61.28
CA GLN C 20 -20.10 14.35 60.05
C GLN C 20 -18.62 14.04 60.33
N ALA C 21 -18.06 14.52 61.45
CA ALA C 21 -16.63 14.31 61.79
C ALA C 21 -16.21 12.85 61.86
N ASN C 22 -17.02 12.03 62.52
CA ASN C 22 -16.70 10.60 62.63
C ASN C 22 -16.78 9.93 61.29
N LEU C 23 -17.80 10.25 60.50
CA LEU C 23 -17.96 9.67 59.20
C LEU C 23 -16.81 10.10 58.27
N MET C 24 -16.43 11.38 58.31
CA MET C 24 -15.29 11.85 57.50
C MET C 24 -14.02 11.08 57.86
N ARG C 25 -13.82 10.82 59.16
CA ARG C 25 -12.65 10.09 59.64
C ARG C 25 -12.67 8.62 59.16
N LEU C 26 -13.83 7.99 59.24
CA LEU C 26 -14.00 6.61 58.77
C LEU C 26 -13.69 6.47 57.30
N LYS C 27 -14.27 7.37 56.49
CA LYS C 27 -14.08 7.32 55.05
C LYS C 27 -12.61 7.53 54.70
N SER C 28 -11.99 8.48 55.39
CA SER C 28 -10.58 8.74 55.23
C SER C 28 -9.72 7.52 55.56
N ASP C 29 -9.99 6.88 56.68
CA ASP C 29 -9.27 5.66 57.08
C ASP C 29 -9.43 4.54 56.09
N LEU C 30 -10.66 4.32 55.60
CA LEU C 30 -10.92 3.28 54.60
C LEU C 30 -10.32 3.57 53.21
N PHE C 31 -10.48 4.79 52.70
CA PHE C 31 -10.18 5.06 51.28
C PHE C 31 -8.86 5.77 51.02
N ASN C 32 -8.42 6.66 51.91
CA ASN C 32 -7.14 7.40 51.72
C ASN C 32 -5.94 6.75 52.37
N ARG C 33 -6.12 5.77 53.26
CA ARG C 33 -5.00 5.19 53.98
C ARG C 33 -4.59 3.80 53.53
N SER C 34 -5.25 3.23 52.53
CA SER C 34 -4.74 2.01 51.86
C SER C 34 -5.12 2.02 50.40
N PRO C 35 -4.42 1.22 49.57
CA PRO C 35 -4.81 1.20 48.14
C PRO C 35 -6.18 0.61 47.98
N MET C 36 -6.82 0.86 46.84
CA MET C 36 -8.11 0.22 46.56
C MET C 36 -7.94 -1.31 46.47
N TYR C 37 -9.01 -2.03 46.76
CA TYR C 37 -9.03 -3.45 46.61
C TYR C 37 -8.73 -3.75 45.12
N PRO C 38 -7.71 -4.57 44.83
CA PRO C 38 -7.34 -4.87 43.44
C PRO C 38 -8.23 -5.94 42.78
N GLY C 39 -9.31 -6.35 43.45
CA GLY C 39 -10.18 -7.42 42.94
C GLY C 39 -9.78 -8.78 43.44
N PRO C 40 -10.66 -9.77 43.26
CA PRO C 40 -10.43 -11.12 43.76
C PRO C 40 -9.39 -11.90 42.96
N THR C 41 -8.86 -12.96 43.57
CA THR C 41 -7.94 -13.91 42.91
C THR C 41 -8.35 -15.33 43.30
N LYS C 42 -7.70 -16.35 42.72
CA LYS C 42 -7.90 -17.75 43.09
C LYS C 42 -7.70 -17.95 44.60
N ASP C 43 -6.70 -17.32 45.18
CA ASP C 43 -6.37 -17.42 46.60
C ASP C 43 -7.33 -16.65 47.52
N ASP C 44 -8.00 -15.61 47.01
CA ASP C 44 -8.97 -14.84 47.79
C ASP C 44 -10.22 -14.53 46.97
N PRO C 45 -11.06 -15.56 46.74
CA PRO C 45 -12.22 -15.35 45.89
C PRO C 45 -13.31 -14.61 46.60
N LEU C 46 -14.30 -14.22 45.82
CA LEU C 46 -15.35 -13.39 46.27
C LEU C 46 -16.66 -13.95 45.79
N THR C 47 -17.67 -13.90 46.62
CA THR C 47 -19.01 -14.25 46.23
C THR C 47 -19.86 -13.00 46.14
N VAL C 48 -20.53 -12.89 45.00
CA VAL C 48 -21.43 -11.79 44.71
C VAL C 48 -22.82 -12.32 44.60
N THR C 49 -23.73 -11.71 45.34
CA THR C 49 -25.13 -12.08 45.34
C THR C 49 -25.86 -11.12 44.43
N LEU C 50 -26.81 -11.63 43.66
CA LEU C 50 -27.39 -10.96 42.55
C LEU C 50 -28.88 -11.29 42.50
N GLY C 51 -29.70 -10.26 42.38
CA GLY C 51 -31.14 -10.41 42.16
C GLY C 51 -31.67 -9.27 41.31
N PHE C 52 -32.77 -9.51 40.64
CA PHE C 52 -33.31 -8.58 39.68
C PHE C 52 -34.70 -8.15 40.07
N THR C 53 -34.94 -6.85 39.94
CA THR C 53 -36.25 -6.28 40.06
C THR C 53 -36.63 -5.78 38.69
N LEU C 54 -37.67 -6.36 38.09
CA LEU C 54 -38.08 -6.01 36.75
C LEU C 54 -39.13 -4.93 36.85
N GLN C 55 -38.87 -3.79 36.25
CA GLN C 55 -39.75 -2.63 36.38
C GLN C 55 -40.64 -2.46 35.15
N ASP C 56 -40.11 -2.68 33.94
CA ASP C 56 -40.95 -2.60 32.74
C ASP C 56 -40.27 -3.24 31.54
N ILE C 57 -41.06 -3.81 30.65
CA ILE C 57 -40.60 -4.15 29.33
C ILE C 57 -41.06 -2.95 28.50
N VAL C 58 -40.12 -2.13 28.06
CA VAL C 58 -40.44 -0.81 27.50
C VAL C 58 -40.52 -0.78 26.00
N LYS C 59 -39.95 -1.79 25.33
CA LYS C 59 -39.92 -1.81 23.88
C LYS C 59 -39.65 -3.21 23.36
N VAL C 60 -40.36 -3.59 22.30
CA VAL C 60 -40.15 -4.84 21.63
C VAL C 60 -40.01 -4.56 20.15
N ASP C 61 -38.97 -5.07 19.49
CA ASP C 61 -38.76 -4.74 18.05
C ASP C 61 -38.56 -6.05 17.30
N SER C 62 -39.57 -6.41 16.52
CA SER C 62 -39.57 -7.69 15.82
C SER C 62 -38.80 -7.64 14.51
N SER C 63 -38.45 -6.44 14.05
CA SER C 63 -37.66 -6.32 12.83
C SER C 63 -36.17 -6.51 13.11
N THR C 64 -35.73 -6.27 14.33
CA THR C 64 -34.33 -6.49 14.73
C THR C 64 -34.13 -7.55 15.81
N ASN C 65 -35.22 -8.11 16.34
CA ASN C 65 -35.18 -9.00 17.49
C ASN C 65 -34.41 -8.41 18.67
N GLU C 66 -34.80 -7.20 19.07
CA GLU C 66 -34.33 -6.54 20.29
C GLU C 66 -35.50 -6.28 21.24
N VAL C 67 -35.25 -6.39 22.53
CA VAL C 67 -36.24 -6.05 23.53
C VAL C 67 -35.52 -5.18 24.54
N ASP C 68 -36.21 -4.15 25.05
CA ASP C 68 -35.65 -3.25 26.06
C ASP C 68 -36.35 -3.46 27.40
N LEU C 69 -35.57 -3.66 28.46
CA LEU C 69 -36.08 -3.78 29.80
C LEU C 69 -35.56 -2.62 30.57
N VAL C 70 -36.34 -2.23 31.58
CA VAL C 70 -35.85 -1.43 32.69
C VAL C 70 -35.94 -2.30 33.93
N TYR C 71 -34.84 -2.39 34.66
CA TYR C 71 -34.72 -3.24 35.82
C TYR C 71 -33.69 -2.66 36.77
N TRP C 72 -33.71 -3.14 38.01
CA TRP C 72 -32.75 -2.83 39.05
C TRP C 72 -31.98 -4.08 39.34
N GLU C 73 -30.68 -3.94 39.51
CA GLU C 73 -29.81 -5.06 39.71
C GLU C 73 -29.27 -4.96 41.10
N ARG C 74 -29.74 -5.81 42.01
CA ARG C 74 -29.25 -5.77 43.38
C ARG C 74 -27.97 -6.58 43.41
N GLN C 75 -26.87 -5.98 43.85
CA GLN C 75 -25.59 -6.66 44.00
C GLN C 75 -25.07 -6.52 45.38
N ARG C 76 -24.56 -7.63 45.95
CA ARG C 76 -24.02 -7.59 47.26
C ARG C 76 -22.78 -8.42 47.35
N TRP C 77 -21.78 -7.92 48.06
CA TRP C 77 -20.56 -8.70 48.30
C TRP C 77 -19.95 -8.18 49.57
N LYS C 78 -18.87 -8.78 50.01
CA LYS C 78 -18.25 -8.45 51.26
C LYS C 78 -16.75 -8.43 51.15
N LEU C 79 -16.12 -7.42 51.73
CA LEU C 79 -14.65 -7.31 51.76
C LEU C 79 -14.14 -7.12 53.18
N ASN C 80 -13.11 -7.87 53.55
CA ASN C 80 -12.47 -7.67 54.84
C ASN C 80 -11.88 -6.29 54.97
N SER C 81 -11.39 -5.75 53.86
CA SER C 81 -10.75 -4.46 53.85
C SER C 81 -11.73 -3.31 54.06
N LEU C 82 -13.04 -3.55 54.00
CA LEU C 82 -14.04 -2.56 54.32
C LEU C 82 -14.68 -2.68 55.70
N MET C 83 -14.09 -3.49 56.60
CA MET C 83 -14.61 -3.69 57.97
C MET C 83 -14.11 -2.60 58.88
N TRP C 84 -14.91 -2.32 59.92
CA TRP C 84 -14.50 -1.43 60.99
C TRP C 84 -15.30 -1.73 62.25
N ASP C 85 -14.77 -1.33 63.39
CA ASP C 85 -15.48 -1.45 64.64
C ASP C 85 -16.29 -0.17 64.88
N PRO C 86 -17.64 -0.28 64.90
CA PRO C 86 -18.46 0.92 65.13
C PRO C 86 -18.10 1.74 66.39
N ASN C 87 -17.60 1.10 67.43
CA ASN C 87 -17.20 1.80 68.64
C ASN C 87 -16.03 2.74 68.43
N GLU C 88 -15.19 2.49 67.44
CA GLU C 88 -14.10 3.38 67.11
C GLU C 88 -14.56 4.60 66.31
N TYR C 89 -15.77 4.57 65.75
CA TYR C 89 -16.27 5.63 64.87
C TYR C 89 -17.65 6.15 65.26
N GLY C 90 -17.82 6.52 66.52
CA GLY C 90 -19.08 7.06 67.01
C GLY C 90 -20.33 6.24 66.70
N ASN C 91 -20.18 4.92 66.69
CA ASN C 91 -21.29 3.96 66.48
C ASN C 91 -21.89 3.95 65.09
N ILE C 92 -21.14 4.47 64.13
CA ILE C 92 -21.51 4.36 62.73
C ILE C 92 -21.42 2.89 62.36
N THR C 93 -22.53 2.37 61.84
CA THR C 93 -22.63 0.98 61.42
C THR C 93 -22.71 0.84 59.92
N ASP C 94 -23.06 1.92 59.21
CA ASP C 94 -23.05 1.91 57.76
C ASP C 94 -22.99 3.34 57.20
N PHE C 95 -22.64 3.46 55.94
CA PHE C 95 -22.61 4.74 55.26
C PHE C 95 -22.77 4.54 53.75
N ARG C 96 -23.09 5.64 53.09
CA ARG C 96 -23.27 5.69 51.67
C ARG C 96 -22.06 6.32 51.04
N THR C 97 -21.69 5.88 49.86
CA THR C 97 -20.54 6.43 49.18
C THR C 97 -20.66 6.16 47.69
N SER C 98 -20.07 7.06 46.90
CA SER C 98 -20.07 6.96 45.48
C SER C 98 -19.45 5.64 45.09
N ALA C 99 -20.05 4.95 44.13
CA ALA C 99 -19.50 3.68 43.64
C ALA C 99 -18.11 3.83 43.07
N ALA C 100 -17.74 5.04 42.65
CA ALA C 100 -16.37 5.29 42.15
C ALA C 100 -15.30 5.19 43.26
N ASP C 101 -15.68 5.38 44.53
CA ASP C 101 -14.75 5.24 45.64
C ASP C 101 -14.36 3.79 45.98
N ILE C 102 -15.07 2.82 45.45
CA ILE C 102 -14.85 1.43 45.81
C ILE C 102 -14.76 0.55 44.59
N TRP C 103 -14.15 -0.61 44.78
CA TRP C 103 -14.22 -1.66 43.78
C TRP C 103 -15.64 -2.15 43.64
N THR C 104 -16.06 -2.36 42.40
CA THR C 104 -17.33 -3.00 42.07
C THR C 104 -17.09 -4.12 41.07
N PRO C 105 -17.95 -5.15 41.09
CA PRO C 105 -17.69 -6.28 40.18
C PRO C 105 -18.11 -5.99 38.75
N ASP C 106 -17.49 -6.66 37.78
CA ASP C 106 -17.68 -6.41 36.34
C ASP C 106 -18.82 -7.27 35.69
N ILE C 107 -19.94 -7.31 36.37
CA ILE C 107 -21.07 -8.09 35.95
C ILE C 107 -21.63 -7.43 34.74
N THR C 108 -21.91 -8.17 33.69
CA THR C 108 -22.45 -7.58 32.45
C THR C 108 -23.47 -8.54 31.86
N ALA C 109 -24.43 -7.98 31.14
CA ALA C 109 -25.28 -8.75 30.27
C ALA C 109 -24.46 -9.33 29.11
N TYR C 110 -24.69 -10.61 28.80
CA TYR C 110 -23.93 -11.33 27.78
C TYR C 110 -24.54 -11.20 26.39
N SER C 111 -25.79 -10.76 26.28
CA SER C 111 -26.41 -10.61 24.96
C SER C 111 -27.00 -9.22 24.77
N SER C 112 -26.37 -8.22 25.33
CA SER C 112 -26.79 -6.82 25.04
C SER C 112 -26.47 -6.43 23.60
N THR C 113 -27.31 -5.55 23.04
CA THR C 113 -27.09 -4.98 21.73
C THR C 113 -26.72 -3.50 21.75
N ARG C 114 -26.82 -2.84 22.92
CA ARG C 114 -26.41 -1.42 23.08
C ARG C 114 -25.75 -1.24 24.44
N PRO C 115 -24.93 -0.22 24.60
CA PRO C 115 -24.43 0.05 25.94
C PRO C 115 -25.58 0.26 26.93
N VAL C 116 -25.43 -0.22 28.13
CA VAL C 116 -26.45 -0.14 29.13
C VAL C 116 -26.58 1.35 29.57
N GLN C 117 -27.81 1.80 29.79
CA GLN C 117 -28.07 3.15 30.28
C GLN C 117 -28.42 3.15 31.75
N VAL C 118 -27.65 3.88 32.54
CA VAL C 118 -27.81 3.89 33.99
C VAL C 118 -28.87 4.93 34.33
N LEU C 119 -29.85 4.56 35.17
CA LEU C 119 -30.99 5.41 35.46
C LEU C 119 -30.98 5.97 36.85
N SER C 120 -30.01 5.59 37.68
CA SER C 120 -30.01 5.93 39.09
C SER C 120 -28.64 6.43 39.46
N PRO C 121 -28.54 7.22 40.55
CA PRO C 121 -27.22 7.58 41.06
C PRO C 121 -26.40 6.35 41.41
N GLN C 122 -25.11 6.46 41.22
CA GLN C 122 -24.15 5.36 41.37
C GLN C 122 -23.56 5.48 42.77
N ILE C 123 -24.33 5.03 43.74
CA ILE C 123 -23.99 5.18 45.15
C ILE C 123 -24.23 3.82 45.76
N ALA C 124 -23.32 3.42 46.65
CA ALA C 124 -23.37 2.13 47.33
C ALA C 124 -23.54 2.32 48.81
N VAL C 125 -24.02 1.28 49.49
CA VAL C 125 -24.10 1.26 50.94
C VAL C 125 -23.07 0.29 51.45
N VAL C 126 -22.20 0.74 52.38
CA VAL C 126 -21.17 -0.07 52.99
C VAL C 126 -21.50 -0.24 54.49
N THR C 127 -21.42 -1.46 54.98
CA THR C 127 -21.76 -1.81 56.35
C THR C 127 -20.50 -2.27 57.07
N HIS C 128 -20.48 -2.09 58.40
CA HIS C 128 -19.28 -2.30 59.19
C HIS C 128 -18.69 -3.72 59.17
N ASP C 129 -19.48 -4.72 58.77
CA ASP C 129 -18.97 -6.08 58.56
C ASP C 129 -18.28 -6.23 57.18
N GLY C 130 -18.13 -5.14 56.43
CA GLY C 130 -17.47 -5.16 55.14
C GLY C 130 -18.38 -5.42 53.96
N SER C 131 -19.68 -5.57 54.19
CA SER C 131 -20.60 -5.85 53.10
C SER C 131 -20.98 -4.57 52.38
N VAL C 132 -21.18 -4.71 51.08
CA VAL C 132 -21.51 -3.64 50.19
C VAL C 132 -22.81 -4.03 49.48
N MET C 133 -23.72 -3.07 49.34
CA MET C 133 -24.95 -3.21 48.56
C MET C 133 -24.92 -2.11 47.49
N PHE C 134 -25.14 -2.48 46.23
CA PHE C 134 -25.14 -1.58 45.11
C PHE C 134 -26.31 -1.97 44.23
N ILE C 135 -27.19 -1.02 43.92
CA ILE C 135 -28.45 -1.28 43.21
C ILE C 135 -28.66 -0.32 42.05
N PRO C 136 -27.87 -0.50 40.98
CA PRO C 136 -28.10 0.32 39.79
C PRO C 136 -29.38 -0.04 39.04
N ALA C 137 -30.18 0.98 38.74
CA ALA C 137 -31.30 0.85 37.83
C ALA C 137 -30.79 1.13 36.43
N GLN C 138 -31.30 0.36 35.48
CA GLN C 138 -30.72 0.32 34.14
C GLN C 138 -31.78 0.06 33.09
N ARG C 139 -31.53 0.59 31.90
CA ARG C 139 -32.23 0.20 30.67
C ARG C 139 -31.27 -0.60 29.77
N LEU C 140 -31.67 -1.80 29.37
CA LEU C 140 -30.86 -2.72 28.61
C LEU C 140 -31.64 -3.09 27.36
N SER C 141 -31.01 -2.98 26.18
CA SER C 141 -31.47 -3.62 24.95
C SER C 141 -30.78 -4.98 24.80
N PHE C 142 -31.53 -6.04 24.53
CA PHE C 142 -30.92 -7.37 24.37
C PHE C 142 -31.60 -8.24 23.30
N MET C 143 -30.90 -9.29 22.95
CA MET C 143 -31.31 -10.16 21.87
C MET C 143 -32.46 -11.01 22.33
N CYS C 144 -33.58 -10.89 21.63
CA CYS C 144 -34.78 -11.65 21.89
C CYS C 144 -35.67 -11.56 20.67
N ASP C 145 -36.07 -12.71 20.14
CA ASP C 145 -37.11 -12.85 19.12
C ASP C 145 -38.50 -12.83 19.78
N PRO C 146 -39.27 -11.74 19.60
CA PRO C 146 -40.53 -11.62 20.29
C PRO C 146 -41.73 -12.18 19.52
N THR C 147 -41.50 -13.02 18.50
CA THR C 147 -42.59 -13.65 17.76
C THR C 147 -43.47 -14.41 18.75
N GLY C 148 -44.77 -14.15 18.69
CA GLY C 148 -45.73 -14.79 19.59
C GLY C 148 -46.09 -13.97 20.80
N VAL C 149 -45.46 -12.81 20.97
CA VAL C 149 -45.75 -11.91 22.10
C VAL C 149 -47.21 -11.49 22.15
N ASP C 150 -47.85 -11.40 20.99
CA ASP C 150 -49.24 -10.98 20.87
C ASP C 150 -50.23 -12.15 20.87
N SER C 151 -49.84 -13.30 21.38
CA SER C 151 -50.74 -14.44 21.58
C SER C 151 -50.95 -14.69 23.09
N GLU C 152 -51.81 -15.66 23.41
CA GLU C 152 -52.08 -16.00 24.80
C GLU C 152 -50.89 -16.66 25.48
N GLU C 153 -50.16 -17.50 24.75
CA GLU C 153 -49.00 -18.22 25.26
C GLU C 153 -47.85 -17.27 25.54
N GLY C 154 -47.78 -16.20 24.76
CA GLY C 154 -46.73 -15.22 24.89
C GLY C 154 -45.43 -15.75 24.31
N VAL C 155 -44.33 -15.21 24.80
CA VAL C 155 -43.03 -15.50 24.28
C VAL C 155 -42.07 -15.50 25.45
N THR C 156 -40.99 -16.24 25.33
CA THR C 156 -39.99 -16.35 26.37
C THR C 156 -38.71 -15.80 25.82
N CYS C 157 -38.06 -14.90 26.54
CA CYS C 157 -36.64 -14.67 26.34
C CYS C 157 -35.82 -14.71 27.59
N ALA C 158 -34.50 -14.70 27.36
CA ALA C 158 -33.51 -14.91 28.37
C ALA C 158 -32.31 -14.02 28.09
N VAL C 159 -31.67 -13.61 29.14
CA VAL C 159 -30.43 -12.92 29.05
C VAL C 159 -29.68 -13.29 30.31
N LYS C 160 -28.41 -13.57 30.18
CA LYS C 160 -27.63 -13.91 31.36
C LYS C 160 -26.64 -12.85 31.71
N PHE C 161 -26.32 -12.81 33.00
CA PHE C 161 -25.47 -11.80 33.59
C PHE C 161 -24.35 -12.46 34.34
N GLY C 162 -23.11 -12.07 34.09
CA GLY C 162 -21.98 -12.46 34.92
C GLY C 162 -20.74 -11.68 34.66
N SER C 163 -19.69 -12.04 35.36
CA SER C 163 -18.43 -11.38 35.22
C SER C 163 -17.95 -11.57 33.77
N TRP C 164 -17.38 -10.51 33.22
CA TRP C 164 -16.82 -10.56 31.88
C TRP C 164 -15.48 -11.22 31.88
N VAL C 165 -14.67 -11.02 32.91
CA VAL C 165 -13.31 -11.56 32.90
C VAL C 165 -12.87 -12.42 34.08
N TYR C 166 -13.67 -12.52 35.12
CA TYR C 166 -13.32 -13.37 36.26
C TYR C 166 -14.06 -14.68 36.16
N SER C 167 -13.32 -15.79 36.27
CA SER C 167 -13.92 -17.11 36.32
C SER C 167 -14.55 -17.40 37.67
N GLY C 168 -15.22 -18.55 37.75
CA GLY C 168 -15.74 -19.08 39.00
C GLY C 168 -14.75 -19.24 40.13
N PHE C 169 -13.48 -19.43 39.81
CA PHE C 169 -12.44 -19.46 40.82
C PHE C 169 -12.12 -18.14 41.50
N GLU C 170 -12.54 -17.01 40.90
CA GLU C 170 -12.33 -15.68 41.45
C GLU C 170 -13.60 -15.01 41.92
N ILE C 171 -14.67 -15.10 41.11
CA ILE C 171 -15.98 -14.55 41.43
C ILE C 171 -17.00 -15.64 41.24
N ASP C 172 -17.67 -16.01 42.34
CA ASP C 172 -18.82 -16.88 42.34
C ASP C 172 -20.04 -16.02 42.46
N LEU C 173 -21.14 -16.40 41.84
CA LEU C 173 -22.42 -15.74 41.95
C LEU C 173 -23.40 -16.63 42.68
N LYS C 174 -24.27 -16.03 43.47
CA LYS C 174 -25.45 -16.68 43.93
C LYS C 174 -26.63 -15.75 43.87
N THR C 175 -27.81 -16.30 44.06
CA THR C 175 -29.03 -15.55 44.13
C THR C 175 -29.66 -15.86 45.47
N ASP C 176 -30.42 -14.92 46.04
CA ASP C 176 -31.18 -15.23 47.27
C ASP C 176 -32.44 -15.99 46.98
N THR C 177 -32.92 -15.90 45.75
CA THR C 177 -34.18 -16.50 45.37
C THR C 177 -34.15 -16.77 43.89
N ASP C 178 -34.97 -17.71 43.46
CA ASP C 178 -35.17 -18.02 42.05
C ASP C 178 -36.18 -17.11 41.37
N GLN C 179 -36.98 -16.37 42.11
CA GLN C 179 -38.03 -15.54 41.52
C GLN C 179 -37.50 -14.14 41.35
N VAL C 180 -37.63 -13.60 40.14
CA VAL C 180 -37.40 -12.17 39.88
C VAL C 180 -38.44 -11.35 40.64
N ASP C 181 -37.99 -10.32 41.31
CA ASP C 181 -38.92 -9.42 42.01
C ASP C 181 -39.75 -8.62 40.98
N LEU C 182 -41.04 -8.89 40.99
CA LEU C 182 -42.07 -8.21 40.17
C LEU C 182 -42.92 -7.25 40.96
N SER C 183 -42.56 -6.92 42.20
CA SER C 183 -43.42 -6.06 43.04
C SER C 183 -43.38 -4.57 42.65
N SER C 184 -42.42 -4.15 41.85
CA SER C 184 -42.37 -2.79 41.29
C SER C 184 -42.65 -2.78 39.79
N TYR C 185 -43.23 -3.85 39.26
CA TYR C 185 -43.50 -3.91 37.83
C TYR C 185 -44.63 -2.95 37.51
N TYR C 186 -44.44 -2.15 36.47
CA TYR C 186 -45.36 -1.05 36.12
C TYR C 186 -46.75 -1.61 35.84
N ALA C 187 -47.72 -1.15 36.64
CA ALA C 187 -49.09 -1.65 36.56
C ALA C 187 -49.74 -1.45 35.20
N SER C 188 -49.32 -0.46 34.41
CA SER C 188 -49.95 -0.23 33.09
C SER C 188 -49.01 -0.47 31.94
N SER C 189 -48.10 -1.44 32.09
CA SER C 189 -47.20 -1.84 31.02
C SER C 189 -47.98 -2.29 29.80
N LYS C 190 -47.39 -2.17 28.60
CA LYS C 190 -47.97 -2.85 27.43
C LYS C 190 -47.95 -4.39 27.61
N TYR C 191 -47.03 -4.88 28.45
CA TYR C 191 -46.74 -6.29 28.57
C TYR C 191 -47.05 -6.82 29.96
N GLU C 192 -47.68 -7.99 29.98
CA GLU C 192 -47.99 -8.74 31.17
C GLU C 192 -46.89 -9.79 31.35
N ILE C 193 -46.36 -9.91 32.55
CA ILE C 193 -45.31 -10.90 32.87
C ILE C 193 -45.98 -12.21 33.31
N LEU C 194 -45.79 -13.28 32.54
CA LEU C 194 -46.35 -14.58 32.89
C LEU C 194 -45.42 -15.35 33.83
N SER C 195 -44.12 -15.17 33.68
CA SER C 195 -43.15 -15.85 34.51
C SER C 195 -41.83 -15.14 34.43
N ALA C 196 -41.05 -15.18 35.50
CA ALA C 196 -39.76 -14.50 35.53
C ALA C 196 -38.86 -15.15 36.56
N THR C 197 -37.79 -15.81 36.11
CA THR C 197 -36.88 -16.51 36.99
C THR C 197 -35.44 -16.05 36.83
N GLN C 198 -34.66 -16.26 37.90
CA GLN C 198 -33.23 -15.95 37.93
C GLN C 198 -32.49 -17.18 38.47
N THR C 199 -31.62 -17.75 37.66
CA THR C 199 -31.01 -19.03 37.96
C THR C 199 -29.52 -19.01 37.73
N ARG C 200 -28.77 -19.29 38.77
CA ARG C 200 -27.34 -19.51 38.69
C ARG C 200 -27.00 -20.68 37.73
N GLN C 201 -26.00 -20.49 36.88
CA GLN C 201 -25.54 -21.47 35.91
C GLN C 201 -24.04 -21.43 35.81
N VAL C 202 -23.46 -22.56 35.45
CA VAL C 202 -22.05 -22.73 35.26
C VAL C 202 -21.81 -22.92 33.78
N GLN C 203 -20.95 -22.09 33.18
CA GLN C 203 -20.66 -22.14 31.75
C GLN C 203 -19.23 -22.43 31.51
N HIS C 204 -18.90 -23.19 30.49
CA HIS C 204 -17.53 -23.39 30.02
C HIS C 204 -17.40 -22.76 28.64
N TYR C 205 -16.30 -22.05 28.41
CA TYR C 205 -15.96 -21.56 27.09
C TYR C 205 -14.76 -22.30 26.55
N SER C 206 -14.68 -22.47 25.22
CA SER C 206 -13.50 -23.15 24.61
C SER C 206 -12.15 -22.55 24.91
N CYS C 207 -12.06 -21.22 25.07
CA CYS C 207 -10.81 -20.51 25.39
C CYS C 207 -10.14 -20.92 26.71
N CYS C 208 -10.92 -21.32 27.69
CA CYS C 208 -10.53 -21.24 29.08
C CYS C 208 -10.93 -22.55 29.75
N PRO C 209 -10.07 -23.14 30.60
CA PRO C 209 -10.49 -24.36 31.30
C PRO C 209 -11.36 -24.12 32.55
N GLU C 210 -11.34 -22.91 33.07
CA GLU C 210 -12.09 -22.56 34.26
C GLU C 210 -13.55 -22.28 33.89
N PRO C 211 -14.49 -22.75 34.72
CA PRO C 211 -15.88 -22.39 34.55
C PRO C 211 -16.15 -20.93 34.85
N TYR C 212 -17.13 -20.37 34.17
CA TYR C 212 -17.64 -19.01 34.44
C TYR C 212 -19.06 -19.12 34.95
N ILE C 213 -19.42 -18.20 35.83
CA ILE C 213 -20.72 -18.26 36.48
C ILE C 213 -21.57 -17.12 36.02
N ASP C 214 -22.80 -17.44 35.67
CA ASP C 214 -23.79 -16.43 35.34
C ASP C 214 -25.13 -16.72 36.03
N VAL C 215 -25.95 -15.68 36.05
CA VAL C 215 -27.33 -15.78 36.46
C VAL C 215 -28.16 -15.52 35.24
N ASN C 216 -29.00 -16.51 34.90
CA ASN C 216 -29.85 -16.46 33.73
C ASN C 216 -31.23 -15.91 34.11
N LEU C 217 -31.59 -14.79 33.49
CA LEU C 217 -32.86 -14.13 33.71
C LEU C 217 -33.75 -14.56 32.58
N VAL C 218 -34.78 -15.33 32.87
CA VAL C 218 -35.69 -15.89 31.87
C VAL C 218 -37.06 -15.29 32.15
N VAL C 219 -37.62 -14.60 31.17
CA VAL C 219 -38.86 -13.87 31.34
C VAL C 219 -39.81 -14.33 30.22
N LYS C 220 -40.99 -14.75 30.62
CA LYS C 220 -42.04 -15.08 29.69
C LYS C 220 -43.08 -13.99 29.81
N PHE C 221 -43.53 -13.46 28.68
CA PHE C 221 -44.43 -12.32 28.68
C PHE C 221 -45.28 -12.25 27.43
N ARG C 222 -46.32 -11.44 27.49
CA ARG C 222 -47.19 -11.20 26.35
C ARG C 222 -47.82 -9.81 26.40
N GLU C 223 -48.51 -9.42 25.33
CA GLU C 223 -49.20 -8.13 25.31
C GLU C 223 -50.42 -8.15 26.21
N ARG C 224 -50.92 -6.96 26.54
CA ARG C 224 -52.21 -6.74 27.25
C ARG C 224 -51.95 -6.92 28.72
N GLN D 20 -4.40 -10.40 48.52
CA GLN D 20 -4.55 -9.01 48.06
C GLN D 20 -3.19 -8.29 48.14
N ALA D 21 -2.43 -8.47 49.23
CA ALA D 21 -1.13 -7.80 49.43
C ALA D 21 -0.12 -8.05 48.31
N ASN D 22 0.02 -9.31 47.89
CA ASN D 22 0.93 -9.65 46.82
C ASN D 22 0.51 -9.06 45.51
N LEU D 23 -0.78 -9.12 45.23
CA LEU D 23 -1.29 -8.56 44.00
C LEU D 23 -1.11 -7.03 43.98
N MET D 24 -1.40 -6.37 45.10
CA MET D 24 -1.21 -4.93 45.20
C MET D 24 0.26 -4.56 44.94
N ARG D 25 1.18 -5.36 45.47
CA ARG D 25 2.59 -5.14 45.28
C ARG D 25 3.03 -5.33 43.83
N LEU D 26 2.53 -6.38 43.19
CA LEU D 26 2.82 -6.65 41.78
C LEU D 26 2.36 -5.51 40.89
N LYS D 27 1.11 -5.08 41.10
CA LYS D 27 0.54 -4.03 40.27
C LYS D 27 1.34 -2.73 40.44
N SER D 28 1.69 -2.44 41.69
CA SER D 28 2.52 -1.31 42.01
C SER D 28 3.88 -1.36 41.32
N ASP D 29 4.55 -2.50 41.39
CA ASP D 29 5.85 -2.68 40.72
C ASP D 29 5.75 -2.53 39.21
N LEU D 30 4.72 -3.11 38.60
CA LEU D 30 4.52 -2.97 37.16
C LEU D 30 4.12 -1.57 36.68
N PHE D 31 3.17 -0.92 37.36
CA PHE D 31 2.55 0.29 36.82
C PHE D 31 3.05 1.61 37.42
N ASN D 32 3.38 1.63 38.71
CA ASN D 32 3.84 2.86 39.41
C ASN D 32 5.36 3.04 39.43
N ARG D 33 6.14 2.01 39.11
CA ARG D 33 7.58 2.09 39.20
C ARG D 33 8.32 2.24 37.88
N SER D 34 7.60 2.25 36.76
CA SER D 34 8.21 2.64 35.46
C SER D 34 7.17 3.32 34.59
N PRO D 35 7.62 4.06 33.56
CA PRO D 35 6.61 4.72 32.70
C PRO D 35 5.83 3.67 31.94
N MET D 36 4.66 4.03 31.42
CA MET D 36 3.90 3.11 30.59
C MET D 36 4.68 2.75 29.31
N TYR D 37 4.39 1.58 28.75
CA TYR D 37 4.92 1.19 27.48
C TYR D 37 4.53 2.27 26.47
N PRO D 38 5.52 2.87 25.77
CA PRO D 38 5.23 3.96 24.79
C PRO D 38 4.75 3.43 23.44
N GLY D 39 4.48 2.13 23.31
CA GLY D 39 4.11 1.53 22.05
C GLY D 39 5.30 1.02 21.26
N PRO D 40 5.03 0.22 20.22
CA PRO D 40 6.09 -0.41 19.44
C PRO D 40 6.80 0.54 18.51
N THR D 41 7.99 0.16 18.06
CA THR D 41 8.76 0.92 17.05
C THR D 41 9.32 -0.09 16.01
N LYS D 42 9.96 0.44 14.97
CA LYS D 42 10.65 -0.40 13.97
C LYS D 42 11.64 -1.36 14.63
N ASP D 43 12.39 -0.88 15.63
CA ASP D 43 13.37 -1.70 16.36
C ASP D 43 12.79 -2.69 17.33
N ASP D 44 11.58 -2.46 17.81
CA ASP D 44 10.90 -3.41 18.74
C ASP D 44 9.43 -3.56 18.35
N PRO D 45 9.17 -4.29 17.25
CA PRO D 45 7.80 -4.41 16.79
C PRO D 45 7.03 -5.38 17.64
N LEU D 46 5.73 -5.36 17.42
CA LEU D 46 4.80 -6.05 18.25
C LEU D 46 3.85 -6.80 17.34
N THR D 47 3.55 -8.04 17.72
CA THR D 47 2.56 -8.80 17.00
C THR D 47 1.30 -8.90 17.86
N VAL D 48 0.18 -8.58 17.22
CA VAL D 48 -1.10 -8.61 17.84
C VAL D 48 -1.94 -9.66 17.15
N THR D 49 -2.51 -10.54 17.95
CA THR D 49 -3.35 -11.59 17.46
C THR D 49 -4.77 -11.19 17.65
N LEU D 50 -5.61 -11.51 16.67
CA LEU D 50 -6.94 -10.96 16.54
C LEU D 50 -7.87 -12.04 16.04
N GLY D 51 -8.99 -12.19 16.71
CA GLY D 51 -10.03 -13.20 16.36
C GLY D 51 -11.40 -12.65 16.74
N PHE D 52 -12.43 -13.00 15.98
CA PHE D 52 -13.74 -12.46 16.15
C PHE D 52 -14.73 -13.52 16.52
N THR D 53 -15.58 -13.19 17.50
CA THR D 53 -16.72 -14.01 17.84
C THR D 53 -17.95 -13.23 17.46
N LEU D 54 -18.73 -13.74 16.50
CA LEU D 54 -19.87 -13.04 15.97
C LEU D 54 -21.08 -13.47 16.75
N GLN D 55 -21.74 -12.50 17.39
CA GLN D 55 -22.86 -12.80 18.26
C GLN D 55 -24.19 -12.56 17.57
N ASP D 56 -24.32 -11.50 16.77
CA ASP D 56 -25.58 -11.27 16.05
C ASP D 56 -25.40 -10.23 14.96
N ILE D 57 -26.15 -10.39 13.87
CA ILE D 57 -26.33 -9.30 12.92
C ILE D 57 -27.64 -8.67 13.37
N VAL D 58 -27.56 -7.46 13.93
CA VAL D 58 -28.72 -6.88 14.62
C VAL D 58 -29.56 -5.96 13.79
N LYS D 59 -29.04 -5.48 12.68
CA LYS D 59 -29.74 -4.50 11.84
C LYS D 59 -29.15 -4.46 10.44
N VAL D 60 -30.02 -4.35 9.45
CA VAL D 60 -29.62 -4.19 8.06
C VAL D 60 -30.44 -3.01 7.53
N ASP D 61 -29.81 -2.05 6.86
CA ASP D 61 -30.56 -0.86 6.40
C ASP D 61 -30.21 -0.64 4.94
N SER D 62 -31.15 -0.93 4.06
CA SER D 62 -30.91 -0.88 2.63
C SER D 62 -31.09 0.52 2.07
N SER D 63 -31.66 1.44 2.84
CA SER D 63 -31.78 2.81 2.39
C SER D 63 -30.50 3.60 2.59
N THR D 64 -29.65 3.19 3.53
CA THR D 64 -28.35 3.82 3.75
C THR D 64 -27.15 2.90 3.50
N ASN D 65 -27.38 1.64 3.19
CA ASN D 65 -26.32 0.64 3.10
C ASN D 65 -25.44 0.60 4.34
N GLU D 66 -26.07 0.44 5.50
CA GLU D 66 -25.41 0.18 6.78
C GLU D 66 -25.88 -1.19 7.33
N VAL D 67 -24.97 -1.89 8.00
CA VAL D 67 -25.31 -3.11 8.69
C VAL D 67 -24.69 -2.99 10.07
N ASP D 68 -25.41 -3.46 11.11
CA ASP D 68 -24.92 -3.45 12.48
C ASP D 68 -24.63 -4.86 12.97
N LEU D 69 -23.44 -5.09 13.51
CA LEU D 69 -23.07 -6.36 14.11
C LEU D 69 -22.83 -6.16 15.56
N VAL D 70 -23.02 -7.22 16.33
CA VAL D 70 -22.51 -7.32 17.66
C VAL D 70 -21.54 -8.49 17.68
N TYR D 71 -20.35 -8.25 18.18
CA TYR D 71 -19.27 -9.22 18.20
C TYR D 71 -18.34 -8.94 19.34
N TRP D 72 -17.47 -9.91 19.64
CA TRP D 72 -16.39 -9.80 20.62
C TRP D 72 -15.09 -9.86 19.83
N GLU D 73 -14.15 -9.01 20.19
CA GLU D 73 -12.90 -8.90 19.48
C GLU D 73 -11.83 -9.39 20.44
N ARG D 74 -11.28 -10.56 20.20
CA ARG D 74 -10.22 -11.09 21.05
C ARG D 74 -8.93 -10.49 20.55
N GLN D 75 -8.19 -9.85 21.44
CA GLN D 75 -6.90 -9.25 21.12
C GLN D 75 -5.86 -9.74 22.07
N ARG D 76 -4.69 -10.09 21.52
CA ARG D 76 -3.65 -10.59 22.36
C ARG D 76 -2.32 -10.09 21.88
N TRP D 77 -1.48 -9.72 22.83
CA TRP D 77 -0.10 -9.31 22.51
C TRP D 77 0.73 -9.57 23.74
N LYS D 78 2.02 -9.33 23.64
CA LYS D 78 2.94 -9.68 24.70
C LYS D 78 3.98 -8.63 24.86
N LEU D 79 4.28 -8.24 26.10
CA LEU D 79 5.31 -7.25 26.40
C LEU D 79 6.29 -7.76 27.43
N ASN D 80 7.57 -7.58 27.19
CA ASN D 80 8.61 -7.90 28.14
C ASN D 80 8.44 -7.11 29.42
N SER D 81 7.99 -5.86 29.30
CA SER D 81 7.84 -5.00 30.45
C SER D 81 6.72 -5.41 31.38
N LEU D 82 5.85 -6.33 30.95
CA LEU D 82 4.80 -6.86 31.81
C LEU D 82 5.09 -8.24 32.40
N MET D 83 6.34 -8.72 32.31
CA MET D 83 6.74 -10.04 32.85
C MET D 83 7.06 -9.94 34.30
N TRP D 84 6.87 -11.06 35.00
CA TRP D 84 7.30 -11.20 36.39
C TRP D 84 7.50 -12.67 36.72
N ASP D 85 8.26 -12.93 37.76
CA ASP D 85 8.44 -14.28 38.27
C ASP D 85 7.37 -14.53 39.34
N PRO D 86 6.44 -15.47 39.09
CA PRO D 86 5.42 -15.77 40.11
C PRO D 86 5.93 -16.07 41.51
N ASN D 87 7.13 -16.63 41.64
CA ASN D 87 7.71 -16.91 42.95
C ASN D 87 8.01 -15.66 43.76
N GLU D 88 8.23 -14.54 43.10
CA GLU D 88 8.45 -13.28 43.78
C GLU D 88 7.14 -12.65 44.26
N TYR D 89 6.01 -13.11 43.76
CA TYR D 89 4.70 -12.50 44.04
C TYR D 89 3.65 -13.50 44.52
N GLY D 90 3.99 -14.31 45.50
CA GLY D 90 3.03 -15.27 46.09
C GLY D 90 2.37 -16.18 45.08
N ASN D 91 3.09 -16.54 44.00
CA ASN D 91 2.64 -17.50 42.99
C ASN D 91 1.52 -17.02 42.11
N ILE D 92 1.32 -15.70 42.09
CA ILE D 92 0.37 -15.09 41.18
C ILE D 92 0.95 -15.27 39.79
N THR D 93 0.15 -15.84 38.89
CA THR D 93 0.50 -16.11 37.54
C THR D 93 -0.27 -15.23 36.56
N ASP D 94 -1.39 -14.65 37.00
CA ASP D 94 -2.12 -13.70 36.17
C ASP D 94 -3.00 -12.80 37.04
N PHE D 95 -3.45 -11.70 36.47
CA PHE D 95 -4.38 -10.81 37.13
C PHE D 95 -5.18 -10.02 36.11
N ARG D 96 -6.26 -9.45 36.60
CA ARG D 96 -7.16 -8.62 35.82
C ARG D 96 -6.88 -7.17 36.17
N THR D 97 -7.01 -6.29 35.20
CA THR D 97 -6.79 -4.88 35.45
C THR D 97 -7.50 -4.07 34.38
N SER D 98 -7.87 -2.86 34.77
CA SER D 98 -8.56 -1.94 33.90
C SER D 98 -7.68 -1.71 32.68
N ALA D 99 -8.29 -1.71 31.49
CA ALA D 99 -7.55 -1.43 30.26
C ALA D 99 -6.88 -0.07 30.27
N ALA D 100 -7.38 0.86 31.08
CA ALA D 100 -6.76 2.18 31.21
C ALA D 100 -5.37 2.14 31.88
N ASP D 101 -5.09 1.10 32.68
CA ASP D 101 -3.78 0.94 33.31
C ASP D 101 -2.66 0.48 32.36
N ILE D 102 -2.99 0.04 31.14
CA ILE D 102 -2.00 -0.49 30.24
C ILE D 102 -2.14 0.09 28.85
N TRP D 103 -1.05 -0.05 28.09
CA TRP D 103 -1.12 0.27 26.66
C TRP D 103 -1.99 -0.76 25.99
N THR D 104 -2.83 -0.29 25.07
CA THR D 104 -3.63 -1.13 24.20
C THR D 104 -3.41 -0.69 22.75
N PRO D 105 -3.57 -1.64 21.80
CA PRO D 105 -3.32 -1.23 20.42
C PRO D 105 -4.50 -0.47 19.82
N ASP D 106 -4.22 0.34 18.80
CA ASP D 106 -5.22 1.23 18.16
C ASP D 106 -5.94 0.58 16.95
N ILE D 107 -6.38 -0.65 17.13
CA ILE D 107 -7.05 -1.40 16.12
C ILE D 107 -8.39 -0.78 15.94
N THR D 108 -8.79 -0.53 14.71
CA THR D 108 -10.10 0.09 14.45
C THR D 108 -10.70 -0.55 13.19
N ALA D 109 -12.03 -0.56 13.13
CA ALA D 109 -12.73 -0.82 11.90
C ALA D 109 -12.48 0.31 10.90
N TYR D 110 -12.20 -0.04 9.65
CA TYR D 110 -11.86 0.90 8.60
C TYR D 110 -13.08 1.36 7.85
N SER D 111 -14.24 0.72 7.98
CA SER D 111 -15.41 1.19 7.21
C SER D 111 -16.62 1.44 8.10
N SER D 112 -16.38 1.81 9.35
CA SER D 112 -17.46 2.19 10.26
C SER D 112 -18.17 3.46 9.81
N THR D 113 -19.45 3.55 10.11
CA THR D 113 -20.26 4.73 9.83
C THR D 113 -20.69 5.48 11.08
N ARG D 114 -20.48 4.87 12.27
CA ARG D 114 -20.75 5.48 13.59
C ARG D 114 -19.66 5.10 14.54
N PRO D 115 -19.44 5.86 15.62
CA PRO D 115 -18.49 5.41 16.61
C PRO D 115 -18.88 4.03 17.13
N VAL D 116 -17.90 3.17 17.36
CA VAL D 116 -18.17 1.82 17.81
C VAL D 116 -18.62 1.89 19.28
N GLN D 117 -19.62 1.12 19.66
CA GLN D 117 -20.14 1.13 21.03
C GLN D 117 -19.67 -0.11 21.78
N VAL D 118 -19.03 0.13 22.91
CA VAL D 118 -18.51 -0.87 23.77
C VAL D 118 -19.61 -1.43 24.67
N LEU D 119 -19.73 -2.75 24.73
CA LEU D 119 -20.81 -3.42 25.45
C LEU D 119 -20.34 -4.14 26.70
N SER D 120 -19.05 -4.16 26.97
CA SER D 120 -18.47 -4.93 28.05
C SER D 120 -17.55 -4.04 28.86
N PRO D 121 -17.30 -4.41 30.13
CA PRO D 121 -16.28 -3.71 30.92
C PRO D 121 -14.91 -3.79 30.25
N GLN D 122 -14.14 -2.73 30.40
CA GLN D 122 -12.87 -2.55 29.73
C GLN D 122 -11.78 -3.00 30.70
N ILE D 123 -11.62 -4.31 30.76
CA ILE D 123 -10.73 -4.96 31.70
C ILE D 123 -9.96 -5.98 30.90
N ALA D 124 -8.68 -6.10 31.19
CA ALA D 124 -7.76 -6.99 30.47
C ALA D 124 -7.20 -8.01 31.42
N VAL D 125 -6.69 -9.11 30.88
CA VAL D 125 -6.01 -10.12 31.68
C VAL D 125 -4.55 -10.08 31.31
N VAL D 126 -3.68 -9.97 32.32
CA VAL D 126 -2.23 -9.94 32.13
C VAL D 126 -1.65 -11.21 32.78
N THR D 127 -0.76 -11.88 32.07
CA THR D 127 -0.15 -13.13 32.50
C THR D 127 1.33 -12.92 32.71
N HIS D 128 1.93 -13.72 33.59
CA HIS D 128 3.31 -13.51 34.03
C HIS D 128 4.38 -13.59 32.94
N ASP D 129 4.05 -14.18 31.79
CA ASP D 129 4.96 -14.15 30.62
C ASP D 129 4.86 -12.85 29.83
N GLY D 130 4.07 -11.88 30.33
CA GLY D 130 3.91 -10.59 29.68
C GLY D 130 2.79 -10.51 28.68
N SER D 131 2.02 -11.59 28.52
CA SER D 131 0.94 -11.57 27.55
C SER D 131 -0.30 -10.91 28.13
N VAL D 132 -1.03 -10.22 27.25
CA VAL D 132 -2.22 -9.52 27.59
C VAL D 132 -3.32 -10.06 26.69
N MET D 133 -4.51 -10.29 27.28
CA MET D 133 -5.71 -10.64 26.55
C MET D 133 -6.75 -9.56 26.86
N PHE D 134 -7.36 -9.02 25.83
CA PHE D 134 -8.38 -7.98 25.94
C PHE D 134 -9.48 -8.35 24.98
N ILE D 135 -10.72 -8.45 25.48
CA ILE D 135 -11.86 -8.94 24.70
C ILE D 135 -13.07 -8.00 24.81
N PRO D 136 -12.97 -6.83 24.16
CA PRO D 136 -14.12 -5.95 24.13
C PRO D 136 -15.27 -6.47 23.25
N ALA D 137 -16.47 -6.47 23.81
CA ALA D 137 -17.68 -6.73 23.07
C ALA D 137 -18.17 -5.39 22.55
N GLN D 138 -18.66 -5.39 21.31
CA GLN D 138 -18.93 -4.18 20.58
C GLN D 138 -20.10 -4.31 19.64
N ARG D 139 -20.78 -3.18 19.43
CA ARG D 139 -21.72 -3.00 18.34
C ARG D 139 -21.11 -2.02 17.30
N LEU D 140 -21.05 -2.43 16.05
CA LEU D 140 -20.46 -1.69 14.98
C LEU D 140 -21.49 -1.48 13.89
N SER D 141 -21.70 -0.25 13.44
CA SER D 141 -22.34 0.05 12.16
C SER D 141 -21.28 0.20 11.06
N PHE D 142 -21.46 -0.49 9.92
CA PHE D 142 -20.49 -0.38 8.84
C PHE D 142 -21.11 -0.45 7.45
N MET D 143 -20.27 -0.07 6.47
CA MET D 143 -20.74 0.08 5.11
C MET D 143 -20.93 -1.30 4.50
N CYS D 144 -22.14 -1.57 4.05
CA CYS D 144 -22.51 -2.81 3.44
C CYS D 144 -23.82 -2.60 2.70
N ASP D 145 -23.82 -2.90 1.41
CA ASP D 145 -25.03 -3.00 0.60
C ASP D 145 -25.68 -4.38 0.78
N PRO D 146 -26.83 -4.44 1.47
CA PRO D 146 -27.44 -5.73 1.78
C PRO D 146 -28.42 -6.24 0.72
N THR D 147 -28.39 -5.70 -0.49
CA THR D 147 -29.23 -6.19 -1.58
C THR D 147 -28.96 -7.68 -1.77
N GLY D 148 -30.03 -8.45 -1.78
CA GLY D 148 -29.95 -9.90 -1.92
C GLY D 148 -29.98 -10.65 -0.61
N VAL D 149 -30.02 -9.96 0.52
CA VAL D 149 -30.07 -10.59 1.83
C VAL D 149 -31.30 -11.50 2.00
N ASP D 150 -32.38 -11.14 1.33
CA ASP D 150 -33.63 -11.88 1.38
C ASP D 150 -33.78 -12.94 0.28
N SER D 151 -32.67 -13.36 -0.34
CA SER D 151 -32.66 -14.44 -1.31
C SER D 151 -31.94 -15.66 -0.74
N GLU D 152 -31.94 -16.75 -1.50
CA GLU D 152 -31.27 -17.99 -1.08
C GLU D 152 -29.75 -17.83 -1.06
N GLU D 153 -29.20 -17.10 -2.03
CA GLU D 153 -27.76 -16.89 -2.14
C GLU D 153 -27.24 -16.00 -1.01
N GLY D 154 -28.10 -15.11 -0.56
CA GLY D 154 -27.73 -14.16 0.50
C GLY D 154 -26.85 -13.07 -0.05
N VAL D 155 -26.08 -12.46 0.82
CA VAL D 155 -25.28 -11.30 0.50
C VAL D 155 -24.01 -11.41 1.29
N THR D 156 -22.94 -10.82 0.79
CA THR D 156 -21.65 -10.84 1.43
C THR D 156 -21.30 -9.42 1.77
N CYS D 157 -20.92 -9.17 3.01
CA CYS D 157 -20.13 -7.97 3.30
C CYS D 157 -18.88 -8.21 4.08
N ALA D 158 -18.07 -7.16 4.14
CA ALA D 158 -16.74 -7.22 4.64
C ALA D 158 -16.41 -5.93 5.35
N VAL D 159 -15.61 -6.03 6.38
CA VAL D 159 -15.08 -4.91 7.05
C VAL D 159 -13.74 -5.31 7.56
N LYS D 160 -12.75 -4.46 7.45
CA LYS D 160 -11.43 -4.80 7.90
C LYS D 160 -11.04 -4.00 9.12
N PHE D 161 -10.16 -4.60 9.90
CA PHE D 161 -9.70 -4.10 11.17
C PHE D 161 -8.18 -4.00 11.15
N GLY D 162 -7.62 -2.86 11.54
CA GLY D 162 -6.21 -2.75 11.75
C GLY D 162 -5.81 -1.49 12.49
N SER D 163 -4.53 -1.36 12.75
CA SER D 163 -4.02 -0.18 13.38
C SER D 163 -4.31 1.02 12.51
N TRP D 164 -4.68 2.12 13.15
CA TRP D 164 -4.92 3.38 12.44
C TRP D 164 -3.67 4.05 12.10
N VAL D 165 -2.65 4.00 12.94
CA VAL D 165 -1.41 4.73 12.65
C VAL D 165 -0.09 3.97 12.69
N TYR D 166 -0.08 2.71 13.09
CA TYR D 166 1.16 1.91 13.09
C TYR D 166 1.17 1.06 11.84
N SER D 167 2.28 1.15 11.07
CA SER D 167 2.50 0.31 9.92
C SER D 167 2.88 -1.11 10.32
N GLY D 168 2.98 -1.97 9.29
CA GLY D 168 3.49 -3.32 9.47
C GLY D 168 4.86 -3.44 10.08
N PHE D 169 5.69 -2.43 9.94
CA PHE D 169 6.97 -2.39 10.62
C PHE D 169 6.94 -2.23 12.14
N GLU D 170 5.80 -1.77 12.67
CA GLU D 170 5.62 -1.58 14.12
C GLU D 170 4.63 -2.54 14.75
N ILE D 171 3.50 -2.75 14.08
CA ILE D 171 2.46 -3.67 14.50
C ILE D 171 2.13 -4.61 13.35
N ASP D 172 2.38 -5.90 13.58
CA ASP D 172 1.94 -6.96 12.71
C ASP D 172 0.73 -7.60 13.32
N LEU D 173 -0.20 -8.05 12.50
CA LEU D 173 -1.38 -8.77 12.92
C LEU D 173 -1.30 -10.20 12.44
N LYS D 174 -1.82 -11.10 13.27
CA LYS D 174 -2.12 -12.42 12.82
C LYS D 174 -3.45 -12.84 13.42
N THR D 175 -3.96 -13.96 12.92
CA THR D 175 -5.14 -14.60 13.42
C THR D 175 -4.70 -16.01 13.81
N ASP D 176 -5.38 -16.60 14.79
CA ASP D 176 -5.11 -18.02 15.13
C ASP D 176 -5.81 -18.96 14.18
N THR D 177 -6.85 -18.46 13.52
CA THR D 177 -7.67 -19.29 12.64
C THR D 177 -8.28 -18.36 11.61
N ASP D 178 -8.62 -18.93 10.49
CA ASP D 178 -9.37 -18.23 9.43
C ASP D 178 -10.87 -18.18 9.66
N GLN D 179 -11.41 -19.01 10.55
CA GLN D 179 -12.85 -19.10 10.75
C GLN D 179 -13.23 -18.17 11.92
N VAL D 180 -14.19 -17.30 11.68
CA VAL D 180 -14.84 -16.53 12.73
C VAL D 180 -15.58 -17.49 13.68
N ASP D 181 -15.40 -17.30 14.97
CA ASP D 181 -16.11 -18.12 15.96
C ASP D 181 -17.62 -17.77 15.93
N LEU D 182 -18.39 -18.79 15.52
CA LEU D 182 -19.86 -18.73 15.47
C LEU D 182 -20.55 -19.48 16.61
N SER D 183 -19.80 -19.94 17.61
CA SER D 183 -20.38 -20.81 18.64
C SER D 183 -21.26 -20.06 19.67
N SER D 184 -21.20 -18.73 19.71
CA SER D 184 -22.13 -17.93 20.51
C SER D 184 -23.11 -17.15 19.66
N TYR D 185 -23.31 -17.56 18.40
CA TYR D 185 -24.19 -16.79 17.51
C TYR D 185 -25.62 -17.02 17.96
N TYR D 186 -26.38 -15.93 18.06
CA TYR D 186 -27.75 -15.98 18.61
C TYR D 186 -28.63 -16.93 17.81
N ALA D 187 -29.13 -17.94 18.50
CA ALA D 187 -29.91 -19.01 17.87
C ALA D 187 -31.18 -18.50 17.17
N SER D 188 -31.74 -17.36 17.59
CA SER D 188 -32.98 -16.86 16.96
C SER D 188 -32.76 -15.54 16.23
N SER D 189 -31.59 -15.37 15.64
CA SER D 189 -31.30 -14.20 14.83
C SER D 189 -32.26 -14.09 13.66
N LYS D 190 -32.52 -12.88 13.15
CA LYS D 190 -33.21 -12.75 11.86
C LYS D 190 -32.35 -13.35 10.72
N TYR D 191 -31.04 -13.43 10.92
CA TYR D 191 -30.10 -13.75 9.87
C TYR D 191 -29.32 -15.03 10.15
N GLU D 192 -29.21 -15.83 9.11
CA GLU D 192 -28.48 -17.09 9.11
C GLU D 192 -27.11 -16.79 8.50
N ILE D 193 -26.05 -17.26 9.14
CA ILE D 193 -24.67 -17.05 8.66
C ILE D 193 -24.28 -18.19 7.74
N LEU D 194 -24.03 -17.89 6.47
CA LEU D 194 -23.60 -18.91 5.51
C LEU D 194 -22.10 -19.13 5.53
N SER D 195 -21.35 -18.07 5.81
CA SER D 195 -19.90 -18.17 5.89
C SER D 195 -19.37 -16.96 6.62
N ALA D 196 -18.27 -17.11 7.34
CA ALA D 196 -17.67 -16.04 8.09
C ALA D 196 -16.17 -16.28 8.27
N THR D 197 -15.34 -15.46 7.65
CA THR D 197 -13.90 -15.62 7.70
C THR D 197 -13.18 -14.40 8.19
N GLN D 198 -11.97 -14.60 8.72
CA GLN D 198 -11.06 -13.53 9.15
C GLN D 198 -9.67 -13.79 8.54
N THR D 199 -9.20 -12.85 7.73
CA THR D 199 -8.04 -13.08 6.89
C THR D 199 -7.08 -11.89 6.93
N ARG D 200 -5.87 -12.15 7.32
CA ARG D 200 -4.79 -11.19 7.26
C ARG D 200 -4.52 -10.69 5.82
N GLN D 201 -4.33 -9.39 5.65
CA GLN D 201 -4.07 -8.74 4.37
C GLN D 201 -3.06 -7.64 4.57
N VAL D 202 -2.34 -7.31 3.52
CA VAL D 202 -1.40 -6.23 3.47
C VAL D 202 -1.96 -5.14 2.61
N GLN D 203 -2.04 -3.91 3.12
CA GLN D 203 -2.53 -2.73 2.38
C GLN D 203 -1.45 -1.71 2.19
N HIS D 204 -1.41 -1.12 1.04
CA HIS D 204 -0.40 -0.08 0.70
C HIS D 204 -1.18 1.20 0.45
N TYR D 205 -0.76 2.32 1.03
CA TYR D 205 -1.40 3.61 0.78
C TYR D 205 -0.47 4.48 -0.03
N SER D 206 -1.00 5.35 -0.87
CA SER D 206 -0.13 6.30 -1.65
C SER D 206 0.72 7.24 -0.81
N CYS D 207 0.19 7.66 0.36
CA CYS D 207 0.90 8.57 1.29
C CYS D 207 2.24 8.06 1.84
N CYS D 208 2.36 6.74 1.97
CA CYS D 208 3.29 6.13 2.88
C CYS D 208 4.00 5.02 2.15
N PRO D 209 5.32 4.84 2.35
CA PRO D 209 5.99 3.67 1.74
C PRO D 209 5.79 2.36 2.51
N GLU D 210 5.40 2.45 3.77
CA GLU D 210 5.25 1.28 4.60
C GLU D 210 3.91 0.61 4.37
N PRO D 211 3.91 -0.73 4.32
CA PRO D 211 2.61 -1.45 4.27
C PRO D 211 1.91 -1.39 5.61
N TYR D 212 0.59 -1.43 5.56
CA TYR D 212 -0.26 -1.55 6.78
C TYR D 212 -0.93 -2.92 6.77
N ILE D 213 -1.18 -3.48 7.92
CA ILE D 213 -1.75 -4.81 8.05
C ILE D 213 -3.13 -4.73 8.63
N ASP D 214 -4.05 -5.43 8.00
CA ASP D 214 -5.40 -5.58 8.51
C ASP D 214 -5.88 -7.02 8.45
N VAL D 215 -6.95 -7.27 9.20
CA VAL D 215 -7.67 -8.52 9.18
C VAL D 215 -9.03 -8.20 8.60
N ASN D 216 -9.36 -8.88 7.52
CA ASN D 216 -10.60 -8.69 6.80
C ASN D 216 -11.64 -9.70 7.29
N LEU D 217 -12.74 -9.18 7.84
CA LEU D 217 -13.83 -9.97 8.34
C LEU D 217 -14.87 -10.00 7.24
N VAL D 218 -15.09 -11.15 6.65
CA VAL D 218 -16.00 -11.30 5.51
C VAL D 218 -17.10 -12.23 5.95
N VAL D 219 -18.34 -11.76 5.90
CA VAL D 219 -19.49 -12.50 6.39
C VAL D 219 -20.52 -12.57 5.29
N LYS D 220 -20.94 -13.78 4.96
CA LYS D 220 -21.99 -14.02 4.00
C LYS D 220 -23.19 -14.47 4.78
N PHE D 221 -24.35 -13.89 4.51
CA PHE D 221 -25.54 -14.15 5.32
C PHE D 221 -26.83 -13.89 4.55
N ARG D 222 -27.92 -14.38 5.10
CA ARG D 222 -29.25 -14.17 4.53
C ARG D 222 -30.32 -14.20 5.60
N GLU D 223 -31.55 -13.84 5.25
CA GLU D 223 -32.67 -13.90 6.19
C GLU D 223 -33.04 -15.35 6.51
N ARG D 224 -33.79 -15.54 7.59
CA ARG D 224 -34.43 -16.82 7.99
C ARG D 224 -33.40 -17.67 8.69
N GLN E 20 11.85 -0.01 23.66
CA GLN E 20 11.02 0.84 24.47
C GLN E 20 11.87 1.95 25.14
N ALA E 21 13.05 1.63 25.66
CA ALA E 21 13.86 2.54 26.49
C ALA E 21 14.19 3.86 25.83
N ASN E 22 14.63 3.82 24.56
CA ASN E 22 14.95 5.05 23.86
C ASN E 22 13.71 5.88 23.62
N LEU E 23 12.62 5.24 23.24
CA LEU E 23 11.39 5.94 22.98
C LEU E 23 10.85 6.57 24.28
N MET E 24 10.90 5.82 25.38
CA MET E 24 10.46 6.36 26.67
C MET E 24 11.29 7.61 27.04
N ARG E 25 12.59 7.56 26.77
CA ARG E 25 13.47 8.68 27.05
C ARG E 25 13.15 9.91 26.18
N LEU E 26 12.91 9.67 24.88
CA LEU E 26 12.52 10.73 23.95
C LEU E 26 11.25 11.43 24.39
N LYS E 27 10.25 10.65 24.70
CA LYS E 27 8.95 11.19 25.08
C LYS E 27 9.06 12.01 26.35
N SER E 28 9.82 11.46 27.29
CA SER E 28 10.11 12.15 28.55
C SER E 28 10.81 13.51 28.33
N ASP E 29 11.85 13.50 27.49
CA ASP E 29 12.58 14.73 27.17
C ASP E 29 11.69 15.76 26.47
N LEU E 30 10.85 15.34 25.51
CA LEU E 30 9.93 16.23 24.85
C LEU E 30 8.79 16.78 25.77
N PHE E 31 8.13 15.92 26.52
CA PHE E 31 7.26 16.43 27.55
C PHE E 31 7.99 17.49 28.44
N ASN E 32 9.34 17.27 28.79
CA ASN E 32 9.97 18.17 29.68
C ASN E 32 10.73 19.37 29.15
N ARG E 33 10.34 19.82 28.05
CA ARG E 33 11.08 20.98 27.37
C ARG E 33 10.52 22.39 27.64
N SER E 34 9.24 22.37 27.82
CA SER E 34 8.42 23.61 27.96
C SER E 34 7.07 23.09 28.52
N PRO E 35 6.13 24.03 28.88
CA PRO E 35 4.71 23.75 28.74
C PRO E 35 4.38 23.38 27.27
N MET E 36 3.22 22.86 27.05
CA MET E 36 2.65 22.65 25.78
C MET E 36 2.62 23.94 24.90
N TYR E 37 2.70 23.70 23.58
CA TYR E 37 2.65 24.77 22.65
C TYR E 37 1.35 25.54 22.86
N PRO E 38 1.44 26.87 23.07
CA PRO E 38 0.20 27.67 23.32
C PRO E 38 -0.57 28.02 22.07
N GLY E 39 -0.17 27.49 20.92
CA GLY E 39 -0.79 27.85 19.63
C GLY E 39 -0.06 29.03 18.97
N PRO E 40 -0.35 29.28 17.69
CA PRO E 40 0.33 30.29 16.90
C PRO E 40 -0.07 31.72 17.24
N THR E 41 0.74 32.67 16.82
CA THR E 41 0.42 34.13 16.91
C THR E 41 0.81 34.81 15.59
N LYS E 42 0.50 36.11 15.47
CA LYS E 42 0.91 36.92 14.32
C LYS E 42 2.43 36.82 14.10
N ASP E 43 3.21 36.88 15.18
CA ASP E 43 4.68 36.79 15.12
C ASP E 43 5.23 35.41 14.82
N ASP E 44 4.48 34.36 15.13
CA ASP E 44 4.91 32.98 14.85
C ASP E 44 3.76 32.16 14.26
N PRO E 45 3.39 32.43 13.00
CA PRO E 45 2.24 31.75 12.43
C PRO E 45 2.56 30.34 12.07
N LEU E 46 1.52 29.61 11.74
CA LEU E 46 1.58 28.19 11.54
C LEU E 46 0.84 27.90 10.26
N THR E 47 1.41 27.02 9.43
CA THR E 47 0.70 26.57 8.25
C THR E 47 0.26 25.11 8.51
N VAL E 48 -1.02 24.88 8.26
CA VAL E 48 -1.61 23.59 8.39
C VAL E 48 -2.06 23.10 7.02
N THR E 49 -1.64 21.88 6.68
CA THR E 49 -1.99 21.26 5.46
C THR E 49 -3.13 20.32 5.67
N LEU E 50 -4.03 20.25 4.73
CA LEU E 50 -5.36 19.66 4.90
C LEU E 50 -5.76 18.95 3.61
N GLY E 51 -6.17 17.70 3.72
CA GLY E 51 -6.72 16.93 2.60
C GLY E 51 -7.78 15.96 3.08
N PHE E 52 -8.69 15.59 2.20
CA PHE E 52 -9.83 14.80 2.55
C PHE E 52 -9.86 13.51 1.76
N THR E 53 -10.16 12.43 2.46
CA THR E 53 -10.45 11.16 1.85
C THR E 53 -11.91 10.87 2.07
N LEU E 54 -12.70 10.78 1.00
CA LEU E 54 -14.13 10.63 1.09
C LEU E 54 -14.44 9.16 1.03
N GLN E 55 -15.06 8.63 2.09
CA GLN E 55 -15.30 7.20 2.18
C GLN E 55 -16.72 6.83 1.79
N ASP E 56 -17.71 7.63 2.19
CA ASP E 56 -19.10 7.34 1.78
C ASP E 56 -20.00 8.54 2.02
N ILE E 57 -21.01 8.70 1.17
CA ILE E 57 -22.12 9.57 1.50
C ILE E 57 -23.15 8.62 2.06
N VAL E 58 -23.40 8.71 3.37
CA VAL E 58 -24.18 7.69 4.09
C VAL E 58 -25.65 8.01 4.24
N LYS E 59 -26.05 9.26 4.04
CA LYS E 59 -27.44 9.67 4.29
C LYS E 59 -27.74 11.01 3.63
N VAL E 60 -28.91 11.12 3.05
CA VAL E 60 -29.39 12.34 2.46
C VAL E 60 -30.79 12.58 2.97
N ASP E 61 -31.12 13.77 3.44
CA ASP E 61 -32.47 14.01 4.03
C ASP E 61 -33.02 15.30 3.43
N SER E 62 -33.99 15.13 2.56
CA SER E 62 -34.53 16.26 1.81
C SER E 62 -35.60 17.02 2.57
N SER E 63 -36.08 16.45 3.68
CA SER E 63 -37.05 17.17 4.50
C SER E 63 -36.37 18.16 5.44
N THR E 64 -35.10 17.95 5.77
CA THR E 64 -34.34 18.89 6.60
C THR E 64 -33.14 19.54 5.89
N ASN E 65 -32.87 19.14 4.65
CA ASN E 65 -31.67 19.56 3.95
C ASN E 65 -30.39 19.30 4.75
N GLU E 66 -30.23 18.06 5.20
CA GLU E 66 -28.99 17.55 5.81
C GLU E 66 -28.41 16.41 4.93
N VAL E 67 -27.10 16.32 4.89
CA VAL E 67 -26.43 15.20 4.26
C VAL E 67 -25.37 14.73 5.23
N ASP E 68 -25.15 13.42 5.34
CA ASP E 68 -24.13 12.85 6.21
C ASP E 68 -22.99 12.23 5.35
N LEU E 69 -21.74 12.58 5.65
CA LEU E 69 -20.58 12.00 5.00
C LEU E 69 -19.78 11.29 6.01
N VAL E 70 -19.02 10.30 5.56
CA VAL E 70 -17.93 9.73 6.33
C VAL E 70 -16.66 10.00 5.51
N TYR E 71 -15.66 10.58 6.15
CA TYR E 71 -14.42 10.93 5.54
C TYR E 71 -13.29 10.91 6.56
N TRP E 72 -12.05 10.95 6.06
CA TRP E 72 -10.84 11.09 6.87
C TRP E 72 -10.25 12.44 6.58
N GLU E 73 -9.78 13.14 7.58
CA GLU E 73 -9.29 14.49 7.44
C GLU E 73 -7.82 14.44 7.77
N ARG E 74 -6.97 14.55 6.77
CA ARG E 74 -5.53 14.54 6.99
C ARG E 74 -5.13 15.96 7.38
N GLN E 75 -4.47 16.11 8.52
CA GLN E 75 -3.95 17.39 8.98
C GLN E 75 -2.50 17.29 9.29
N ARG E 76 -1.72 18.28 8.85
CA ARG E 76 -0.31 18.24 9.08
C ARG E 76 0.20 19.63 9.40
N TRP E 77 1.11 19.72 10.36
CA TRP E 77 1.76 21.00 10.70
C TRP E 77 3.09 20.64 11.32
N LYS E 78 3.87 21.63 11.67
CA LYS E 78 5.23 21.43 12.14
C LYS E 78 5.58 22.38 13.23
N LEU E 79 6.23 21.90 14.27
CA LEU E 79 6.66 22.75 15.40
C LEU E 79 8.13 22.53 15.70
N ASN E 80 8.90 23.61 15.79
CA ASN E 80 10.34 23.51 16.07
C ASN E 80 10.59 22.88 17.43
N SER E 81 9.70 23.11 18.37
CA SER E 81 9.79 22.54 19.72
C SER E 81 9.61 21.06 19.78
N LEU E 82 9.17 20.42 18.72
CA LEU E 82 9.00 18.95 18.68
C LEU E 82 10.15 18.28 17.86
N MET E 83 11.24 19.00 17.54
CA MET E 83 12.37 18.41 16.82
C MET E 83 13.32 17.65 17.71
N TRP E 84 14.02 16.68 17.16
CA TRP E 84 15.08 15.97 17.85
C TRP E 84 16.05 15.34 16.84
N ASP E 85 17.25 15.05 17.28
CA ASP E 85 18.22 14.36 16.46
C ASP E 85 18.07 12.84 16.67
N PRO E 86 17.67 12.10 15.63
CA PRO E 86 17.53 10.64 15.79
C PRO E 86 18.76 9.90 16.34
N ASN E 87 19.95 10.39 16.08
CA ASN E 87 21.17 9.80 16.60
C ASN E 87 21.29 9.87 18.11
N GLU E 88 20.63 10.84 18.74
CA GLU E 88 20.60 10.93 20.19
C GLU E 88 19.60 9.96 20.81
N TYR E 89 18.69 9.39 20.01
CA TYR E 89 17.62 8.53 20.52
C TYR E 89 17.50 7.20 19.79
N GLY E 90 18.60 6.49 19.67
CA GLY E 90 18.65 5.18 19.01
C GLY E 90 17.97 5.11 17.65
N ASN E 91 18.11 6.18 16.88
CA ASN E 91 17.64 6.27 15.49
C ASN E 91 16.16 6.30 15.31
N ILE E 92 15.44 6.62 16.37
CA ILE E 92 14.02 6.85 16.29
C ILE E 92 13.82 8.12 15.50
N THR E 93 13.02 8.01 14.44
CA THR E 93 12.72 9.08 13.54
C THR E 93 11.27 9.53 13.65
N ASP E 94 10.42 8.71 14.24
CA ASP E 94 9.04 9.09 14.52
C ASP E 94 8.42 8.23 15.60
N PHE E 95 7.29 8.69 16.15
CA PHE E 95 6.53 7.94 17.12
C PHE E 95 5.07 8.39 17.11
N ARG E 96 4.23 7.59 17.70
CA ARG E 96 2.83 7.76 17.83
C ARG E 96 2.52 8.20 19.22
N THR E 97 1.49 9.02 19.39
CA THR E 97 1.10 9.49 20.70
C THR E 97 -0.32 9.99 20.64
N SER E 98 -0.99 9.91 21.79
CA SER E 98 -2.35 10.32 21.93
C SER E 98 -2.45 11.79 21.53
N ALA E 99 -3.46 12.15 20.77
CA ALA E 99 -3.68 13.53 20.38
C ALA E 99 -3.85 14.47 21.58
N ALA E 100 -4.26 13.91 22.74
CA ALA E 100 -4.39 14.72 23.94
C ALA E 100 -3.02 15.21 24.49
N ASP E 101 -1.94 14.50 24.18
CA ASP E 101 -0.60 14.91 24.61
C ASP E 101 -0.01 16.09 23.82
N ILE E 102 -0.64 16.52 22.72
CA ILE E 102 -0.12 17.62 21.94
C ILE E 102 -1.18 18.62 21.57
N TRP E 103 -0.72 19.80 21.17
CA TRP E 103 -1.60 20.81 20.62
C TRP E 103 -2.08 20.32 19.27
N THR E 104 -3.35 20.51 18.98
CA THR E 104 -3.95 20.28 17.69
C THR E 104 -4.71 21.53 17.24
N PRO E 105 -4.83 21.76 15.92
CA PRO E 105 -5.50 22.97 15.50
C PRO E 105 -7.02 22.85 15.57
N ASP E 106 -7.71 23.99 15.68
CA ASP E 106 -9.18 24.04 15.87
C ASP E 106 -9.99 24.10 14.57
N ILE E 107 -9.61 23.26 13.63
CA ILE E 107 -10.26 23.17 12.34
C ILE E 107 -11.61 22.61 12.58
N THR E 108 -12.65 23.22 12.02
CA THR E 108 -14.02 22.72 12.18
C THR E 108 -14.76 22.89 10.88
N ALA E 109 -15.76 22.05 10.65
CA ALA E 109 -16.77 22.30 9.63
C ALA E 109 -17.60 23.52 10.02
N TYR E 110 -17.84 24.40 9.05
CA TYR E 110 -18.56 25.63 9.26
C TYR E 110 -20.05 25.52 9.11
N SER E 111 -20.55 24.45 8.52
CA SER E 111 -21.99 24.30 8.31
C SER E 111 -22.48 22.95 8.82
N SER E 112 -21.87 22.44 9.89
CA SER E 112 -22.40 21.22 10.55
C SER E 112 -23.74 21.51 11.22
N THR E 113 -24.59 20.48 11.27
CA THR E 113 -25.87 20.53 11.95
C THR E 113 -25.92 19.68 13.22
N ARG E 114 -24.90 18.84 13.43
CA ARG E 114 -24.76 17.98 14.62
C ARG E 114 -23.32 17.91 15.02
N PRO E 115 -23.05 17.61 16.30
CA PRO E 115 -21.64 17.44 16.66
C PRO E 115 -20.99 16.34 15.80
N VAL E 116 -19.77 16.52 15.38
CA VAL E 116 -19.12 15.60 14.48
C VAL E 116 -18.76 14.35 15.32
N GLN E 117 -18.93 13.16 14.74
CA GLN E 117 -18.61 11.89 15.41
C GLN E 117 -17.29 11.33 14.92
N VAL E 118 -16.37 11.10 15.82
CA VAL E 118 -15.07 10.59 15.57
C VAL E 118 -15.13 9.09 15.47
N LEU E 119 -14.57 8.52 14.40
CA LEU E 119 -14.66 7.10 14.09
C LEU E 119 -13.33 6.37 14.24
N SER E 120 -12.27 7.06 14.60
CA SER E 120 -10.94 6.52 14.67
C SER E 120 -10.32 6.89 16.00
N PRO E 121 -9.34 6.09 16.48
CA PRO E 121 -8.56 6.46 17.63
C PRO E 121 -7.87 7.81 17.40
N GLN E 122 -7.76 8.56 18.51
CA GLN E 122 -7.24 9.94 18.45
C GLN E 122 -5.76 9.88 18.77
N ILE E 123 -4.99 9.58 17.75
CA ILE E 123 -3.58 9.30 17.88
C ILE E 123 -2.92 10.05 16.75
N ALA E 124 -1.80 10.68 17.04
CA ALA E 124 -1.05 11.46 16.05
C ALA E 124 0.33 10.82 15.84
N VAL E 125 0.96 11.14 14.71
CA VAL E 125 2.31 10.74 14.43
C VAL E 125 3.20 11.97 14.47
N VAL E 126 4.27 11.92 15.24
CA VAL E 126 5.25 12.98 15.36
C VAL E 126 6.59 12.51 14.77
N THR E 127 7.19 13.36 13.95
CA THR E 127 8.42 13.03 13.21
C THR E 127 9.52 13.95 13.69
N HIS E 128 10.77 13.48 13.59
CA HIS E 128 11.92 14.16 14.17
C HIS E 128 12.20 15.56 13.66
N ASP E 129 11.66 15.92 12.50
CA ASP E 129 11.74 17.31 11.99
C ASP E 129 10.67 18.21 12.63
N GLY E 130 9.90 17.70 13.59
CA GLY E 130 8.89 18.47 14.29
C GLY E 130 7.51 18.43 13.64
N SER E 131 7.35 17.65 12.56
CA SER E 131 6.06 17.58 11.90
C SER E 131 5.14 16.60 12.60
N VAL E 132 3.86 16.93 12.58
CA VAL E 132 2.81 16.17 13.19
C VAL E 132 1.80 15.84 12.10
N MET E 133 1.30 14.61 12.08
CA MET E 133 0.24 14.16 11.22
C MET E 133 -0.89 13.66 12.14
N PHE E 134 -2.11 14.14 11.90
CA PHE E 134 -3.28 13.70 12.61
C PHE E 134 -4.38 13.44 11.58
N ILE E 135 -4.97 12.25 11.60
CA ILE E 135 -5.93 11.81 10.59
C ILE E 135 -7.19 11.25 11.22
N PRO E 136 -8.03 12.13 11.81
CA PRO E 136 -9.32 11.68 12.31
C PRO E 136 -10.31 11.29 11.21
N ALA E 137 -10.88 10.10 11.32
CA ALA E 137 -12.01 9.67 10.55
C ALA E 137 -13.28 10.14 11.27
N GLN E 138 -14.24 10.61 10.51
CA GLN E 138 -15.37 11.33 11.04
C GLN E 138 -16.64 11.11 10.24
N ARG E 139 -17.77 11.17 10.94
CA ARG E 139 -19.08 11.29 10.33
C ARG E 139 -19.65 12.69 10.62
N LEU E 140 -20.02 13.41 9.57
CA LEU E 140 -20.44 14.80 9.66
C LEU E 140 -21.83 14.89 9.05
N SER E 141 -22.80 15.47 9.77
CA SER E 141 -24.03 15.98 9.18
C SER E 141 -23.87 17.46 8.84
N PHE E 142 -24.25 17.85 7.62
CA PHE E 142 -24.13 19.26 7.22
C PHE E 142 -25.23 19.75 6.30
N MET E 143 -25.27 21.07 6.17
CA MET E 143 -26.33 21.75 5.45
C MET E 143 -26.10 21.53 3.96
N CYS E 144 -27.10 20.95 3.30
CA CYS E 144 -27.09 20.70 1.89
C CYS E 144 -28.50 20.37 1.46
N ASP E 145 -28.99 21.09 0.47
CA ASP E 145 -30.23 20.77 -0.25
C ASP E 145 -29.97 19.73 -1.34
N PRO E 146 -30.43 18.48 -1.15
CA PRO E 146 -30.12 17.42 -2.07
C PRO E 146 -31.12 17.26 -3.23
N THR E 147 -31.96 18.26 -3.48
CA THR E 147 -32.84 18.26 -4.64
C THR E 147 -32.05 18.02 -5.89
N GLY E 148 -32.49 17.04 -6.66
CA GLY E 148 -31.83 16.66 -7.90
C GLY E 148 -30.86 15.51 -7.78
N VAL E 149 -30.66 14.99 -6.57
CA VAL E 149 -29.76 13.87 -6.34
C VAL E 149 -30.13 12.63 -7.17
N ASP E 150 -31.42 12.47 -7.41
CA ASP E 150 -31.96 11.32 -8.14
C ASP E 150 -32.12 11.59 -9.65
N SER E 151 -31.43 12.59 -10.19
CA SER E 151 -31.40 12.84 -11.62
C SER E 151 -30.02 12.54 -12.20
N GLU E 152 -29.87 12.66 -13.50
CA GLU E 152 -28.58 12.40 -14.16
C GLU E 152 -27.54 13.45 -13.83
N GLU E 153 -27.96 14.72 -13.70
CA GLU E 153 -27.07 15.83 -13.40
C GLU E 153 -26.55 15.75 -11.97
N GLY E 154 -27.38 15.18 -11.10
CA GLY E 154 -27.03 15.06 -9.70
C GLY E 154 -27.16 16.40 -9.00
N VAL E 155 -26.46 16.53 -7.91
CA VAL E 155 -26.58 17.68 -7.03
C VAL E 155 -25.19 17.98 -6.52
N THR E 156 -24.94 19.22 -6.18
CA THR E 156 -23.66 19.65 -5.66
C THR E 156 -23.90 20.15 -4.27
N CYS E 157 -23.14 19.67 -3.29
CA CYS E 157 -22.98 20.42 -2.05
C CYS E 157 -21.57 20.63 -1.61
N ALA E 158 -21.47 21.47 -0.59
CA ALA E 158 -20.20 22.08 -0.21
C ALA E 158 -20.22 22.30 1.27
N VAL E 159 -19.08 22.10 1.88
CA VAL E 159 -18.92 22.39 3.27
C VAL E 159 -17.48 22.81 3.38
N LYS E 160 -17.21 23.86 4.13
CA LYS E 160 -15.88 24.33 4.31
C LYS E 160 -15.37 24.08 5.69
N PHE E 161 -14.05 23.95 5.77
CA PHE E 161 -13.36 23.61 6.98
C PHE E 161 -12.28 24.62 7.27
N GLY E 162 -12.25 25.21 8.46
CA GLY E 162 -11.18 26.07 8.87
C GLY E 162 -11.12 26.32 10.34
N SER E 163 -10.14 27.09 10.76
CA SER E 163 -10.01 27.45 12.14
C SER E 163 -11.25 28.23 12.57
N TRP E 164 -11.72 27.96 13.77
CA TRP E 164 -12.86 28.68 14.35
C TRP E 164 -12.44 30.02 14.86
N VAL E 165 -11.25 30.14 15.43
CA VAL E 165 -10.85 31.40 16.06
C VAL E 165 -9.52 32.02 15.62
N TYR E 166 -8.72 31.33 14.82
CA TYR E 166 -7.44 31.90 14.36
C TYR E 166 -7.65 32.42 12.95
N SER E 167 -7.26 33.68 12.72
CA SER E 167 -7.29 34.25 11.40
C SER E 167 -6.13 33.73 10.54
N GLY E 168 -6.18 34.14 9.26
CA GLY E 168 -5.07 33.91 8.36
C GLY E 168 -3.68 34.40 8.78
N PHE E 169 -3.66 35.41 9.62
CA PHE E 169 -2.42 35.89 10.21
C PHE E 169 -1.77 34.96 11.24
N GLU E 170 -2.53 34.00 11.78
CA GLU E 170 -2.03 33.04 12.75
C GLU E 170 -1.97 31.61 12.21
N ILE E 171 -3.01 31.18 11.51
CA ILE E 171 -3.10 29.89 10.89
C ILE E 171 -3.45 30.06 9.43
N ASP E 172 -2.52 29.64 8.56
CA ASP E 172 -2.74 29.54 7.14
C ASP E 172 -3.03 28.09 6.81
N LEU E 173 -3.89 27.82 5.84
CA LEU E 173 -4.20 26.50 5.36
C LEU E 173 -3.67 26.35 3.94
N LYS E 174 -3.18 25.15 3.62
CA LYS E 174 -2.98 24.76 2.28
C LYS E 174 -3.43 23.34 2.06
N THR E 175 -3.51 22.94 0.81
CA THR E 175 -3.83 21.60 0.41
C THR E 175 -2.68 21.12 -0.44
N ASP E 176 -2.38 19.82 -0.44
CA ASP E 176 -1.37 19.27 -1.37
C ASP E 176 -1.92 19.07 -2.74
N THR E 177 -3.24 18.99 -2.86
CA THR E 177 -3.87 18.74 -4.15
C THR E 177 -5.27 19.32 -4.09
N ASP E 178 -5.83 19.60 -5.25
CA ASP E 178 -7.20 20.03 -5.38
C ASP E 178 -8.21 18.90 -5.42
N GLN E 179 -7.77 17.66 -5.62
CA GLN E 179 -8.68 16.53 -5.80
C GLN E 179 -8.83 15.84 -4.46
N VAL E 180 -10.07 15.66 -4.03
CA VAL E 180 -10.38 14.82 -2.88
C VAL E 180 -9.99 13.36 -3.21
N ASP E 181 -9.31 12.71 -2.28
CA ASP E 181 -8.94 11.32 -2.46
C ASP E 181 -10.23 10.44 -2.42
N LEU E 182 -10.52 9.83 -3.58
CA LEU E 182 -11.63 8.93 -3.78
C LEU E 182 -11.21 7.44 -3.83
N SER E 183 -9.97 7.12 -3.48
CA SER E 183 -9.48 5.75 -3.63
C SER E 183 -10.00 4.76 -2.58
N SER E 184 -10.58 5.25 -1.49
CA SER E 184 -11.26 4.36 -0.50
C SER E 184 -12.76 4.60 -0.52
N TYR E 185 -13.30 5.15 -1.59
CA TYR E 185 -14.75 5.41 -1.64
C TYR E 185 -15.46 4.08 -1.78
N TYR E 186 -16.50 3.87 -0.96
CA TYR E 186 -17.19 2.59 -0.90
C TYR E 186 -17.76 2.19 -2.26
N ALA E 187 -17.31 1.06 -2.77
CA ALA E 187 -17.69 0.61 -4.10
C ALA E 187 -19.19 0.40 -4.29
N SER E 188 -19.93 0.10 -3.21
CA SER E 188 -21.37 -0.14 -3.34
C SER E 188 -22.21 0.92 -2.65
N SER E 189 -21.73 2.15 -2.63
CA SER E 189 -22.49 3.27 -2.08
C SER E 189 -23.82 3.43 -2.78
N LYS E 190 -24.83 4.00 -2.13
CA LYS E 190 -26.04 4.44 -2.83
C LYS E 190 -25.70 5.55 -3.86
N TYR E 191 -24.60 6.28 -3.62
CA TYR E 191 -24.29 7.48 -4.36
C TYR E 191 -22.98 7.34 -5.15
N GLU E 192 -23.04 7.81 -6.39
CA GLU E 192 -21.92 7.86 -7.29
C GLU E 192 -21.35 9.28 -7.23
N ILE E 193 -20.02 9.39 -7.09
CA ILE E 193 -19.35 10.68 -7.02
C ILE E 193 -18.99 11.17 -8.41
N LEU E 194 -19.57 12.28 -8.85
CA LEU E 194 -19.26 12.84 -10.17
C LEU E 194 -18.06 13.76 -10.11
N SER E 195 -17.86 14.45 -8.99
CA SER E 195 -16.75 15.36 -8.83
C SER E 195 -16.54 15.62 -7.36
N ALA E 196 -15.29 15.83 -6.95
CA ALA E 196 -14.98 16.10 -5.56
C ALA E 196 -13.69 16.90 -5.45
N THR E 197 -13.78 18.15 -5.02
CA THR E 197 -12.64 19.03 -4.92
C THR E 197 -12.45 19.61 -3.53
N GLN E 198 -11.22 20.01 -3.24
CA GLN E 198 -10.84 20.69 -2.01
C GLN E 198 -10.01 21.93 -2.38
N THR E 199 -10.52 23.11 -2.03
CA THR E 199 -9.98 24.37 -2.52
C THR E 199 -9.81 25.35 -1.38
N ARG E 200 -8.61 25.80 -1.15
CA ARG E 200 -8.31 26.89 -0.25
C ARG E 200 -9.04 28.19 -0.66
N GLN E 201 -9.63 28.88 0.31
CA GLN E 201 -10.36 30.13 0.12
C GLN E 201 -10.10 31.07 1.25
N VAL E 202 -10.25 32.34 0.98
CA VAL E 202 -10.10 33.41 1.94
C VAL E 202 -11.50 33.97 2.19
N GLN E 203 -11.93 34.02 3.46
CA GLN E 203 -13.22 34.58 3.84
C GLN E 203 -13.02 35.82 4.69
N HIS E 204 -13.83 36.83 4.42
CA HIS E 204 -13.87 38.03 5.27
C HIS E 204 -15.21 38.09 5.99
N TYR E 205 -15.19 38.34 7.30
CA TYR E 205 -16.40 38.51 8.08
C TYR E 205 -16.57 39.96 8.45
N SER E 206 -17.81 40.42 8.59
CA SER E 206 -18.06 41.83 9.03
C SER E 206 -17.50 42.20 10.39
N CYS E 207 -17.46 41.25 11.33
CA CYS E 207 -16.93 41.46 12.69
C CYS E 207 -15.46 41.88 12.77
N CYS E 208 -14.65 41.44 11.80
CA CYS E 208 -13.23 41.31 11.96
C CYS E 208 -12.55 41.90 10.74
N PRO E 209 -11.43 42.61 10.88
CA PRO E 209 -10.68 43.03 9.67
C PRO E 209 -9.80 41.93 9.07
N GLU E 210 -9.49 40.90 9.86
CA GLU E 210 -8.58 39.87 9.41
C GLU E 210 -9.29 38.84 8.55
N PRO E 211 -8.63 38.40 7.47
CA PRO E 211 -9.22 37.29 6.69
C PRO E 211 -9.11 35.97 7.46
N TYR E 212 -10.06 35.08 7.24
CA TYR E 212 -10.02 33.71 7.75
C TYR E 212 -9.86 32.76 6.58
N ILE E 213 -9.15 31.66 6.80
CA ILE E 213 -8.86 30.73 5.71
C ILE E 213 -9.58 29.45 5.93
N ASP E 214 -10.21 28.97 4.87
CA ASP E 214 -10.87 27.68 4.86
C ASP E 214 -10.52 26.88 3.62
N VAL E 215 -10.78 25.58 3.70
CA VAL E 215 -10.73 24.68 2.58
C VAL E 215 -12.15 24.25 2.31
N ASN E 216 -12.61 24.50 1.09
CA ASN E 216 -13.94 24.20 0.66
C ASN E 216 -13.98 22.84 -0.02
N LEU E 217 -14.77 21.93 0.57
CA LEU E 217 -14.95 20.60 0.05
C LEU E 217 -16.25 20.62 -0.74
N VAL E 218 -16.15 20.47 -2.05
CA VAL E 218 -17.29 20.56 -2.95
C VAL E 218 -17.44 19.19 -3.59
N VAL E 219 -18.59 18.57 -3.38
CA VAL E 219 -18.86 17.23 -3.87
C VAL E 219 -20.12 17.25 -4.71
N LYS E 220 -20.01 16.78 -5.95
CA LYS E 220 -21.15 16.63 -6.82
C LYS E 220 -21.42 15.14 -6.92
N PHE E 221 -22.68 14.75 -6.76
CA PHE E 221 -23.03 13.34 -6.66
C PHE E 221 -24.47 13.09 -7.06
N ARG E 222 -24.77 11.82 -7.29
CA ARG E 222 -26.12 11.39 -7.62
C ARG E 222 -26.36 9.96 -7.20
N GLU E 223 -27.61 9.50 -7.27
CA GLU E 223 -27.93 8.11 -6.93
C GLU E 223 -27.39 7.15 -7.97
N ARG E 224 -27.30 5.87 -7.61
CA ARG E 224 -26.96 4.74 -8.51
C ARG E 224 -25.47 4.69 -8.65
N GLN F 20 -12.66 -18.65 -22.13
CA GLN F 20 -11.42 -18.53 -22.98
C GLN F 20 -11.86 -18.18 -24.40
N ALA F 21 -12.97 -18.83 -24.91
CA ALA F 21 -13.49 -18.62 -26.25
C ALA F 21 -13.80 -17.15 -26.56
N ASN F 22 -14.44 -16.43 -25.66
CA ASN F 22 -14.76 -15.04 -25.88
C ASN F 22 -13.51 -14.17 -25.98
N LEU F 23 -12.57 -14.42 -25.08
CA LEU F 23 -11.35 -13.67 -25.08
C LEU F 23 -10.53 -13.97 -26.36
N MET F 24 -10.47 -15.25 -26.75
CA MET F 24 -9.77 -15.60 -28.01
C MET F 24 -10.39 -14.87 -29.21
N ARG F 25 -11.71 -14.78 -29.23
CA ARG F 25 -12.43 -14.12 -30.30
C ARG F 25 -12.18 -12.61 -30.32
N LEU F 26 -12.19 -11.99 -29.15
CA LEU F 26 -11.89 -10.57 -29.01
C LEU F 26 -10.50 -10.24 -29.52
N LYS F 27 -9.52 -11.01 -29.08
CA LYS F 27 -8.13 -10.76 -29.45
C LYS F 27 -7.95 -10.92 -30.96
N SER F 28 -8.58 -11.96 -31.49
CA SER F 28 -8.58 -12.18 -32.92
C SER F 28 -9.20 -11.03 -33.70
N ASP F 29 -10.35 -10.54 -33.27
CA ASP F 29 -11.01 -9.39 -33.90
C ASP F 29 -10.17 -8.14 -33.85
N LEU F 30 -9.55 -7.85 -32.71
CA LEU F 30 -8.68 -6.68 -32.56
C LEU F 30 -7.36 -6.78 -33.35
N PHE F 31 -6.65 -7.91 -33.27
CA PHE F 31 -5.27 -7.97 -33.76
C PHE F 31 -5.08 -8.65 -35.10
N ASN F 32 -5.87 -9.66 -35.44
CA ASN F 32 -5.76 -10.37 -36.73
C ASN F 32 -6.64 -9.84 -37.84
N ARG F 33 -7.63 -8.99 -37.54
CA ARG F 33 -8.57 -8.53 -38.56
C ARG F 33 -8.34 -7.09 -39.04
N SER F 34 -7.35 -6.39 -38.50
CA SER F 34 -6.91 -5.11 -39.08
C SER F 34 -5.43 -4.91 -38.85
N PRO F 35 -4.80 -3.99 -39.62
CA PRO F 35 -3.36 -3.77 -39.37
C PRO F 35 -3.15 -3.15 -38.02
N MET F 36 -1.92 -3.24 -37.50
CA MET F 36 -1.62 -2.57 -36.24
C MET F 36 -1.73 -1.03 -36.43
N TYR F 37 -1.96 -0.35 -35.32
CA TYR F 37 -1.96 1.09 -35.29
C TYR F 37 -0.58 1.55 -35.77
N PRO F 38 -0.52 2.40 -36.82
CA PRO F 38 0.77 2.84 -37.37
C PRO F 38 1.41 3.98 -36.55
N GLY F 39 0.86 4.34 -35.40
CA GLY F 39 1.33 5.47 -34.61
C GLY F 39 0.64 6.78 -34.97
N PRO F 40 0.79 7.80 -34.13
CA PRO F 40 0.11 9.07 -34.31
C PRO F 40 0.69 9.94 -35.44
N THR F 41 -0.06 10.92 -35.89
CA THR F 41 0.42 11.96 -36.83
C THR F 41 -0.08 13.33 -36.37
N LYS F 42 0.32 14.41 -37.08
CA LYS F 42 -0.18 15.75 -36.81
C LYS F 42 -1.71 15.81 -36.82
N ASP F 43 -2.31 15.14 -37.78
CA ASP F 43 -3.78 15.09 -37.97
C ASP F 43 -4.50 14.22 -36.93
N ASP F 44 -3.82 13.24 -36.34
CA ASP F 44 -4.41 12.38 -35.30
C ASP F 44 -3.44 12.17 -34.14
N PRO F 45 -3.22 13.20 -33.32
CA PRO F 45 -2.23 13.08 -32.26
C PRO F 45 -2.74 12.26 -31.11
N LEU F 46 -1.82 11.95 -30.22
CA LEU F 46 -2.04 11.02 -29.16
C LEU F 46 -1.48 11.62 -27.90
N THR F 47 -2.16 11.45 -26.78
CA THR F 47 -1.65 11.82 -25.50
C THR F 47 -1.25 10.59 -24.70
N VAL F 48 -0.04 10.62 -24.20
CA VAL F 48 0.50 9.57 -23.37
C VAL F 48 0.75 10.12 -21.98
N THR F 49 0.24 9.44 -20.98
CA THR F 49 0.44 9.81 -19.60
C THR F 49 1.55 8.96 -19.04
N LEU F 50 2.38 9.57 -18.20
CA LEU F 50 3.62 9.03 -17.75
C LEU F 50 3.81 9.39 -16.27
N GLY F 51 4.14 8.42 -15.46
CA GLY F 51 4.50 8.59 -14.05
C GLY F 51 5.52 7.55 -13.63
N PHE F 52 6.31 7.88 -12.62
CA PHE F 52 7.42 7.07 -12.21
C PHE F 52 7.27 6.63 -10.78
N THR F 53 7.55 5.34 -10.56
CA THR F 53 7.64 4.77 -9.25
C THR F 53 9.09 4.41 -9.04
N LEU F 54 9.74 5.04 -8.07
CA LEU F 54 11.15 4.84 -7.84
C LEU F 54 11.29 3.77 -6.79
N GLN F 55 11.99 2.70 -7.16
CA GLN F 55 12.11 1.54 -6.28
C GLN F 55 13.43 1.51 -5.55
N ASP F 56 14.54 1.86 -6.21
CA ASP F 56 15.84 1.91 -5.53
C ASP F 56 16.86 2.67 -6.34
N ILE F 57 17.78 3.34 -5.65
CA ILE F 57 19.00 3.82 -6.28
C ILE F 57 19.99 2.73 -5.95
N VAL F 58 20.39 1.97 -6.97
CA VAL F 58 21.15 0.72 -6.74
C VAL F 58 22.65 0.89 -6.85
N LYS F 59 23.12 1.96 -7.46
CA LYS F 59 24.54 2.13 -7.71
C LYS F 59 24.87 3.58 -8.05
N VAL F 60 25.97 4.06 -7.50
CA VAL F 60 26.49 5.38 -7.74
C VAL F 60 27.95 5.23 -8.08
N ASP F 61 28.43 5.82 -9.17
CA ASP F 61 29.84 5.63 -9.58
C ASP F 61 30.44 7.01 -9.85
N SER F 62 31.30 7.45 -8.95
CA SER F 62 31.84 8.80 -9.01
C SER F 62 33.05 8.89 -9.94
N SER F 63 33.59 7.75 -10.35
CA SER F 63 34.71 7.77 -11.29
C SER F 63 34.23 7.92 -12.73
N THR F 64 32.99 7.54 -13.02
CA THR F 64 32.41 7.75 -14.37
C THR F 64 31.19 8.68 -14.40
N ASN F 65 30.75 9.17 -13.25
CA ASN F 65 29.52 9.94 -13.14
C ASN F 65 28.32 9.22 -13.76
N GLU F 66 28.10 7.99 -13.34
CA GLU F 66 26.89 7.21 -13.66
C GLU F 66 26.12 6.87 -12.37
N VAL F 67 24.80 6.86 -12.46
CA VAL F 67 23.97 6.40 -11.35
C VAL F 67 22.99 5.42 -11.94
N ASP F 68 22.69 4.34 -11.22
CA ASP F 68 21.73 3.33 -11.67
C ASP F 68 20.46 3.40 -10.77
N LEU F 69 19.30 3.46 -11.40
CA LEU F 69 18.02 3.43 -10.70
C LEU F 69 17.32 2.19 -11.14
N VAL F 70 16.46 1.70 -10.26
CA VAL F 70 15.41 0.76 -10.61
C VAL F 70 14.09 1.49 -10.36
N TYR F 71 13.23 1.49 -11.36
CA TYR F 71 11.97 2.18 -11.31
C TYR F 71 10.96 1.49 -12.22
N TRP F 72 9.70 1.83 -12.04
CA TRP F 72 8.59 1.38 -12.86
C TRP F 72 8.09 2.63 -13.58
N GLU F 73 7.79 2.45 -14.87
CA GLU F 73 7.34 3.53 -15.69
C GLU F 73 5.91 3.28 -16.04
N ARG F 74 4.98 4.01 -15.47
CA ARG F 74 3.57 3.83 -15.77
C ARG F 74 3.28 4.61 -17.02
N GLN F 75 2.77 3.95 -18.06
CA GLN F 75 2.40 4.60 -19.32
C GLN F 75 0.98 4.29 -19.66
N ARG F 76 0.25 5.31 -20.10
CA ARG F 76 -1.13 5.12 -20.43
C ARG F 76 -1.50 5.92 -21.64
N TRP F 77 -2.26 5.33 -22.54
CA TRP F 77 -2.78 6.05 -23.72
C TRP F 77 -4.05 5.35 -24.14
N LYS F 78 -4.70 5.88 -25.15
CA LYS F 78 -5.99 5.35 -25.58
C LYS F 78 -6.07 5.33 -27.08
N LEU F 79 -6.59 4.26 -27.64
CA LEU F 79 -6.80 4.14 -29.08
C LEU F 79 -8.23 3.72 -29.40
N ASN F 80 -8.82 4.39 -30.39
CA ASN F 80 -10.16 4.03 -30.85
C ASN F 80 -10.17 2.63 -31.42
N SER F 81 -9.07 2.24 -32.05
CA SER F 81 -8.99 0.93 -32.69
C SER F 81 -8.95 -0.22 -31.70
N LEU F 82 -8.74 0.06 -30.42
CA LEU F 82 -8.76 -0.97 -29.38
C LEU F 82 -10.05 -1.01 -28.56
N MET F 83 -11.12 -0.32 -29.02
CA MET F 83 -12.42 -0.31 -28.31
C MET F 83 -13.26 -1.52 -28.69
N TRP F 84 -14.13 -1.94 -27.78
CA TRP F 84 -15.10 -2.97 -28.03
C TRP F 84 -16.29 -2.84 -27.05
N ASP F 85 -17.41 -3.42 -27.43
CA ASP F 85 -18.56 -3.47 -26.56
C ASP F 85 -18.52 -4.76 -25.72
N PRO F 86 -18.36 -4.65 -24.41
CA PRO F 86 -18.33 -5.86 -23.56
C PRO F 86 -19.47 -6.85 -23.74
N ASN F 87 -20.66 -6.37 -24.09
CA ASN F 87 -21.80 -7.26 -24.31
C ASN F 87 -21.64 -8.15 -25.51
N GLU F 88 -20.83 -7.75 -26.48
CA GLU F 88 -20.53 -8.60 -27.63
C GLU F 88 -19.49 -9.68 -27.31
N TYR F 89 -18.78 -9.54 -26.19
CA TYR F 89 -17.68 -10.44 -25.82
C TYR F 89 -17.80 -11.01 -24.41
N GLY F 90 -18.95 -11.56 -24.08
CA GLY F 90 -19.19 -12.22 -22.79
C GLY F 90 -18.81 -11.37 -21.59
N ASN F 91 -19.05 -10.04 -21.69
CA ASN F 91 -18.84 -9.08 -20.62
C ASN F 91 -17.42 -8.85 -20.20
N ILE F 92 -16.49 -9.21 -21.08
CA ILE F 92 -15.08 -8.93 -20.90
C ILE F 92 -14.96 -7.40 -21.05
N THR F 93 -14.38 -6.78 -20.04
CA THR F 93 -14.15 -5.35 -19.99
C THR F 93 -12.69 -5.00 -20.07
N ASP F 94 -11.81 -5.97 -19.82
CA ASP F 94 -10.38 -5.77 -20.00
C ASP F 94 -9.66 -7.11 -20.17
N PHE F 95 -8.45 -7.05 -20.68
CA PHE F 95 -7.61 -8.23 -20.82
C PHE F 95 -6.14 -7.82 -20.85
N ARG F 96 -5.31 -8.81 -20.63
CA ARG F 96 -3.87 -8.69 -20.62
C ARG F 96 -3.34 -9.24 -21.92
N THR F 97 -2.29 -8.65 -22.43
CA THR F 97 -1.69 -9.12 -23.66
C THR F 97 -0.25 -8.64 -23.75
N SER F 98 0.55 -9.42 -24.47
CA SER F 98 1.92 -9.16 -24.69
C SER F 98 2.04 -7.79 -25.32
N ALA F 99 2.99 -6.99 -24.84
CA ALA F 99 3.26 -5.68 -25.44
C ALA F 99 3.64 -5.75 -26.90
N ALA F 100 4.15 -6.91 -27.33
CA ALA F 100 4.49 -7.10 -28.75
C ALA F 100 3.25 -7.16 -29.66
N ASP F 101 2.09 -7.49 -29.13
CA ASP F 101 0.82 -7.47 -29.90
C ASP F 101 0.28 -6.08 -30.23
N ILE F 102 0.80 -5.04 -29.60
CA ILE F 102 0.24 -3.71 -29.74
C ILE F 102 1.31 -2.68 -30.00
N TRP F 103 0.89 -1.54 -30.53
CA TRP F 103 1.76 -0.37 -30.59
C TRP F 103 2.01 0.13 -29.20
N THR F 104 3.26 0.49 -28.92
CA THR F 104 3.67 1.16 -27.71
C THR F 104 4.46 2.43 -28.06
N PRO F 105 4.42 3.44 -27.20
CA PRO F 105 5.14 4.68 -27.56
C PRO F 105 6.65 4.55 -27.29
N ASP F 106 7.44 5.33 -28.03
CA ASP F 106 8.92 5.27 -28.01
C ASP F 106 9.58 6.19 -26.98
N ILE F 107 9.06 6.16 -25.77
CA ILE F 107 9.52 7.04 -24.70
C ILE F 107 10.88 6.49 -24.31
N THR F 108 11.87 7.36 -24.17
CA THR F 108 13.23 6.91 -23.82
C THR F 108 13.86 7.95 -22.91
N ALA F 109 14.79 7.47 -22.07
CA ALA F 109 15.67 8.37 -21.35
C ALA F 109 16.62 9.03 -22.29
N TYR F 110 16.83 10.33 -22.11
CA TYR F 110 17.67 11.16 -22.98
C TYR F 110 19.10 11.17 -22.58
N SER F 111 19.45 10.75 -21.36
CA SER F 111 20.86 10.77 -20.93
C SER F 111 21.28 9.41 -20.37
N SER F 112 20.74 8.33 -20.93
CA SER F 112 21.23 6.99 -20.53
C SER F 112 22.66 6.74 -21.03
N THR F 113 23.40 5.94 -20.29
CA THR F 113 24.75 5.53 -20.67
C THR F 113 24.85 4.05 -21.06
N ARG F 114 23.80 3.28 -20.82
CA ARG F 114 23.71 1.85 -21.15
C ARG F 114 22.32 1.53 -21.65
N PRO F 115 22.18 0.46 -22.44
CA PRO F 115 20.84 0.05 -22.79
C PRO F 115 20.03 -0.26 -21.51
N VAL F 116 18.76 0.10 -21.51
CA VAL F 116 17.92 -0.08 -20.38
C VAL F 116 17.62 -1.59 -20.21
N GLN F 117 17.63 -2.08 -18.98
CA GLN F 117 17.35 -3.49 -18.68
C GLN F 117 15.95 -3.66 -18.14
N VAL F 118 15.17 -4.50 -18.82
CA VAL F 118 13.78 -4.73 -18.45
C VAL F 118 13.73 -5.78 -17.35
N LEU F 119 12.98 -5.49 -16.28
CA LEU F 119 12.94 -6.35 -15.10
C LEU F 119 11.61 -7.05 -14.92
N SER F 120 10.64 -6.79 -15.78
CA SER F 120 9.29 -7.29 -15.61
C SER F 120 8.84 -7.88 -16.93
N PRO F 121 7.87 -8.80 -16.91
CA PRO F 121 7.26 -9.26 -18.15
C PRO F 121 6.64 -8.08 -18.92
N GLN F 122 6.70 -8.16 -20.24
CA GLN F 122 6.29 -7.11 -21.13
C GLN F 122 4.85 -7.35 -21.55
N ILE F 123 3.93 -7.01 -20.65
CA ILE F 123 2.54 -7.34 -20.78
C ILE F 123 1.80 -6.05 -20.46
N ALA F 124 0.76 -5.78 -21.23
CA ALA F 124 -0.05 -4.57 -21.08
C ALA F 124 -1.48 -4.96 -20.70
N VAL F 125 -2.23 -4.02 -20.14
CA VAL F 125 -3.63 -4.19 -19.88
C VAL F 125 -4.40 -3.30 -20.84
N VAL F 126 -5.36 -3.88 -21.57
CA VAL F 126 -6.21 -3.17 -22.50
C VAL F 126 -7.64 -3.20 -21.97
N THR F 127 -8.29 -2.04 -22.00
CA THR F 127 -9.65 -1.90 -21.46
C THR F 127 -10.58 -1.56 -22.61
N HIS F 128 -11.86 -1.91 -22.46
CA HIS F 128 -12.82 -1.82 -23.54
C HIS F 128 -13.07 -0.40 -24.11
N ASP F 129 -12.70 0.64 -23.37
CA ASP F 129 -12.73 2.01 -23.91
C ASP F 129 -11.51 2.35 -24.76
N GLY F 130 -10.65 1.36 -25.01
CA GLY F 130 -9.46 1.56 -25.84
C GLY F 130 -8.22 1.99 -25.11
N SER F 131 -8.30 2.12 -23.77
CA SER F 131 -7.14 2.55 -23.02
C SER F 131 -6.20 1.39 -22.74
N VAL F 132 -4.92 1.71 -22.73
CA VAL F 132 -3.87 0.76 -22.53
C VAL F 132 -3.07 1.26 -21.32
N MET F 133 -2.68 0.34 -20.45
CA MET F 133 -1.76 0.62 -19.35
C MET F 133 -0.57 -0.35 -19.54
N PHE F 134 0.64 0.18 -19.51
CA PHE F 134 1.85 -0.59 -19.64
C PHE F 134 2.81 -0.08 -18.58
N ILE F 135 3.33 -0.98 -17.74
CA ILE F 135 4.16 -0.62 -16.58
C ILE F 135 5.45 -1.44 -16.53
N PRO F 136 6.38 -1.15 -17.47
CA PRO F 136 7.66 -1.85 -17.41
C PRO F 136 8.55 -1.39 -16.24
N ALA F 137 9.07 -2.37 -15.53
CA ALA F 137 10.07 -2.12 -14.51
C ALA F 137 11.42 -2.23 -15.19
N GLN F 138 12.34 -1.34 -14.80
CA GLN F 138 13.55 -1.13 -15.52
C GLN F 138 14.70 -0.73 -14.62
N ARG F 139 15.91 -1.11 -15.04
CA ARG F 139 17.15 -0.58 -14.50
C ARG F 139 17.83 0.31 -15.53
N LEU F 140 18.12 1.54 -15.16
CA LEU F 140 18.64 2.56 -16.06
C LEU F 140 19.94 3.05 -15.45
N SER F 141 21.03 3.06 -16.22
CA SER F 141 22.22 3.83 -15.95
C SER F 141 22.15 5.19 -16.64
N PHE F 142 22.42 6.27 -15.91
CA PHE F 142 22.39 7.61 -16.54
C PHE F 142 23.41 8.58 -16.00
N MET F 143 23.57 9.67 -16.74
CA MET F 143 24.61 10.65 -16.44
C MET F 143 24.20 11.44 -15.22
N CYS F 144 25.04 11.40 -14.20
CA CYS F 144 24.84 12.11 -12.97
C CYS F 144 26.17 12.15 -12.23
N ASP F 145 26.61 13.34 -11.87
CA ASP F 145 27.72 13.56 -10.96
C ASP F 145 27.24 13.48 -9.49
N PRO F 146 27.62 12.42 -8.78
CA PRO F 146 27.12 12.21 -7.43
C PRO F 146 27.96 12.84 -6.33
N THR F 147 28.85 13.78 -6.67
CA THR F 147 29.63 14.52 -5.66
C THR F 147 28.69 15.15 -4.67
N GLY F 148 28.93 14.90 -3.39
CA GLY F 148 28.09 15.43 -2.32
C GLY F 148 27.03 14.48 -1.82
N VAL F 149 26.93 13.30 -2.43
CA VAL F 149 25.95 12.29 -2.01
C VAL F 149 26.10 11.87 -0.56
N ASP F 150 27.33 11.92 -0.06
CA ASP F 150 27.66 11.52 1.30
C ASP F 150 27.65 12.69 2.30
N SER F 151 27.00 13.79 1.96
CA SER F 151 26.78 14.91 2.88
C SER F 151 25.32 15.01 3.28
N GLU F 152 25.01 15.94 4.17
CA GLU F 152 23.63 16.15 4.65
C GLU F 152 22.75 16.73 3.53
N GLU F 153 23.31 17.63 2.72
CA GLU F 153 22.56 18.28 1.64
C GLU F 153 22.23 17.30 0.53
N GLY F 154 23.11 16.31 0.37
CA GLY F 154 22.94 15.30 -0.67
C GLY F 154 23.30 15.88 -2.02
N VAL F 155 22.75 15.27 -3.05
CA VAL F 155 23.08 15.59 -4.42
C VAL F 155 21.80 15.48 -5.22
N THR F 156 21.70 16.23 -6.29
CA THR F 156 20.54 16.22 -7.15
C THR F 156 20.98 15.72 -8.49
N CYS F 157 20.29 14.73 -9.04
CA CYS F 157 20.34 14.53 -10.49
C CYS F 157 19.00 14.45 -11.16
N ALA F 158 19.06 14.44 -12.47
CA ALA F 158 17.94 14.63 -13.35
C ALA F 158 18.16 13.86 -14.60
N VAL F 159 17.07 13.37 -15.16
CA VAL F 159 17.10 12.70 -16.43
C VAL F 159 15.73 12.95 -16.98
N LYS F 160 15.66 13.25 -18.26
CA LYS F 160 14.34 13.46 -18.86
C LYS F 160 13.99 12.34 -19.81
N PHE F 161 12.69 12.18 -19.96
CA PHE F 161 12.09 11.12 -20.75
C PHE F 161 11.17 11.77 -21.77
N GLY F 162 11.24 11.23 -22.99
CA GLY F 162 10.32 11.68 -24.04
C GLY F 162 10.40 10.74 -25.22
N SER F 163 9.53 10.98 -26.17
CA SER F 163 9.57 10.33 -27.43
C SER F 163 10.90 10.64 -28.11
N TRP F 164 11.48 9.64 -28.74
CA TRP F 164 12.71 9.81 -29.50
C TRP F 164 12.47 10.45 -30.81
N VAL F 165 11.35 10.15 -31.46
CA VAL F 165 11.10 10.69 -32.81
C VAL F 165 9.80 11.44 -33.06
N TYR F 166 8.87 11.45 -32.11
CA TYR F 166 7.59 12.16 -32.30
C TYR F 166 7.68 13.49 -31.57
N SER F 167 7.35 14.58 -32.25
CA SER F 167 7.23 15.91 -31.61
C SER F 167 5.95 16.04 -30.83
N GLY F 168 5.81 17.15 -30.14
CA GLY F 168 4.56 17.53 -29.46
C GLY F 168 3.33 17.59 -30.33
N PHE F 169 3.50 17.82 -31.63
CA PHE F 169 2.38 17.74 -32.55
C PHE F 169 1.81 16.34 -32.82
N GLU F 170 2.57 15.30 -32.48
CA GLU F 170 2.16 13.90 -32.65
C GLU F 170 1.89 13.17 -31.34
N ILE F 171 2.78 13.37 -30.39
CA ILE F 171 2.68 12.78 -29.06
C ILE F 171 2.84 13.90 -28.04
N ASP F 172 1.76 14.12 -27.27
CA ASP F 172 1.80 14.97 -26.11
C ASP F 172 1.97 14.08 -24.88
N LEU F 173 2.78 14.55 -23.94
CA LEU F 173 2.94 13.86 -22.67
C LEU F 173 2.32 14.63 -21.57
N LYS F 174 1.72 13.93 -20.65
CA LYS F 174 1.24 14.52 -19.42
C LYS F 174 1.64 13.60 -18.27
N THR F 175 1.56 14.17 -17.09
CA THR F 175 1.74 13.44 -15.86
C THR F 175 0.46 13.61 -15.08
N ASP F 176 0.10 12.65 -14.26
CA ASP F 176 -1.06 12.81 -13.35
C ASP F 176 -0.70 13.63 -12.13
N THR F 177 0.58 13.70 -11.82
CA THR F 177 1.05 14.33 -10.61
C THR F 177 2.49 14.74 -10.84
N ASP F 178 2.92 15.72 -10.07
CA ASP F 178 4.29 16.19 -10.04
C ASP F 178 5.18 15.39 -9.12
N GLN F 179 4.64 14.55 -8.25
CA GLN F 179 5.44 13.83 -7.27
C GLN F 179 5.71 12.45 -7.86
N VAL F 180 6.98 12.05 -7.89
CA VAL F 180 7.35 10.67 -8.12
C VAL F 180 6.80 9.77 -6.99
N ASP F 181 6.19 8.67 -7.35
CA ASP F 181 5.69 7.73 -6.35
C ASP F 181 6.89 7.05 -5.66
N LEU F 182 6.98 7.34 -4.35
CA LEU F 182 7.98 6.77 -3.45
C LEU F 182 7.43 5.69 -2.51
N SER F 183 6.21 5.24 -2.74
CA SER F 183 5.57 4.29 -1.81
C SER F 183 6.10 2.84 -1.93
N SER F 184 6.83 2.52 -2.99
CA SER F 184 7.51 1.23 -3.09
C SER F 184 9.03 1.35 -2.96
N TYR F 185 9.51 2.47 -2.43
CA TYR F 185 10.96 2.67 -2.35
C TYR F 185 11.53 1.73 -1.29
N TYR F 186 12.61 1.04 -1.63
CA TYR F 186 13.17 -0.01 -0.77
C TYR F 186 13.57 0.56 0.59
N ALA F 187 12.97 0.00 1.63
CA ALA F 187 13.15 0.46 2.99
C ALA F 187 14.61 0.42 3.47
N SER F 188 15.44 -0.46 2.93
CA SER F 188 16.84 -0.55 3.38
C SER F 188 17.83 -0.16 2.30
N SER F 189 17.46 0.79 1.46
CA SER F 189 18.37 1.32 0.44
C SER F 189 19.62 1.92 1.08
N LYS F 190 20.73 1.94 0.36
CA LYS F 190 21.88 2.73 0.82
C LYS F 190 21.53 4.25 0.83
N TYR F 191 20.54 4.64 0.02
CA TYR F 191 20.24 6.03 -0.25
C TYR F 191 18.85 6.43 0.24
N GLU F 192 18.79 7.59 0.86
CA GLU F 192 17.58 8.21 1.33
C GLU F 192 17.16 9.23 0.27
N ILE F 193 15.89 9.23 -0.12
CA ILE F 193 15.36 10.18 -1.12
C ILE F 193 14.86 11.42 -0.40
N LEU F 194 15.48 12.58 -0.65
CA LEU F 194 15.05 13.83 -0.06
C LEU F 194 13.93 14.47 -0.85
N SER F 195 13.96 14.32 -2.17
CA SER F 195 12.95 14.92 -3.02
C SER F 195 12.95 14.20 -4.36
N ALA F 196 11.79 14.12 -5.00
CA ALA F 196 11.68 13.46 -6.28
C ALA F 196 10.48 13.97 -7.04
N THR F 197 10.73 14.65 -8.16
CA THR F 197 9.66 15.25 -8.95
C THR F 197 9.69 14.82 -10.39
N GLN F 198 8.51 14.89 -11.03
CA GLN F 198 8.34 14.58 -12.47
C GLN F 198 7.56 15.74 -13.10
N THR F 199 8.19 16.43 -14.02
CA THR F 199 7.69 17.74 -14.51
C THR F 199 7.69 17.74 -16.03
N ARG F 200 6.48 17.89 -16.60
CA ARG F 200 6.35 18.09 -18.02
C ARG F 200 7.04 19.41 -18.43
N GLN F 201 7.78 19.38 -19.55
CA GLN F 201 8.51 20.51 -20.09
C GLN F 201 8.29 20.53 -21.59
N VAL F 202 8.09 21.73 -22.14
CA VAL F 202 7.95 21.92 -23.55
C VAL F 202 9.21 22.63 -24.03
N GLN F 203 9.92 22.05 -25.01
CA GLN F 203 11.17 22.60 -25.47
C GLN F 203 10.96 22.96 -26.97
N HIS F 204 11.49 24.10 -27.37
CA HIS F 204 11.78 24.38 -28.75
C HIS F 204 13.29 24.38 -28.95
N TYR F 205 13.74 23.77 -30.04
CA TYR F 205 15.17 23.80 -30.42
C TYR F 205 15.34 24.66 -31.66
N SER F 206 16.49 25.27 -31.84
CA SER F 206 16.74 26.14 -33.01
C SER F 206 16.58 25.47 -34.39
N CYS F 207 16.94 24.19 -34.48
CA CYS F 207 16.79 23.37 -35.70
C CYS F 207 15.38 23.26 -36.28
N CYS F 208 14.36 23.30 -35.44
CA CYS F 208 13.07 22.66 -35.71
C CYS F 208 11.99 23.63 -35.26
N PRO F 209 10.89 23.76 -36.00
CA PRO F 209 9.78 24.62 -35.50
C PRO F 209 8.86 23.94 -34.49
N GLU F 210 8.89 22.64 -34.43
CA GLU F 210 7.92 21.88 -33.62
C GLU F 210 8.38 21.82 -32.17
N PRO F 211 7.47 21.96 -31.23
CA PRO F 211 7.80 21.70 -29.83
C PRO F 211 8.07 20.22 -29.55
N TYR F 212 9.01 19.96 -28.64
CA TYR F 212 9.28 18.65 -28.14
C TYR F 212 8.94 18.60 -26.68
N ILE F 213 8.32 17.49 -26.26
CA ILE F 213 7.82 17.41 -24.89
C ILE F 213 8.61 16.32 -24.21
N ASP F 214 9.05 16.65 -23.00
CA ASP F 214 9.64 15.65 -22.10
C ASP F 214 9.06 15.79 -20.68
N VAL F 215 9.28 14.74 -19.90
CA VAL F 215 9.05 14.76 -18.48
C VAL F 215 10.41 14.65 -17.84
N ASN F 216 10.72 15.62 -17.00
CA ASN F 216 12.00 15.69 -16.29
C ASN F 216 11.86 15.08 -14.91
N LEU F 217 12.65 14.04 -14.67
CA LEU F 217 12.65 13.32 -13.40
C LEU F 217 13.84 13.86 -12.63
N VAL F 218 13.58 14.58 -11.55
CA VAL F 218 14.63 15.21 -10.74
C VAL F 218 14.58 14.57 -9.38
N VAL F 219 15.68 13.96 -8.96
CA VAL F 219 15.76 13.25 -7.69
C VAL F 219 16.92 13.79 -6.88
N LYS F 220 16.64 14.20 -5.66
CA LYS F 220 17.65 14.64 -4.72
C LYS F 220 17.78 13.56 -3.68
N PHE F 221 19.00 13.14 -3.38
CA PHE F 221 19.23 12.00 -2.50
C PHE F 221 20.57 12.07 -1.81
N ARG F 222 20.73 11.26 -0.78
CA ARG F 222 21.99 11.16 -0.05
C ARG F 222 22.16 9.78 0.59
N GLU F 223 23.34 9.50 1.13
CA GLU F 223 23.59 8.23 1.80
C GLU F 223 22.83 8.16 3.13
N ARG F 224 22.71 6.94 3.68
CA ARG F 224 22.22 6.66 5.02
C ARG F 224 20.71 6.66 4.98
N GLN G 20 -5.25 7.49 -39.20
CA GLN G 20 -4.65 6.14 -39.13
C GLN G 20 -4.87 5.37 -40.42
N ALA G 21 -6.09 5.44 -41.00
CA ALA G 21 -6.41 4.68 -42.25
C ALA G 21 -5.51 5.05 -43.43
N ASN G 22 -5.28 6.36 -43.63
CA ASN G 22 -4.43 6.81 -44.70
C ASN G 22 -3.00 6.38 -44.50
N LEU G 23 -2.52 6.52 -43.27
CA LEU G 23 -1.16 6.14 -42.95
C LEU G 23 -0.97 4.62 -43.12
N MET G 24 -1.93 3.82 -42.66
CA MET G 24 -1.86 2.36 -42.84
C MET G 24 -1.78 2.01 -44.33
N ARG G 25 -2.55 2.71 -45.16
CA ARG G 25 -2.57 2.48 -46.58
C ARG G 25 -1.23 2.86 -47.24
N LEU G 26 -0.67 4.00 -46.84
CA LEU G 26 0.64 4.45 -47.33
C LEU G 26 1.73 3.45 -47.02
N LYS G 27 1.76 3.01 -45.76
CA LYS G 27 2.81 2.09 -45.32
C LYS G 27 2.70 0.77 -46.08
N SER G 28 1.45 0.31 -46.23
CA SER G 28 1.18 -0.88 -47.00
C SER G 28 1.65 -0.77 -48.46
N ASP G 29 1.33 0.34 -49.11
CA ASP G 29 1.74 0.57 -50.49
C ASP G 29 3.26 0.63 -50.63
N LEU G 30 3.95 1.32 -49.71
CA LEU G 30 5.41 1.39 -49.73
C LEU G 30 6.11 0.07 -49.40
N PHE G 31 5.69 -0.64 -48.36
CA PHE G 31 6.47 -1.76 -47.83
C PHE G 31 5.99 -3.16 -48.24
N ASN G 32 4.69 -3.36 -48.36
CA ASN G 32 4.13 -4.69 -48.73
C ASN G 32 3.91 -4.90 -50.22
N ARG G 33 3.94 -3.85 -51.04
CA ARG G 33 3.59 -3.97 -52.45
C ARG G 33 4.79 -3.89 -53.39
N SER G 34 6.02 -3.72 -52.86
CA SER G 34 7.22 -3.95 -53.65
C SER G 34 8.32 -4.54 -52.78
N PRO G 35 9.37 -5.12 -53.41
CA PRO G 35 10.46 -5.66 -52.58
C PRO G 35 11.18 -4.54 -51.88
N MET G 36 11.94 -4.85 -50.82
CA MET G 36 12.74 -3.83 -50.18
C MET G 36 13.81 -3.29 -51.14
N TYR G 37 14.25 -2.06 -50.92
CA TYR G 37 15.35 -1.51 -51.68
C TYR G 37 16.56 -2.43 -51.45
N PRO G 38 17.17 -2.94 -52.54
CA PRO G 38 18.31 -3.87 -52.42
C PRO G 38 19.64 -3.16 -52.14
N GLY G 39 19.63 -1.86 -51.88
CA GLY G 39 20.86 -1.08 -51.69
C GLY G 39 21.38 -0.49 -52.99
N PRO G 40 22.32 0.45 -52.88
CA PRO G 40 22.84 1.18 -54.01
C PRO G 40 23.77 0.37 -54.89
N THR G 41 23.98 0.84 -56.11
CA THR G 41 24.99 0.26 -57.05
C THR G 41 25.74 1.40 -57.73
N LYS G 42 26.76 1.07 -58.52
CA LYS G 42 27.49 2.06 -59.33
C LYS G 42 26.54 2.87 -60.19
N ASP G 43 25.55 2.23 -60.80
CA ASP G 43 24.55 2.91 -61.65
C ASP G 43 23.53 3.74 -60.90
N ASP G 44 23.27 3.44 -59.63
CA ASP G 44 22.32 4.22 -58.80
C ASP G 44 22.89 4.45 -57.41
N PRO G 45 23.90 5.34 -57.31
CA PRO G 45 24.53 5.54 -56.02
C PRO G 45 23.69 6.37 -55.10
N LEU G 46 24.12 6.43 -53.86
CA LEU G 46 23.42 7.06 -52.82
C LEU G 46 24.37 7.93 -52.04
N THR G 47 23.90 9.09 -51.64
CA THR G 47 24.67 9.93 -50.73
C THR G 47 24.01 9.92 -49.36
N VAL G 48 24.83 9.66 -48.36
CA VAL G 48 24.40 9.65 -46.98
C VAL G 48 25.08 10.77 -46.25
N THR G 49 24.28 11.57 -45.56
CA THR G 49 24.77 12.68 -44.78
C THR G 49 24.85 12.25 -43.34
N LEU G 50 25.88 12.70 -42.66
CA LEU G 50 26.32 12.10 -41.39
C LEU G 50 26.85 13.22 -40.52
N GLY G 51 26.37 13.26 -39.29
CA GLY G 51 26.86 14.25 -38.29
C GLY G 51 26.73 13.64 -36.91
N PHE G 52 27.56 14.12 -35.99
CA PHE G 52 27.65 13.54 -34.67
C PHE G 52 27.31 14.56 -33.61
N THR G 53 26.52 14.11 -32.64
CA THR G 53 26.28 14.88 -31.44
C THR G 53 26.94 14.11 -30.30
N LEU G 54 27.94 14.72 -29.67
CA LEU G 54 28.67 14.06 -28.63
C LEU G 54 28.04 14.42 -27.28
N GLN G 55 27.61 13.40 -26.57
CA GLN G 55 26.87 13.62 -25.34
C GLN G 55 27.73 13.43 -24.10
N ASP G 56 28.63 12.44 -24.09
CA ASP G 56 29.54 12.26 -22.95
C ASP G 56 30.71 11.36 -23.29
N ILE G 57 31.86 11.60 -22.68
CA ILE G 57 32.93 10.64 -22.65
C ILE G 57 32.74 9.97 -21.31
N VAL G 58 32.31 8.71 -21.32
CA VAL G 58 31.83 8.05 -20.09
C VAL G 58 32.87 7.20 -19.40
N LYS G 59 33.96 6.86 -20.08
CA LYS G 59 34.97 5.98 -19.53
C LYS G 59 36.26 6.08 -20.29
N VAL G 60 37.38 6.07 -19.57
CA VAL G 60 38.70 6.03 -20.15
C VAL G 60 39.43 4.90 -19.45
N ASP G 61 40.09 4.00 -20.19
CA ASP G 61 40.80 2.88 -19.54
C ASP G 61 42.21 2.82 -20.12
N SER G 62 43.18 3.22 -19.30
CA SER G 62 44.56 3.34 -19.74
C SER G 62 45.30 2.02 -19.68
N SER G 63 44.72 1.00 -19.04
CA SER G 63 45.34 -0.31 -19.01
C SER G 63 45.05 -1.09 -20.28
N THR G 64 43.95 -0.78 -20.97
CA THR G 64 43.64 -1.44 -22.27
C THR G 64 43.59 -0.48 -23.46
N ASN G 65 43.79 0.80 -23.24
CA ASN G 65 43.62 1.83 -24.27
C ASN G 65 42.27 1.74 -24.97
N GLU G 66 41.22 1.76 -24.17
CA GLU G 66 39.82 1.89 -24.64
C GLU G 66 39.20 3.17 -24.07
N VAL G 67 38.34 3.79 -24.86
CA VAL G 67 37.58 4.94 -24.39
C VAL G 67 36.15 4.68 -24.81
N ASP G 68 35.18 5.04 -23.94
CA ASP G 68 33.77 4.88 -24.25
C ASP G 68 33.10 6.24 -24.44
N LEU G 69 32.39 6.43 -25.54
CA LEU G 69 31.62 7.65 -25.80
C LEU G 69 30.18 7.29 -25.84
N VAL G 70 29.35 8.26 -25.52
CA VAL G 70 27.94 8.23 -25.84
C VAL G 70 27.67 9.38 -26.78
N TYR G 71 27.04 9.08 -27.91
CA TYR G 71 26.79 10.05 -28.96
C TYR G 71 25.55 9.64 -29.74
N TRP G 72 25.04 10.60 -30.54
CA TRP G 72 23.93 10.38 -31.45
C TRP G 72 24.48 10.54 -32.85
N GLU G 73 24.06 9.66 -33.75
CA GLU G 73 24.62 9.64 -35.09
C GLU G 73 23.50 10.01 -36.02
N ARG G 74 23.53 11.21 -36.57
CA ARG G 74 22.45 11.65 -37.47
C ARG G 74 22.79 11.13 -38.84
N GLN G 75 21.88 10.37 -39.44
CA GLN G 75 22.06 9.82 -40.80
C GLN G 75 20.90 10.21 -41.67
N ARG G 76 21.18 10.65 -42.88
CA ARG G 76 20.14 11.05 -43.78
C ARG G 76 20.45 10.61 -45.17
N TRP G 77 19.45 10.13 -45.88
CA TRP G 77 19.61 9.75 -47.29
C TRP G 77 18.27 9.84 -47.94
N LYS G 78 18.20 9.60 -49.23
CA LYS G 78 16.97 9.73 -49.97
C LYS G 78 16.80 8.62 -50.96
N LEU G 79 15.60 8.09 -51.06
CA LEU G 79 15.27 7.04 -52.03
C LEU G 79 14.06 7.39 -52.86
N ASN G 80 14.17 7.18 -54.16
CA ASN G 80 13.01 7.39 -55.06
C ASN G 80 11.89 6.44 -54.71
N SER G 81 12.24 5.24 -54.27
CA SER G 81 11.24 4.23 -53.96
C SER G 81 10.44 4.55 -52.69
N LEU G 82 10.86 5.54 -51.91
CA LEU G 82 10.12 5.99 -50.75
C LEU G 82 9.31 7.28 -50.96
N MET G 83 9.15 7.71 -52.22
CA MET G 83 8.38 8.93 -52.53
C MET G 83 6.90 8.64 -52.64
N TRP G 84 6.10 9.65 -52.35
CA TRP G 84 4.66 9.58 -52.56
C TRP G 84 4.10 10.99 -52.70
N ASP G 85 2.93 11.10 -53.31
CA ASP G 85 2.22 12.35 -53.40
C ASP G 85 1.29 12.49 -52.18
N PRO G 86 1.56 13.49 -51.31
CA PRO G 86 0.68 13.67 -50.14
C PRO G 86 -0.83 13.77 -50.42
N ASN G 87 -1.20 14.28 -51.58
CA ASN G 87 -2.60 14.40 -51.95
C ASN G 87 -3.29 13.05 -52.13
N GLU G 88 -2.52 12.01 -52.46
CA GLU G 88 -3.06 10.67 -52.57
C GLU G 88 -3.25 9.99 -51.21
N TYR G 89 -2.64 10.56 -50.15
CA TYR G 89 -2.65 9.95 -48.82
C TYR G 89 -3.09 10.92 -47.72
N GLY G 90 -4.21 11.58 -47.92
CA GLY G 90 -4.77 12.47 -46.89
C GLY G 90 -3.80 13.53 -46.38
N ASN G 91 -2.91 14.01 -47.24
CA ASN G 91 -1.96 15.08 -46.93
C ASN G 91 -0.87 14.73 -45.96
N ILE G 92 -0.64 13.43 -45.78
CA ILE G 92 0.48 12.95 -44.98
C ILE G 92 1.73 13.31 -45.77
N THR G 93 2.63 14.01 -45.09
CA THR G 93 3.88 14.45 -45.67
C THR G 93 5.08 13.74 -45.05
N ASP G 94 4.88 13.11 -43.89
CA ASP G 94 5.92 12.30 -43.29
C ASP G 94 5.34 11.33 -42.27
N PHE G 95 6.11 10.30 -41.93
CA PHE G 95 5.71 9.34 -40.93
C PHE G 95 6.94 8.68 -40.32
N ARG G 96 6.70 8.07 -39.18
CA ARG G 96 7.71 7.35 -38.43
C ARG G 96 7.52 5.88 -38.65
N THR G 97 8.60 5.13 -38.68
CA THR G 97 8.52 3.69 -38.85
C THR G 97 9.78 3.05 -38.33
N SER G 98 9.64 1.80 -37.90
CA SER G 98 10.72 1.03 -37.36
C SER G 98 11.81 0.95 -38.42
N ALA G 99 13.05 1.11 -38.02
CA ALA G 99 14.19 0.98 -38.93
C ALA G 99 14.26 -0.38 -39.59
N ALA G 100 13.66 -1.40 -38.96
CA ALA G 100 13.62 -2.74 -39.56
C ALA G 100 12.74 -2.81 -40.83
N ASP G 101 11.78 -1.89 -40.97
CA ASP G 101 10.92 -1.84 -42.17
C ASP G 101 11.61 -1.28 -43.42
N ILE G 102 12.78 -0.69 -43.28
CA ILE G 102 13.45 -0.03 -44.40
C ILE G 102 14.91 -0.44 -44.49
N TRP G 103 15.47 -0.23 -45.68
CA TRP G 103 16.90 -0.34 -45.84
C TRP G 103 17.55 0.80 -45.07
N THR G 104 18.65 0.47 -44.37
CA THR G 104 19.51 1.41 -43.72
C THR G 104 20.96 1.16 -44.14
N PRO G 105 21.79 2.21 -44.14
CA PRO G 105 23.16 1.99 -44.60
C PRO G 105 24.02 1.32 -43.53
N ASP G 106 25.08 0.62 -43.97
CA ASP G 106 25.95 -0.18 -43.10
C ASP G 106 27.16 0.57 -42.54
N ILE G 107 26.90 1.75 -42.03
CA ILE G 107 27.90 2.63 -41.49
C ILE G 107 28.36 1.99 -40.20
N THR G 108 29.65 1.89 -40.00
CA THR G 108 30.19 1.27 -38.79
C THR G 108 31.42 2.06 -38.34
N ALA G 109 31.65 2.07 -37.02
CA ALA G 109 32.94 2.46 -36.50
C ALA G 109 34.02 1.44 -36.92
N TYR G 110 35.17 1.94 -37.36
CA TYR G 110 36.23 1.11 -37.87
C TYR G 110 37.19 0.63 -36.79
N SER G 111 37.19 1.21 -35.62
CA SER G 111 38.12 0.86 -34.55
C SER G 111 37.38 0.59 -33.24
N SER G 112 36.17 0.06 -33.32
CA SER G 112 35.47 -0.39 -32.10
C SER G 112 36.16 -1.62 -31.48
N THR G 113 36.07 -1.73 -30.17
CA THR G 113 36.60 -2.88 -29.43
C THR G 113 35.50 -3.80 -28.87
N ARG G 114 34.24 -3.32 -28.87
CA ARG G 114 33.07 -4.08 -28.43
C ARG G 114 31.90 -3.80 -29.35
N PRO G 115 30.91 -4.70 -29.39
CA PRO G 115 29.72 -4.35 -30.14
C PRO G 115 29.12 -3.06 -29.63
N VAL G 116 28.62 -2.23 -30.53
CA VAL G 116 28.07 -0.94 -30.15
C VAL G 116 26.73 -1.19 -29.44
N GLN G 117 26.44 -0.43 -28.40
CA GLN G 117 25.18 -0.56 -27.64
C GLN G 117 24.24 0.57 -28.00
N VAL G 118 23.05 0.18 -28.47
CA VAL G 118 22.06 1.13 -28.96
C VAL G 118 21.26 1.61 -27.75
N LEU G 119 21.08 2.93 -27.62
CA LEU G 119 20.46 3.51 -26.44
C LEU G 119 19.08 4.10 -26.71
N SER G 120 18.64 4.07 -27.97
CA SER G 120 17.41 4.73 -28.35
C SER G 120 16.62 3.75 -29.19
N PRO G 121 15.27 3.93 -29.25
CA PRO G 121 14.48 3.16 -30.18
C PRO G 121 14.94 3.36 -31.63
N GLN G 122 14.85 2.29 -32.40
CA GLN G 122 15.32 2.23 -33.76
C GLN G 122 14.16 2.55 -34.69
N ILE G 123 13.92 3.85 -34.81
CA ILE G 123 12.77 4.34 -35.55
C ILE G 123 13.31 5.44 -36.41
N ALA G 124 12.82 5.47 -37.65
CA ALA G 124 13.25 6.43 -38.68
C ALA G 124 12.09 7.32 -39.05
N VAL G 125 12.41 8.50 -39.59
CA VAL G 125 11.41 9.41 -40.13
C VAL G 125 11.55 9.42 -41.63
N VAL G 126 10.45 9.17 -42.34
CA VAL G 126 10.41 9.14 -43.79
C VAL G 126 9.51 10.29 -44.27
N THR G 127 10.00 11.03 -45.26
CA THR G 127 9.29 12.21 -45.79
C THR G 127 8.91 11.92 -47.22
N HIS G 128 7.85 12.59 -47.69
CA HIS G 128 7.24 12.28 -48.97
C HIS G 128 8.15 12.49 -50.20
N ASP G 129 9.24 13.25 -50.06
CA ASP G 129 10.25 13.36 -51.12
C ASP G 129 11.24 12.18 -51.13
N GLY G 130 10.99 11.17 -50.28
CA GLY G 130 11.84 9.98 -50.22
C GLY G 130 12.99 10.06 -49.24
N SER G 131 13.11 11.18 -48.52
CA SER G 131 14.24 11.32 -47.59
C SER G 131 13.93 10.61 -46.28
N VAL G 132 14.98 10.07 -45.69
CA VAL G 132 14.92 9.34 -44.47
C VAL G 132 15.89 9.98 -43.49
N MET G 133 15.48 10.11 -42.24
CA MET G 133 16.32 10.58 -41.13
C MET G 133 16.33 9.45 -40.08
N PHE G 134 17.50 9.06 -39.62
CA PHE G 134 17.66 8.04 -38.62
C PHE G 134 18.74 8.52 -37.66
N ILE G 135 18.44 8.57 -36.36
CA ILE G 135 19.33 9.15 -35.35
C ILE G 135 19.49 8.21 -34.15
N PRO G 136 20.22 7.11 -34.35
CA PRO G 136 20.49 6.22 -33.20
C PRO G 136 21.48 6.83 -32.19
N ALA G 137 21.09 6.77 -30.93
CA ALA G 137 21.99 7.08 -29.84
C ALA G 137 22.71 5.81 -29.45
N GLN G 138 23.98 5.92 -29.13
CA GLN G 138 24.86 4.78 -29.00
C GLN G 138 25.94 5.01 -27.96
N ARG G 139 26.38 3.91 -27.34
CA ARG G 139 27.63 3.85 -26.60
C ARG G 139 28.63 3.00 -27.34
N LEU G 140 29.81 3.55 -27.59
CA LEU G 140 30.86 2.90 -28.38
C LEU G 140 32.10 2.83 -27.52
N SER G 141 32.70 1.65 -27.41
CA SER G 141 34.08 1.49 -26.94
C SER G 141 35.03 1.48 -28.16
N PHE G 142 36.10 2.27 -28.11
CA PHE G 142 37.05 2.29 -29.22
C PHE G 142 38.50 2.48 -28.80
N MET G 143 39.37 2.22 -29.77
CA MET G 143 40.79 2.21 -29.52
C MET G 143 41.27 3.65 -29.38
N CYS G 144 41.88 3.94 -28.24
CA CYS G 144 42.40 5.24 -27.93
C CYS G 144 43.32 5.11 -26.74
N ASP G 145 44.56 5.56 -26.90
CA ASP G 145 45.52 5.72 -25.81
C ASP G 145 45.29 7.07 -25.10
N PRO G 146 44.77 7.04 -23.86
CA PRO G 146 44.42 8.29 -23.20
C PRO G 146 45.54 8.90 -22.36
N THR G 147 46.79 8.48 -22.56
CA THR G 147 47.94 9.08 -21.89
C THR G 147 47.94 10.57 -22.15
N GLY G 148 48.02 11.34 -21.07
CA GLY G 148 48.00 12.81 -21.16
C GLY G 148 46.64 13.42 -20.92
N VAL G 149 45.61 12.60 -20.74
CA VAL G 149 44.25 13.09 -20.48
C VAL G 149 44.17 13.97 -19.23
N ASP G 150 45.03 13.69 -18.26
CA ASP G 150 45.07 14.42 -16.99
C ASP G 150 46.04 15.60 -16.99
N SER G 151 46.43 16.10 -18.17
CA SER G 151 47.25 17.31 -18.28
C SER G 151 46.44 18.44 -18.90
N GLU G 152 47.04 19.62 -19.00
CA GLU G 152 46.38 20.79 -19.56
C GLU G 152 46.14 20.63 -21.07
N GLU G 153 47.11 20.02 -21.78
CA GLU G 153 47.03 19.83 -23.22
C GLU G 153 45.97 18.81 -23.57
N GLY G 154 45.75 17.86 -22.67
CA GLY G 154 44.81 16.79 -22.91
C GLY G 154 45.36 15.77 -23.89
N VAL G 155 44.45 15.06 -24.53
CA VAL G 155 44.80 13.94 -25.37
C VAL G 155 43.82 13.98 -26.54
N THR G 156 44.25 13.47 -27.67
CA THR G 156 43.45 13.45 -28.87
C THR G 156 43.24 12.03 -29.25
N CYS G 157 41.99 11.63 -29.48
CA CYS G 157 41.73 10.42 -30.26
C CYS G 157 40.75 10.62 -31.37
N ALA G 158 40.64 9.57 -32.17
CA ALA G 158 39.95 9.58 -33.44
C ALA G 158 39.36 8.22 -33.69
N VAL G 159 38.22 8.23 -34.34
CA VAL G 159 37.59 7.03 -34.77
C VAL G 159 36.86 7.41 -36.03
N LYS G 160 36.92 6.57 -37.04
CA LYS G 160 36.23 6.88 -38.27
C LYS G 160 35.06 5.96 -38.50
N PHE G 161 34.10 6.47 -39.24
CA PHE G 161 32.86 5.82 -39.50
C PHE G 161 32.63 5.77 -41.00
N GLY G 162 32.30 4.60 -41.54
CA GLY G 162 31.84 4.50 -42.90
C GLY G 162 31.27 3.16 -43.23
N SER G 163 30.86 3.02 -44.49
CA SER G 163 30.31 1.78 -44.95
C SER G 163 31.35 0.68 -44.81
N TRP G 164 30.91 -0.49 -44.38
CA TRP G 164 31.79 -1.64 -44.26
C TRP G 164 32.03 -2.27 -45.60
N VAL G 165 31.05 -2.29 -46.48
CA VAL G 165 31.22 -2.98 -47.76
C VAL G 165 30.95 -2.20 -49.06
N TYR G 166 30.41 -0.99 -48.98
CA TYR G 166 30.13 -0.21 -50.17
C TYR G 166 31.24 0.81 -50.38
N SER G 167 31.80 0.85 -51.59
CA SER G 167 32.77 1.88 -51.94
C SER G 167 32.11 3.24 -52.19
N GLY G 168 32.95 4.23 -52.39
CA GLY G 168 32.52 5.57 -52.79
C GLY G 168 31.66 5.65 -54.05
N PHE G 169 31.84 4.70 -54.95
CA PHE G 169 31.01 4.59 -56.14
C PHE G 169 29.57 4.15 -55.89
N GLU G 170 29.27 3.60 -54.72
CA GLU G 170 27.93 3.18 -54.34
C GLU G 170 27.33 4.04 -53.23
N ILE G 171 28.11 4.32 -52.19
CA ILE G 171 27.73 5.17 -51.09
C ILE G 171 28.76 6.21 -50.88
N ASP G 172 28.36 7.47 -51.06
CA ASP G 172 29.18 8.64 -50.76
C ASP G 172 28.70 9.17 -49.44
N LEU G 173 29.60 9.71 -48.63
CA LEU G 173 29.26 10.37 -47.37
C LEU G 173 29.55 11.84 -47.49
N LYS G 174 28.70 12.64 -46.89
CA LYS G 174 29.01 14.02 -46.64
C LYS G 174 28.61 14.39 -45.23
N THR G 175 29.10 15.54 -44.81
CA THR G 175 28.75 16.12 -43.53
C THR G 175 28.18 17.48 -43.85
N ASP G 176 27.24 17.95 -43.05
CA ASP G 176 26.74 19.35 -43.20
C ASP G 176 27.70 20.34 -42.59
N THR G 177 28.56 19.89 -41.68
CA THR G 177 29.47 20.79 -41.01
C THR G 177 30.68 19.98 -40.57
N ASP G 178 31.78 20.67 -40.34
CA ASP G 178 33.00 20.11 -39.79
C ASP G 178 33.01 20.04 -38.28
N GLN G 179 32.10 20.73 -37.59
CA GLN G 179 32.12 20.77 -36.13
C GLN G 179 31.16 19.70 -35.62
N VAL G 180 31.63 18.85 -34.73
CA VAL G 180 30.77 17.95 -33.95
C VAL G 180 29.84 18.80 -33.06
N ASP G 181 28.57 18.47 -33.05
CA ASP G 181 27.62 19.16 -32.19
C ASP G 181 27.91 18.80 -30.70
N LEU G 182 28.33 19.83 -29.97
CA LEU G 182 28.62 19.76 -28.53
C LEU G 182 27.56 20.49 -27.70
N SER G 183 26.42 20.85 -28.28
CA SER G 183 25.41 21.62 -27.53
C SER G 183 24.60 20.75 -26.53
N SER G 184 24.68 19.43 -26.63
CA SER G 184 24.09 18.53 -25.64
C SER G 184 25.15 17.81 -24.82
N TYR G 185 26.38 18.33 -24.79
CA TYR G 185 27.44 17.64 -24.05
C TYR G 185 27.17 17.81 -22.56
N TYR G 186 27.27 16.72 -21.81
CA TYR G 186 26.93 16.71 -20.38
C TYR G 186 27.75 17.71 -19.60
N ALA G 187 27.04 18.66 -18.98
CA ALA G 187 27.70 19.77 -18.29
C ALA G 187 28.60 19.32 -17.13
N SER G 188 28.34 18.13 -16.53
CA SER G 188 29.15 17.67 -15.40
C SER G 188 29.96 16.43 -15.72
N SER G 189 30.39 16.30 -16.96
CA SER G 189 31.25 15.20 -17.37
C SER G 189 32.53 15.19 -16.58
N LYS G 190 33.18 14.05 -16.43
CA LYS G 190 34.57 14.03 -15.92
C LYS G 190 35.53 14.75 -16.90
N TYR G 191 35.13 14.81 -18.18
CA TYR G 191 36.00 15.27 -19.25
C TYR G 191 35.47 16.54 -19.91
N GLU G 192 36.38 17.47 -20.16
CA GLU G 192 36.14 18.69 -20.87
C GLU G 192 36.57 18.47 -22.33
N ILE G 193 35.73 18.86 -23.28
CA ILE G 193 36.04 18.74 -24.71
C ILE G 193 36.76 19.99 -25.18
N LEU G 194 38.01 19.84 -25.61
CA LEU G 194 38.78 20.99 -26.14
C LEU G 194 38.53 21.22 -27.60
N SER G 195 38.30 20.16 -28.35
CA SER G 195 38.04 20.28 -29.77
C SER G 195 37.36 19.01 -30.26
N ALA G 196 36.50 19.11 -31.26
CA ALA G 196 35.80 17.97 -31.79
C ALA G 196 35.39 18.23 -33.24
N THR G 197 35.98 17.49 -34.17
CA THR G 197 35.70 17.67 -35.58
C THR G 197 35.23 16.39 -36.26
N GLN G 198 34.51 16.57 -37.37
CA GLN G 198 34.05 15.47 -38.22
C GLN G 198 34.43 15.80 -39.66
N THR G 199 35.26 14.95 -40.27
CA THR G 199 35.89 15.26 -41.55
C THR G 199 35.76 14.10 -42.50
N ARG G 200 35.13 14.36 -43.63
CA ARG G 200 35.07 13.39 -44.72
C ARG G 200 36.48 13.09 -45.24
N GLN G 201 36.75 11.80 -45.49
CA GLN G 201 38.03 11.31 -45.99
C GLN G 201 37.79 10.26 -47.03
N VAL G 202 38.70 10.20 -47.98
CA VAL G 202 38.66 9.21 -49.07
C VAL G 202 39.83 8.26 -48.79
N GLN G 203 39.55 6.99 -48.74
CA GLN G 203 40.52 5.97 -48.20
C GLN G 203 40.69 4.93 -49.25
N HIS G 204 41.94 4.56 -49.50
CA HIS G 204 42.26 3.53 -50.48
C HIS G 204 42.78 2.30 -49.77
N TYR G 205 42.23 1.14 -50.12
CA TYR G 205 42.75 -0.13 -49.56
C TYR G 205 43.45 -0.87 -50.71
N SER G 206 44.49 -1.60 -50.39
CA SER G 206 45.26 -2.35 -51.43
C SER G 206 44.46 -3.38 -52.22
N CYS G 207 43.47 -4.02 -51.56
CA CYS G 207 42.57 -4.99 -52.17
C CYS G 207 41.76 -4.54 -53.39
N CYS G 208 41.42 -3.25 -53.43
CA CYS G 208 40.29 -2.75 -54.19
C CYS G 208 40.76 -1.51 -54.92
N PRO G 209 40.35 -1.30 -56.17
CA PRO G 209 40.71 -0.02 -56.84
C PRO G 209 39.81 1.16 -56.48
N GLU G 210 38.63 0.87 -55.94
CA GLU G 210 37.66 1.89 -55.62
C GLU G 210 37.99 2.55 -54.29
N PRO G 211 37.87 3.89 -54.20
CA PRO G 211 37.98 4.54 -52.91
C PRO G 211 36.80 4.22 -51.99
N TYR G 212 37.07 4.19 -50.69
CA TYR G 212 36.02 4.08 -49.66
C TYR G 212 35.96 5.38 -48.90
N ILE G 213 34.77 5.77 -48.47
CA ILE G 213 34.56 7.06 -47.83
C ILE G 213 34.22 6.85 -46.38
N ASP G 214 34.90 7.62 -45.54
CA ASP G 214 34.59 7.68 -44.13
C ASP G 214 34.54 9.11 -43.61
N VAL G 215 33.94 9.25 -42.44
CA VAL G 215 33.96 10.48 -41.68
C VAL G 215 34.77 10.21 -40.44
N ASN G 216 35.83 10.99 -40.27
CA ASN G 216 36.73 10.87 -39.14
C ASN G 216 36.31 11.82 -38.01
N LEU G 217 36.02 11.23 -36.87
CA LEU G 217 35.61 11.95 -35.68
C LEU G 217 36.85 12.08 -34.82
N VAL G 218 37.35 13.29 -34.66
CA VAL G 218 38.59 13.56 -33.93
C VAL G 218 38.23 14.43 -32.75
N VAL G 219 38.50 13.94 -31.55
CA VAL G 219 38.10 14.60 -30.32
C VAL G 219 39.33 14.77 -29.46
N LYS G 220 39.58 16.02 -29.04
CA LYS G 220 40.63 16.31 -28.10
C LYS G 220 39.96 16.65 -26.79
N PHE G 221 40.43 16.08 -25.69
CA PHE G 221 39.78 16.22 -24.40
C PHE G 221 40.73 16.04 -23.24
N ARG G 222 40.29 16.45 -22.06
CA ARG G 222 41.06 16.32 -20.84
C ARG G 222 40.16 16.22 -19.62
N GLU G 223 40.73 15.90 -18.46
CA GLU G 223 39.96 15.83 -17.21
C GLU G 223 39.53 17.22 -16.76
N ARG G 224 38.56 17.27 -15.85
CA ARG G 224 38.14 18.46 -15.08
C ARG G 224 37.20 19.25 -15.93
N GLN H 20 17.91 -0.46 -59.37
CA GLN H 20 17.29 -1.31 -58.34
C GLN H 20 16.55 -2.49 -58.99
N ALA H 21 15.79 -2.26 -60.06
CA ALA H 21 14.93 -3.31 -60.66
C ALA H 21 15.68 -4.56 -61.10
N ASN H 22 16.82 -4.38 -61.76
CA ASN H 22 17.61 -5.52 -62.20
C ASN H 22 18.18 -6.28 -61.03
N LEU H 23 18.68 -5.55 -60.05
CA LEU H 23 19.24 -6.17 -58.87
C LEU H 23 18.16 -6.91 -58.08
N MET H 24 16.98 -6.32 -57.93
CA MET H 24 15.87 -6.99 -57.23
C MET H 24 15.53 -8.32 -57.94
N ARG H 25 15.53 -8.29 -59.28
CA ARG H 25 15.24 -9.47 -60.07
C ARG H 25 16.32 -10.58 -59.88
N LEU H 26 17.59 -10.16 -59.92
CA LEU H 26 18.71 -11.08 -59.70
C LEU H 26 18.64 -11.75 -58.35
N LYS H 27 18.42 -10.95 -57.31
CA LYS H 27 18.36 -11.48 -55.94
C LYS H 27 17.23 -12.46 -55.80
N SER H 28 16.09 -12.10 -56.37
CA SER H 28 14.93 -12.96 -56.39
C SER H 28 15.22 -14.30 -57.09
N ASP H 29 15.82 -14.25 -58.28
CA ASP H 29 16.19 -15.46 -59.01
C ASP H 29 17.18 -16.34 -58.25
N LEU H 30 18.19 -15.74 -57.63
CA LEU H 30 19.14 -16.49 -56.82
C LEU H 30 18.58 -17.08 -55.52
N PHE H 31 17.84 -16.30 -54.75
CA PHE H 31 17.48 -16.68 -53.36
C PHE H 31 16.08 -17.21 -53.17
N ASN H 32 15.10 -16.73 -53.92
CA ASN H 32 13.70 -17.20 -53.82
C ASN H 32 13.33 -18.34 -54.77
N ARG H 33 14.14 -18.61 -55.78
CA ARG H 33 13.74 -19.59 -56.81
C ARG H 33 14.54 -20.88 -56.72
N SER H 34 15.46 -21.05 -55.76
CA SER H 34 16.01 -22.37 -55.45
C SER H 34 16.33 -22.46 -53.98
N PRO H 35 16.46 -23.71 -53.45
CA PRO H 35 16.80 -23.81 -52.03
C PRO H 35 18.20 -23.29 -51.78
N MET H 36 18.50 -22.99 -50.53
CA MET H 36 19.87 -22.56 -50.19
C MET H 36 20.85 -23.75 -50.44
N TYR H 37 22.10 -23.39 -50.67
CA TYR H 37 23.15 -24.37 -50.81
C TYR H 37 23.18 -25.16 -49.47
N PRO H 38 23.09 -26.50 -49.53
CA PRO H 38 23.10 -27.32 -48.34
C PRO H 38 24.49 -27.57 -47.73
N GLY H 39 25.51 -26.89 -48.22
CA GLY H 39 26.90 -27.10 -47.76
C GLY H 39 27.62 -28.18 -48.57
N PRO H 40 28.93 -28.26 -48.43
CA PRO H 40 29.76 -29.17 -49.21
C PRO H 40 29.64 -30.65 -48.78
N THR H 41 30.06 -31.55 -49.65
CA THR H 41 30.19 -32.99 -49.35
C THR H 41 31.51 -33.53 -49.91
N LYS H 42 31.82 -34.79 -49.64
CA LYS H 42 32.99 -35.46 -50.20
C LYS H 42 33.02 -35.35 -51.74
N ASP H 43 31.85 -35.53 -52.37
CA ASP H 43 31.72 -35.46 -53.83
C ASP H 43 31.79 -34.04 -54.39
N ASP H 44 31.46 -33.03 -53.60
CA ASP H 44 31.53 -31.63 -54.04
C ASP H 44 32.16 -30.76 -52.96
N PRO H 45 33.48 -30.87 -52.75
CA PRO H 45 34.11 -30.12 -51.68
C PRO H 45 34.27 -28.68 -52.03
N LEU H 46 34.66 -27.92 -51.03
CA LEU H 46 34.68 -26.49 -51.10
C LEU H 46 35.99 -26.04 -50.53
N THR H 47 36.63 -25.08 -51.18
CA THR H 47 37.81 -24.47 -50.66
C THR H 47 37.47 -23.06 -50.19
N VAL H 48 37.87 -22.79 -48.95
CA VAL H 48 37.69 -21.50 -48.34
C VAL H 48 39.04 -20.88 -48.11
N THR H 49 39.18 -19.64 -48.57
CA THR H 49 40.41 -18.90 -48.38
C THR H 49 40.22 -17.95 -47.23
N LEU H 50 41.25 -17.80 -46.41
CA LEU H 50 41.18 -17.20 -45.11
C LEU H 50 42.42 -16.37 -44.86
N GLY H 51 42.23 -15.15 -44.41
CA GLY H 51 43.36 -14.25 -44.02
C GLY H 51 42.91 -13.34 -42.89
N PHE H 52 43.87 -12.88 -42.09
CA PHE H 52 43.57 -12.13 -40.91
C PHE H 52 44.22 -10.77 -40.98
N THR H 53 43.45 -9.76 -40.56
CA THR H 53 43.97 -8.43 -40.33
C THR H 53 43.88 -8.20 -38.84
N LEU H 54 45.02 -8.02 -38.18
CA LEU H 54 45.06 -7.86 -36.74
C LEU H 54 45.02 -6.38 -36.43
N GLN H 55 44.01 -5.97 -35.68
CA GLN H 55 43.79 -4.56 -35.43
C GLN H 55 44.30 -4.15 -34.04
N ASP H 56 44.10 -4.98 -33.02
CA ASP H 56 44.64 -4.65 -31.69
C ASP H 56 44.65 -5.87 -30.78
N ILE H 57 45.63 -5.93 -29.87
CA ILE H 57 45.55 -6.83 -28.75
C ILE H 57 45.00 -5.95 -27.64
N VAL H 58 43.75 -6.20 -27.24
CA VAL H 58 43.02 -5.25 -26.38
C VAL H 58 43.06 -5.60 -24.91
N LYS H 59 43.45 -6.82 -24.56
CA LYS H 59 43.47 -7.26 -23.17
C LYS H 59 44.31 -8.50 -22.98
N VAL H 60 45.08 -8.53 -21.91
CA VAL H 60 45.88 -9.68 -21.54
C VAL H 60 45.58 -9.96 -20.07
N ASP H 61 45.26 -11.20 -19.70
CA ASP H 61 44.89 -11.49 -18.30
C ASP H 61 45.70 -12.69 -17.84
N SER H 62 46.68 -12.43 -16.98
CA SER H 62 47.60 -13.46 -16.55
C SER H 62 47.06 -14.30 -15.41
N SER H 63 45.96 -13.85 -14.78
CA SER H 63 45.35 -14.64 -13.72
C SER H 63 44.44 -15.72 -14.28
N THR H 64 43.93 -15.56 -15.48
CA THR H 64 43.11 -16.59 -16.15
C THR H 64 43.71 -17.15 -17.43
N ASN H 65 44.85 -16.64 -17.87
CA ASN H 65 45.44 -16.99 -19.15
C ASN H 65 44.46 -16.82 -20.31
N GLU H 66 43.87 -15.63 -20.41
CA GLU H 66 43.06 -15.20 -21.54
C GLU H 66 43.69 -13.98 -22.23
N VAL H 67 43.56 -13.90 -23.54
CA VAL H 67 43.99 -12.73 -24.29
C VAL H 67 42.84 -12.38 -25.20
N ASP H 68 42.57 -11.08 -25.39
CA ASP H 68 41.52 -10.61 -26.29
C ASP H 68 42.14 -9.91 -27.51
N LEU H 69 41.74 -10.31 -28.72
CA LEU H 69 42.17 -9.65 -29.94
C LEU H 69 40.99 -9.06 -30.59
N VAL H 70 41.23 -7.98 -31.36
CA VAL H 70 40.29 -7.50 -32.35
C VAL H 70 40.94 -7.65 -33.70
N TYR H 71 40.22 -8.28 -34.63
CA TYR H 71 40.74 -8.58 -35.95
C TYR H 71 39.60 -8.66 -36.95
N TRP H 72 39.95 -8.64 -38.24
CA TRP H 72 39.03 -8.85 -39.35
C TRP H 72 39.39 -10.17 -40.00
N GLU H 73 38.40 -10.97 -40.33
CA GLU H 73 38.62 -12.30 -40.86
C GLU H 73 38.12 -12.27 -42.29
N ARG H 74 39.03 -12.27 -43.25
CA ARG H 74 38.63 -12.28 -44.65
C ARG H 74 38.34 -13.71 -45.04
N GLN H 75 37.16 -13.99 -45.54
CA GLN H 75 36.76 -15.33 -46.00
C GLN H 75 36.27 -15.29 -47.40
N ARG H 76 36.70 -16.23 -48.21
CA ARG H 76 36.28 -16.25 -49.60
C ARG H 76 36.05 -17.66 -50.04
N TRP H 77 34.99 -17.86 -50.80
CA TRP H 77 34.72 -19.19 -51.40
C TRP H 77 33.90 -18.94 -52.64
N LYS H 78 33.57 -19.99 -53.37
CA LYS H 78 32.87 -19.87 -54.62
C LYS H 78 31.84 -20.95 -54.76
N LEU H 79 30.65 -20.59 -55.24
CA LEU H 79 29.58 -21.55 -55.48
C LEU H 79 29.02 -21.42 -56.89
N ASN H 80 28.84 -22.55 -57.57
CA ASN H 80 28.19 -22.56 -58.87
C ASN H 80 26.78 -22.03 -58.79
N SER H 81 26.10 -22.31 -57.68
CA SER H 81 24.72 -21.90 -57.52
C SER H 81 24.54 -20.39 -57.37
N LEU H 82 25.63 -19.66 -57.15
CA LEU H 82 25.57 -18.21 -57.09
C LEU H 82 26.06 -17.49 -58.36
N MET H 83 26.21 -18.22 -59.48
CA MET H 83 26.65 -17.64 -60.76
C MET H 83 25.49 -17.05 -61.52
N TRP H 84 25.79 -16.05 -62.34
CA TRP H 84 24.82 -15.49 -63.26
C TRP H 84 25.56 -14.82 -64.44
N ASP H 85 24.85 -14.64 -65.54
CA ASP H 85 25.38 -13.93 -66.67
C ASP H 85 25.01 -12.44 -66.53
N PRO H 86 26.01 -11.55 -66.36
CA PRO H 86 25.70 -10.12 -66.24
C PRO H 86 24.83 -9.52 -67.35
N ASN H 87 24.91 -10.06 -68.57
CA ASN H 87 24.10 -9.59 -69.67
C ASN H 87 22.61 -9.82 -69.47
N GLU H 88 22.24 -10.82 -68.68
CA GLU H 88 20.86 -11.09 -68.36
C GLU H 88 20.33 -10.15 -67.28
N TYR H 89 21.21 -9.44 -66.56
CA TYR H 89 20.81 -8.62 -65.42
C TYR H 89 21.38 -7.19 -65.48
N GLY H 90 21.17 -6.52 -66.60
CA GLY H 90 21.65 -5.15 -66.78
C GLY H 90 23.10 -4.89 -66.42
N ASN H 91 23.95 -5.87 -66.70
CA ASN H 91 25.41 -5.77 -66.53
C ASN H 91 25.89 -5.69 -65.11
N ILE H 92 25.03 -6.12 -64.17
CA ILE H 92 25.43 -6.26 -62.80
C ILE H 92 26.44 -7.39 -62.73
N THR H 93 27.60 -7.08 -62.15
CA THR H 93 28.67 -8.03 -61.99
C THR H 93 28.89 -8.43 -60.54
N ASP H 94 28.38 -7.65 -59.61
CA ASP H 94 28.43 -8.01 -58.20
C ASP H 94 27.37 -7.25 -57.39
N PHE H 95 27.09 -7.73 -56.20
CA PHE H 95 26.18 -7.07 -55.28
C PHE H 95 26.48 -7.46 -53.85
N ARG H 96 25.92 -6.66 -52.95
CA ARG H 96 26.04 -6.86 -51.52
C ARG H 96 24.76 -7.46 -51.01
N THR H 97 24.85 -8.28 -49.99
CA THR H 97 23.66 -8.87 -49.40
C THR H 97 23.97 -9.36 -47.99
N SER H 98 22.93 -9.40 -47.17
CA SER H 98 23.03 -9.86 -45.82
C SER H 98 23.59 -11.25 -45.82
N ALA H 99 24.54 -11.53 -44.92
CA ALA H 99 25.11 -12.87 -44.77
C ALA H 99 24.06 -13.93 -44.46
N ALA H 100 22.93 -13.49 -43.87
CA ALA H 100 21.84 -14.42 -43.57
C ALA H 100 21.15 -14.97 -44.84
N ASP H 101 21.24 -14.26 -45.96
CA ASP H 101 20.68 -14.73 -47.23
C ASP H 101 21.45 -15.88 -47.89
N ILE H 102 22.67 -16.17 -47.44
CA ILE H 102 23.50 -17.17 -48.07
C ILE H 102 24.10 -18.12 -47.06
N TRP H 103 24.55 -19.27 -47.56
CA TRP H 103 25.35 -20.19 -46.77
C TRP H 103 26.67 -19.54 -46.50
N THR H 104 27.14 -19.70 -45.26
CA THR H 104 28.48 -19.29 -44.85
C THR H 104 29.15 -20.48 -44.15
N PRO H 105 30.50 -20.55 -44.21
CA PRO H 105 31.15 -21.71 -43.61
C PRO H 105 31.24 -21.59 -42.08
N ASP H 106 31.33 -22.73 -41.39
CA ASP H 106 31.33 -22.79 -39.92
C ASP H 106 32.74 -22.71 -39.27
N ILE H 107 33.51 -21.76 -39.74
CA ILE H 107 34.85 -21.55 -39.30
C ILE H 107 34.75 -21.02 -37.90
N THR H 108 35.52 -21.56 -36.97
CA THR H 108 35.48 -21.11 -35.59
C THR H 108 36.89 -21.13 -35.03
N ALA H 109 37.16 -20.25 -34.07
CA ALA H 109 38.31 -20.37 -33.21
C ALA H 109 38.17 -21.63 -32.34
N TYR H 110 39.25 -22.41 -32.23
CA TYR H 110 39.25 -23.66 -31.53
C TYR H 110 39.61 -23.51 -30.06
N SER H 111 40.15 -22.37 -29.64
CA SER H 111 40.50 -22.20 -28.24
C SER H 111 39.86 -20.94 -27.64
N SER H 112 38.68 -20.57 -28.13
CA SER H 112 37.95 -19.43 -27.52
C SER H 112 37.48 -19.76 -26.09
N THR H 113 37.42 -18.74 -25.26
CA THR H 113 36.91 -18.85 -23.89
C THR H 113 35.58 -18.13 -23.69
N ARG H 114 35.15 -17.32 -24.66
CA ARG H 114 33.87 -16.58 -24.65
C ARG H 114 33.30 -16.59 -26.05
N PRO H 115 31.98 -16.40 -26.17
CA PRO H 115 31.44 -16.30 -27.52
C PRO H 115 32.10 -15.12 -28.25
N VAL H 116 32.36 -15.28 -29.55
CA VAL H 116 33.02 -14.26 -30.29
C VAL H 116 32.02 -13.09 -30.50
N GLN H 117 32.49 -11.86 -30.41
CA GLN H 117 31.65 -10.67 -30.61
C GLN H 117 31.89 -10.06 -31.96
N VAL H 118 30.81 -9.92 -32.72
CA VAL H 118 30.87 -9.36 -34.05
C VAL H 118 30.82 -7.85 -33.95
N LEU H 119 31.72 -7.17 -34.65
CA LEU H 119 31.88 -5.72 -34.57
C LEU H 119 31.43 -4.99 -35.81
N SER H 120 31.04 -5.70 -36.84
CA SER H 120 30.75 -5.12 -38.14
C SER H 120 29.43 -5.66 -38.64
N PRO H 121 28.77 -4.93 -39.56
CA PRO H 121 27.62 -5.48 -40.25
C PRO H 121 27.91 -6.79 -40.96
N GLN H 122 26.93 -7.67 -40.94
CA GLN H 122 27.07 -9.03 -41.48
C GLN H 122 26.57 -9.02 -42.92
N ILE H 123 27.42 -8.54 -43.80
CA ILE H 123 27.05 -8.33 -45.19
C ILE H 123 28.18 -8.91 -46.01
N ALA H 124 27.82 -9.59 -47.09
CA ALA H 124 28.77 -10.25 -47.97
C ALA H 124 28.72 -9.64 -49.35
N VAL H 125 29.79 -9.83 -50.11
CA VAL H 125 29.83 -9.41 -51.51
C VAL H 125 29.81 -10.65 -52.38
N VAL H 126 28.87 -10.71 -53.32
CA VAL H 126 28.72 -11.82 -54.25
C VAL H 126 29.04 -11.33 -55.66
N THR H 127 29.84 -12.09 -56.38
CA THR H 127 30.28 -11.73 -57.74
C THR H 127 29.72 -12.75 -58.72
N HIS H 128 29.53 -12.32 -59.97
CA HIS H 128 28.81 -13.12 -60.97
C HIS H 128 29.45 -14.48 -61.31
N ASP H 129 30.72 -14.68 -60.99
CA ASP H 129 31.36 -16.00 -61.12
C ASP H 129 31.04 -16.91 -59.93
N GLY H 130 30.17 -16.48 -59.02
CA GLY H 130 29.80 -17.28 -57.87
C GLY H 130 30.66 -17.11 -56.64
N SER H 131 31.65 -16.22 -56.70
CA SER H 131 32.53 -16.04 -55.54
C SER H 131 31.89 -15.10 -54.52
N VAL H 132 32.16 -15.39 -53.26
CA VAL H 132 31.63 -14.68 -52.14
C VAL H 132 32.82 -14.20 -51.32
N MET H 133 32.75 -12.96 -50.84
CA MET H 133 33.70 -12.40 -49.89
C MET H 133 32.90 -11.97 -48.64
N PHE H 134 33.35 -12.37 -47.47
CA PHE H 134 32.72 -12.03 -46.21
C PHE H 134 33.83 -11.67 -45.23
N ILE H 135 33.75 -10.50 -44.63
CA ILE H 135 34.81 -9.94 -43.78
C ILE H 135 34.28 -9.45 -42.43
N PRO H 136 33.91 -10.39 -41.57
CA PRO H 136 33.50 -10.00 -40.20
C PRO H 136 34.65 -9.51 -39.34
N ALA H 137 34.46 -8.35 -38.74
CA ALA H 137 35.36 -7.85 -37.71
C ALA H 137 34.86 -8.39 -36.37
N GLN H 138 35.79 -8.79 -35.52
CA GLN H 138 35.49 -9.57 -34.35
C GLN H 138 36.41 -9.28 -33.19
N ARG H 139 35.86 -9.43 -31.98
CA ARG H 139 36.64 -9.50 -30.75
C ARG H 139 36.58 -10.94 -30.21
N LEU H 140 37.72 -11.55 -29.97
CA LEU H 140 37.85 -12.92 -29.52
C LEU H 140 38.63 -12.95 -28.22
N SER H 141 38.09 -13.61 -27.19
CA SER H 141 38.90 -14.06 -26.04
C SER H 141 39.39 -15.49 -26.27
N PHE H 142 40.68 -15.74 -26.06
CA PHE H 142 41.21 -17.09 -26.22
C PHE H 142 42.31 -17.47 -25.23
N MET H 143 42.59 -18.75 -25.21
CA MET H 143 43.52 -19.33 -24.26
C MET H 143 44.92 -18.98 -24.68
N CYS H 144 45.63 -18.32 -23.78
CA CYS H 144 47.00 -17.92 -23.98
C CYS H 144 47.57 -17.57 -22.62
N ASP H 145 48.70 -18.19 -22.27
CA ASP H 145 49.51 -17.81 -21.12
C ASP H 145 50.46 -16.65 -21.52
N PRO H 146 50.19 -15.43 -21.00
CA PRO H 146 50.96 -14.29 -21.42
C PRO H 146 52.20 -14.01 -20.57
N THR H 147 52.66 -14.98 -19.79
CA THR H 147 53.90 -14.84 -19.02
C THR H 147 55.03 -14.46 -19.96
N GLY H 148 55.73 -13.39 -19.59
CA GLY H 148 56.83 -12.88 -20.41
C GLY H 148 56.44 -11.75 -21.33
N VAL H 149 55.17 -11.38 -21.38
CA VAL H 149 54.70 -10.28 -22.24
C VAL H 149 55.40 -8.97 -21.93
N ASP H 150 55.79 -8.78 -20.68
CA ASP H 150 56.44 -7.57 -20.21
C ASP H 150 57.96 -7.65 -20.24
N SER H 151 58.54 -8.56 -21.01
CA SER H 151 59.97 -8.65 -21.22
C SER H 151 60.33 -8.28 -22.66
N GLU H 152 61.62 -8.24 -22.96
CA GLU H 152 62.08 -7.90 -24.31
C GLU H 152 61.74 -8.98 -25.33
N GLU H 153 61.83 -10.24 -24.92
CA GLU H 153 61.55 -11.39 -25.80
C GLU H 153 60.07 -11.47 -26.14
N GLY H 154 59.25 -11.01 -25.20
CA GLY H 154 57.81 -11.06 -25.36
C GLY H 154 57.30 -12.47 -25.17
N VAL H 155 56.14 -12.75 -25.75
CA VAL H 155 55.45 -13.99 -25.54
C VAL H 155 54.80 -14.34 -26.86
N THR H 156 54.59 -15.62 -27.08
CA THR H 156 53.95 -16.11 -28.28
C THR H 156 52.67 -16.77 -27.87
N CYS H 157 51.57 -16.39 -28.51
CA CYS H 157 50.41 -17.27 -28.53
C CYS H 157 49.85 -17.54 -29.89
N ALA H 158 48.95 -18.52 -29.90
CA ALA H 158 48.43 -19.12 -31.09
C ALA H 158 46.99 -19.48 -30.86
N VAL H 159 46.23 -19.37 -31.92
CA VAL H 159 44.86 -19.80 -31.90
C VAL H 159 44.62 -20.24 -33.32
N LYS H 160 43.95 -21.37 -33.48
CA LYS H 160 43.64 -21.84 -34.80
C LYS H 160 42.19 -21.75 -35.13
N PHE H 161 41.93 -21.62 -36.41
CA PHE H 161 40.60 -21.40 -36.95
C PHE H 161 40.31 -22.45 -38.00
N GLY H 162 39.17 -23.15 -37.88
CA GLY H 162 38.68 -23.97 -38.95
C GLY H 162 37.29 -24.46 -38.77
N SER H 163 36.82 -25.27 -39.68
CA SER H 163 35.48 -25.79 -39.62
C SER H 163 35.32 -26.61 -38.34
N TRP H 164 34.17 -26.45 -37.71
CA TRP H 164 33.84 -27.23 -36.51
C TRP H 164 33.41 -28.63 -36.86
N VAL H 165 32.69 -28.80 -37.96
CA VAL H 165 32.15 -30.13 -38.28
C VAL H 165 32.47 -30.71 -39.66
N TYR H 166 33.08 -29.95 -40.55
CA TYR H 166 33.44 -30.48 -41.87
C TYR H 166 34.92 -30.85 -41.84
N SER H 167 35.25 -32.07 -42.25
CA SER H 167 36.60 -32.50 -42.39
C SER H 167 37.29 -31.90 -43.64
N GLY H 168 38.60 -32.19 -43.75
CA GLY H 168 39.31 -31.83 -44.95
C GLY H 168 38.77 -32.35 -46.30
N PHE H 169 38.03 -33.46 -46.23
CA PHE H 169 37.37 -34.00 -47.40
C PHE H 169 36.17 -33.20 -47.89
N GLU H 170 35.62 -32.29 -47.06
CA GLU H 170 34.48 -31.44 -47.42
C GLU H 170 34.83 -29.97 -47.54
N ILE H 171 35.64 -29.47 -46.59
CA ILE H 171 36.11 -28.11 -46.58
C ILE H 171 37.61 -28.11 -46.42
N ASP H 172 38.29 -27.57 -47.45
CA ASP H 172 39.70 -27.32 -47.39
C ASP H 172 39.88 -25.83 -47.17
N LEU H 173 40.93 -25.43 -46.48
CA LEU H 173 41.31 -24.07 -46.25
C LEU H 173 42.62 -23.80 -46.93
N LYS H 174 42.76 -22.56 -47.42
CA LYS H 174 44.03 -22.03 -47.79
C LYS H 174 44.15 -20.60 -47.33
N THR H 175 45.35 -20.07 -47.42
CA THR H 175 45.64 -18.69 -47.15
C THR H 175 46.29 -18.13 -48.41
N ASP H 176 46.11 -16.85 -48.67
CA ASP H 176 46.82 -16.20 -49.79
C ASP H 176 48.24 -15.86 -49.43
N THR H 177 48.53 -15.76 -48.14
CA THR H 177 49.85 -15.36 -47.67
C THR H 177 50.05 -15.94 -46.29
N ASP H 178 51.31 -16.10 -45.92
CA ASP H 178 51.67 -16.50 -44.57
C ASP H 178 51.72 -15.37 -43.56
N GLN H 179 51.73 -14.13 -44.01
CA GLN H 179 51.83 -12.98 -43.11
C GLN H 179 50.48 -12.47 -42.78
N VAL H 180 50.19 -12.33 -41.50
CA VAL H 180 49.00 -11.60 -41.02
C VAL H 180 49.13 -10.13 -41.43
N ASP H 181 48.07 -9.56 -41.98
CA ASP H 181 48.06 -8.14 -42.32
C ASP H 181 48.07 -7.30 -41.01
N LEU H 182 49.17 -6.58 -40.84
CA LEU H 182 49.44 -5.66 -39.75
C LEU H 182 49.33 -4.19 -40.15
N SER H 183 48.82 -3.90 -41.36
CA SER H 183 48.81 -2.50 -41.84
C SER H 183 47.69 -1.63 -41.19
N SER H 184 46.71 -2.27 -40.52
CA SER H 184 45.73 -1.52 -39.74
C SER H 184 45.92 -1.71 -38.24
N TYR H 185 47.10 -2.16 -37.82
CA TYR H 185 47.32 -2.41 -36.39
C TYR H 185 47.41 -1.06 -35.69
N TYR H 186 46.71 -0.94 -34.57
CA TYR H 186 46.60 0.33 -33.86
C TYR H 186 47.96 0.89 -33.45
N ALA H 187 48.28 2.07 -33.96
CA ALA H 187 49.58 2.67 -33.73
C ALA H 187 49.91 2.91 -32.25
N SER H 188 48.91 3.07 -31.39
CA SER H 188 49.18 3.32 -29.96
C SER H 188 48.71 2.20 -29.07
N SER H 189 48.79 0.97 -29.55
CA SER H 189 48.45 -0.20 -28.75
C SER H 189 49.31 -0.28 -27.50
N LYS H 190 48.84 -0.91 -26.43
CA LYS H 190 49.73 -1.29 -25.33
C LYS H 190 50.82 -2.28 -25.78
N TYR H 191 50.54 -3.03 -26.86
CA TYR H 191 51.35 -4.13 -27.29
C TYR H 191 51.96 -3.89 -28.67
N GLU H 192 53.23 -4.24 -28.79
CA GLU H 192 53.99 -4.18 -30.00
C GLU H 192 53.99 -5.61 -30.58
N ILE H 193 53.70 -5.75 -31.88
CA ILE H 193 53.70 -7.04 -32.56
C ILE H 193 55.09 -7.35 -33.10
N LEU H 194 55.74 -8.40 -32.60
CA LEU H 194 57.06 -8.79 -33.07
C LEU H 194 56.96 -9.70 -34.30
N SER H 195 55.92 -10.52 -34.36
CA SER H 195 55.73 -11.43 -35.47
C SER H 195 54.28 -11.89 -35.49
N ALA H 196 53.74 -12.15 -36.67
CA ALA H 196 52.37 -12.58 -36.81
C ALA H 196 52.19 -13.38 -38.09
N THR H 197 51.93 -14.68 -37.96
CA THR H 197 51.79 -15.56 -39.11
C THR H 197 50.47 -16.31 -39.13
N GLN H 198 50.07 -16.72 -40.33
CA GLN H 198 48.87 -17.53 -40.57
C GLN H 198 49.24 -18.72 -41.45
N THR H 199 49.08 -19.93 -40.92
CA THR H 199 49.63 -21.13 -41.54
C THR H 199 48.60 -22.23 -41.56
N ARG H 200 48.29 -22.72 -42.76
CA ARG H 200 47.46 -23.89 -42.94
C ARG H 200 48.09 -25.14 -42.27
N GLN H 201 47.29 -25.92 -41.57
CA GLN H 201 47.69 -27.14 -40.89
C GLN H 201 46.64 -28.19 -41.03
N VAL H 202 47.05 -29.43 -40.95
CA VAL H 202 46.21 -30.61 -40.96
C VAL H 202 46.22 -31.18 -39.56
N GLN H 203 45.05 -31.38 -38.98
CA GLN H 203 44.93 -31.84 -37.57
C GLN H 203 44.15 -33.10 -37.52
N HIS H 204 44.57 -34.03 -36.67
CA HIS H 204 43.78 -35.24 -36.37
C HIS H 204 43.33 -35.16 -34.92
N TYR H 205 42.09 -35.50 -34.66
CA TYR H 205 41.54 -35.62 -33.30
C TYR H 205 41.28 -37.08 -32.99
N SER H 206 41.38 -37.48 -31.74
CA SER H 206 41.20 -38.90 -31.35
C SER H 206 39.83 -39.50 -31.69
N CYS H 207 38.78 -38.70 -31.60
CA CYS H 207 37.39 -39.07 -31.96
C CYS H 207 37.16 -39.59 -33.37
N CYS H 208 37.93 -39.11 -34.34
CA CYS H 208 37.54 -39.06 -35.74
C CYS H 208 38.74 -39.54 -36.56
N PRO H 209 38.53 -40.35 -37.60
CA PRO H 209 39.67 -40.73 -38.44
C PRO H 209 40.05 -39.68 -39.51
N GLU H 210 39.15 -38.78 -39.82
CA GLU H 210 39.36 -37.83 -40.91
C GLU H 210 40.19 -36.66 -40.43
N PRO H 211 41.10 -36.17 -41.25
CA PRO H 211 41.82 -34.92 -40.91
C PRO H 211 40.91 -33.71 -41.00
N TYR H 212 41.19 -32.74 -40.13
CA TYR H 212 40.52 -31.44 -40.16
C TYR H 212 41.54 -30.41 -40.50
N ILE H 213 41.12 -29.35 -41.21
CA ILE H 213 42.07 -28.34 -41.69
C ILE H 213 41.78 -27.05 -40.90
N ASP H 214 42.87 -26.46 -40.41
CA ASP H 214 42.83 -25.19 -39.78
C ASP H 214 43.93 -24.26 -40.27
N VAL H 215 43.74 -22.98 -39.96
CA VAL H 215 44.74 -21.96 -40.15
C VAL H 215 45.13 -21.53 -38.76
N ASN H 216 46.43 -21.66 -38.47
CA ASN H 216 46.99 -21.33 -37.18
C ASN H 216 47.53 -19.89 -37.22
N LEU H 217 46.96 -19.05 -36.34
CA LEU H 217 47.33 -17.67 -36.24
C LEU H 217 48.29 -17.61 -35.04
N VAL H 218 49.55 -17.31 -35.29
CA VAL H 218 50.59 -17.29 -34.28
C VAL H 218 51.09 -15.89 -34.19
N VAL H 219 50.99 -15.29 -33.01
CA VAL H 219 51.34 -13.90 -32.79
C VAL H 219 52.32 -13.84 -31.65
N LYS H 220 53.46 -13.21 -31.89
CA LYS H 220 54.45 -12.96 -30.87
C LYS H 220 54.40 -11.48 -30.58
N PHE H 221 54.34 -11.10 -29.31
CA PHE H 221 54.12 -9.72 -28.93
C PHE H 221 54.67 -9.41 -27.55
N ARG H 222 54.79 -8.12 -27.26
CA ARG H 222 55.22 -7.67 -25.95
C ARG H 222 54.66 -6.29 -25.63
N GLU H 223 54.85 -5.84 -24.39
CA GLU H 223 54.40 -4.50 -24.01
C GLU H 223 55.27 -3.42 -24.65
N ARG H 224 54.76 -2.18 -24.69
CA ARG H 224 55.47 -0.96 -25.12
C ARG H 224 55.41 -0.91 -26.63
N GLN I 20 25.22 -31.45 -54.87
CA GLN I 20 24.28 -30.58 -54.14
C GLN I 20 22.85 -31.06 -54.36
N ALA I 21 22.46 -31.43 -55.58
CA ALA I 21 21.07 -31.82 -55.92
C ALA I 21 20.52 -32.96 -55.08
N ASN I 22 21.32 -34.01 -54.90
CA ASN I 22 20.88 -35.16 -54.12
C ASN I 22 20.73 -34.78 -52.66
N LEU I 23 21.69 -34.02 -52.14
CA LEU I 23 21.65 -33.60 -50.78
C LEU I 23 20.46 -32.66 -50.53
N MET I 24 20.21 -31.73 -51.43
CA MET I 24 19.04 -30.83 -51.31
C MET I 24 17.75 -31.65 -51.26
N ARG I 25 17.66 -32.68 -52.09
CA ARG I 25 16.47 -33.53 -52.13
C ARG I 25 16.30 -34.33 -50.81
N LEU I 26 17.40 -34.88 -50.30
CA LEU I 26 17.38 -35.61 -49.03
C LEU I 26 16.92 -34.73 -47.88
N LYS I 27 17.50 -33.54 -47.79
CA LYS I 27 17.17 -32.62 -46.71
C LYS I 27 15.70 -32.22 -46.78
N SER I 28 15.25 -31.95 -48.00
CA SER I 28 13.85 -31.64 -48.24
C SER I 28 12.91 -32.77 -47.81
N ASP I 29 13.24 -34.00 -48.20
CA ASP I 29 12.44 -35.17 -47.79
C ASP I 29 12.41 -35.37 -46.29
N LEU I 30 13.55 -35.22 -45.62
CA LEU I 30 13.61 -35.35 -44.18
C LEU I 30 12.92 -34.22 -43.40
N PHE I 31 13.14 -32.96 -43.77
CA PHE I 31 12.74 -31.84 -42.92
C PHE I 31 11.47 -31.12 -43.35
N ASN I 32 11.21 -31.01 -44.65
CA ASN I 32 10.01 -30.30 -45.16
C ASN I 32 8.80 -31.18 -45.40
N ARG I 33 8.96 -32.52 -45.41
CA ARG I 33 7.87 -33.40 -45.68
C ARG I 33 7.27 -34.11 -44.46
N SER I 34 7.80 -33.88 -43.27
CA SER I 34 7.12 -34.38 -42.05
C SER I 34 7.35 -33.45 -40.89
N PRO I 35 6.49 -33.52 -39.84
CA PRO I 35 6.74 -32.65 -38.68
C PRO I 35 8.01 -33.03 -37.99
N MET I 36 8.55 -32.13 -37.17
CA MET I 36 9.74 -32.44 -36.39
C MET I 36 9.42 -33.59 -35.39
N TYR I 37 10.46 -34.33 -35.02
CA TYR I 37 10.34 -35.34 -34.02
C TYR I 37 9.85 -34.63 -32.71
N PRO I 38 8.75 -35.10 -32.12
CA PRO I 38 8.21 -34.49 -30.91
C PRO I 38 8.93 -34.90 -29.61
N GLY I 39 10.04 -35.62 -29.71
CA GLY I 39 10.78 -36.11 -28.53
C GLY I 39 10.31 -37.52 -28.12
N PRO I 40 11.08 -38.17 -27.26
CA PRO I 40 10.82 -39.56 -26.86
C PRO I 40 9.67 -39.70 -25.89
N THR I 41 9.14 -40.91 -25.77
CA THR I 41 8.11 -41.25 -24.76
C THR I 41 8.47 -42.60 -24.13
N LYS I 42 7.69 -43.03 -23.11
CA LYS I 42 7.86 -44.36 -22.51
C LYS I 42 7.84 -45.46 -23.57
N ASP I 43 6.92 -45.35 -24.53
CA ASP I 43 6.75 -46.34 -25.61
C ASP I 43 7.84 -46.30 -26.67
N ASP I 44 8.50 -45.15 -26.85
CA ASP I 44 9.59 -45.02 -27.84
C ASP I 44 10.78 -44.26 -27.22
N PRO I 45 11.51 -44.88 -26.30
CA PRO I 45 12.57 -44.16 -25.63
C PRO I 45 13.79 -44.00 -26.49
N LEU I 46 14.71 -43.22 -25.99
CA LEU I 46 15.89 -42.84 -26.69
C LEU I 46 17.06 -42.98 -25.76
N THR I 47 18.17 -43.42 -26.31
CA THR I 47 19.44 -43.41 -25.55
C THR I 47 20.32 -42.33 -26.12
N VAL I 48 20.85 -41.52 -25.23
CA VAL I 48 21.78 -40.48 -25.54
C VAL I 48 23.13 -40.82 -24.93
N THR I 49 24.16 -40.81 -25.77
CA THR I 49 25.49 -41.09 -25.35
C THR I 49 26.21 -39.78 -25.20
N LEU I 50 27.04 -39.66 -24.18
CA LEU I 50 27.55 -38.41 -23.68
C LEU I 50 29.00 -38.62 -23.25
N GLY I 51 29.87 -37.74 -23.72
CA GLY I 51 31.26 -37.69 -23.27
C GLY I 51 31.79 -36.27 -23.29
N PHE I 52 32.81 -36.02 -22.48
CA PHE I 52 33.30 -34.68 -22.29
C PHE I 52 34.75 -34.61 -22.69
N THR I 53 35.10 -33.53 -23.42
CA THR I 53 36.45 -33.19 -23.69
C THR I 53 36.74 -31.90 -22.94
N LEU I 54 37.67 -31.94 -21.99
CA LEU I 54 37.93 -30.81 -21.13
C LEU I 54 39.07 -30.04 -21.74
N GLN I 55 38.81 -28.77 -22.04
CA GLN I 55 39.77 -27.95 -22.75
C GLN I 55 40.54 -27.02 -21.80
N ASP I 56 39.87 -26.44 -20.80
CA ASP I 56 40.59 -25.59 -19.84
C ASP I 56 39.73 -25.35 -18.60
N ILE I 57 40.38 -25.21 -17.45
CA ILE I 57 39.74 -24.61 -16.30
C ILE I 57 40.16 -23.17 -16.36
N VAL I 58 39.22 -22.27 -16.68
CA VAL I 58 39.56 -20.90 -17.03
C VAL I 58 39.48 -19.91 -15.90
N LYS I 59 38.80 -20.27 -14.80
CA LYS I 59 38.61 -19.36 -13.70
C LYS I 59 38.15 -20.09 -12.44
N VAL I 60 38.72 -19.68 -11.31
CA VAL I 60 38.36 -20.22 -10.02
C VAL I 60 38.07 -19.03 -9.11
N ASP I 61 36.95 -19.02 -8.40
CA ASP I 61 36.59 -17.83 -7.59
C ASP I 61 36.22 -18.31 -6.20
N SER I 62 37.11 -18.06 -5.25
CA SER I 62 36.93 -18.59 -3.90
C SER I 62 36.04 -17.69 -3.04
N SER I 63 35.74 -16.48 -3.51
CA SER I 63 34.84 -15.62 -2.78
C SER I 63 33.38 -15.95 -3.06
N THR I 64 33.08 -16.57 -4.19
CA THR I 64 31.71 -17.02 -4.50
C THR I 64 31.57 -18.54 -4.66
N ASN I 65 32.65 -19.28 -4.58
CA ASN I 65 32.66 -20.72 -4.88
C ASN I 65 32.06 -21.03 -6.24
N GLU I 66 32.60 -20.38 -7.27
CA GLU I 66 32.32 -20.68 -8.68
C GLU I 66 33.61 -21.12 -9.39
N VAL I 67 33.49 -22.04 -10.33
CA VAL I 67 34.59 -22.43 -11.18
C VAL I 67 34.04 -22.39 -12.60
N ASP I 68 34.86 -21.92 -13.55
CA ASP I 68 34.48 -21.88 -14.96
C ASP I 68 35.32 -22.90 -15.75
N LEU I 69 34.65 -23.75 -16.53
CA LEU I 69 35.33 -24.70 -17.42
C LEU I 69 34.97 -24.34 -18.81
N VAL I 70 35.88 -24.67 -19.73
CA VAL I 70 35.57 -24.75 -21.13
C VAL I 70 35.74 -26.21 -21.54
N TYR I 71 34.73 -26.75 -22.19
CA TYR I 71 34.71 -28.14 -22.59
C TYR I 71 33.83 -28.31 -23.83
N TRP I 72 33.95 -29.46 -24.46
CA TRP I 72 33.12 -29.88 -25.59
C TRP I 72 32.29 -31.05 -25.11
N GLU I 73 31.04 -31.07 -25.49
CA GLU I 73 30.10 -32.04 -24.99
C GLU I 73 29.70 -32.87 -26.19
N ARG I 74 30.18 -34.11 -26.29
CA ARG I 74 29.83 -34.96 -27.39
C ARG I 74 28.51 -35.61 -27.05
N GLN I 75 27.50 -35.44 -27.90
CA GLN I 75 26.19 -36.05 -27.73
C GLN I 75 25.82 -36.85 -28.95
N ARG I 76 25.29 -38.03 -28.73
CA ARG I 76 24.90 -38.87 -29.81
C ARG I 76 23.61 -39.57 -29.50
N TRP I 77 22.73 -39.64 -30.48
CA TRP I 77 21.49 -40.38 -30.35
C TRP I 77 21.04 -40.82 -31.70
N LYS I 78 19.94 -41.56 -31.79
CA LYS I 78 19.52 -42.13 -33.04
C LYS I 78 18.03 -42.05 -33.17
N LEU I 79 17.54 -41.66 -34.34
CA LEU I 79 16.11 -41.59 -34.65
C LEU I 79 15.75 -42.33 -35.90
N ASN I 80 14.69 -43.14 -35.84
CA ASN I 80 14.18 -43.81 -37.03
C ASN I 80 13.74 -42.82 -38.07
N SER I 81 13.21 -41.68 -37.64
CA SER I 81 12.69 -40.68 -38.55
C SER I 81 13.78 -39.96 -39.34
N LEU I 82 15.05 -40.12 -38.94
CA LEU I 82 16.17 -39.56 -39.69
C LEU I 82 16.92 -40.57 -40.57
N MET I 83 16.35 -41.76 -40.79
CA MET I 83 16.98 -42.80 -41.62
C MET I 83 16.67 -42.58 -43.08
N TRP I 84 17.58 -43.05 -43.93
CA TRP I 84 17.37 -43.07 -45.36
C TRP I 84 18.26 -44.15 -45.99
N ASP I 85 17.90 -44.59 -47.17
CA ASP I 85 18.70 -45.51 -47.92
C ASP I 85 19.66 -44.72 -48.82
N PRO I 86 20.99 -44.83 -48.57
CA PRO I 86 21.93 -44.08 -49.41
C PRO I 86 21.79 -44.28 -50.92
N ASN I 87 21.33 -45.48 -51.35
CA ASN I 87 21.15 -45.72 -52.77
C ASN I 87 20.07 -44.87 -53.41
N GLU I 88 19.11 -44.43 -52.62
CA GLU I 88 18.08 -43.52 -53.11
C GLU I 88 18.57 -42.09 -53.24
N TYR I 89 19.70 -41.75 -52.64
CA TYR I 89 20.20 -40.36 -52.62
C TYR I 89 21.68 -40.25 -53.04
N GLY I 90 21.99 -40.81 -54.19
CA GLY I 90 23.36 -40.74 -54.73
C GLY I 90 24.47 -41.17 -53.79
N ASN I 91 24.19 -42.13 -52.93
CA ASN I 91 25.16 -42.71 -51.99
C ASN I 91 25.63 -41.81 -50.88
N ILE I 92 24.85 -40.76 -50.61
CA ILE I 92 25.08 -39.92 -49.46
C ILE I 92 24.79 -40.77 -48.23
N THR I 93 25.80 -40.82 -47.34
CA THR I 93 25.72 -41.57 -46.12
C THR I 93 25.63 -40.68 -44.89
N ASP I 94 26.01 -39.42 -45.02
CA ASP I 94 25.87 -38.46 -43.95
C ASP I 94 25.88 -37.02 -44.47
N PHE I 95 25.42 -36.10 -43.64
CA PHE I 95 25.44 -34.69 -43.96
C PHE I 95 25.43 -33.86 -42.67
N ARG I 96 25.77 -32.60 -42.82
CA ARG I 96 25.80 -31.63 -41.75
C ARG I 96 24.59 -30.75 -41.87
N THR I 97 24.07 -30.29 -40.75
CA THR I 97 22.91 -29.42 -40.78
C THR I 97 22.82 -28.68 -39.45
N SER I 98 22.21 -27.50 -39.52
CA SER I 98 22.02 -26.65 -38.39
C SER I 98 21.26 -27.43 -37.33
N ALA I 99 21.69 -27.33 -36.08
CA ALA I 99 20.98 -27.96 -34.98
C ALA I 99 19.54 -27.48 -34.84
N ALA I 100 19.24 -26.29 -35.36
CA ALA I 100 17.86 -25.80 -35.35
C ALA I 100 16.92 -26.60 -36.27
N ASP I 101 17.44 -27.28 -37.27
CA ASP I 101 16.64 -28.15 -38.15
C ASP I 101 16.16 -29.45 -37.52
N ILE I 102 16.73 -29.83 -36.38
CA ILE I 102 16.41 -31.12 -35.77
C ILE I 102 16.12 -31.00 -34.30
N TRP I 103 15.44 -32.00 -33.76
CA TRP I 103 15.30 -32.13 -32.32
C TRP I 103 16.65 -32.42 -31.71
N THR I 104 16.92 -31.78 -30.59
CA THR I 104 18.09 -32.05 -29.76
C THR I 104 17.65 -32.28 -28.30
N PRO I 105 18.42 -33.08 -27.55
CA PRO I 105 17.98 -33.36 -26.19
C PRO I 105 18.28 -32.21 -25.22
N ASP I 106 17.52 -32.16 -24.14
CA ASP I 106 17.60 -31.09 -23.11
C ASP I 106 18.58 -31.35 -21.97
N ILE I 107 19.77 -31.81 -22.32
CA ILE I 107 20.79 -32.17 -21.34
C ILE I 107 21.28 -30.85 -20.78
N THR I 108 21.38 -30.76 -19.47
CA THR I 108 21.78 -29.50 -18.84
C THR I 108 22.67 -29.83 -17.64
N ALA I 109 23.59 -28.92 -17.34
CA ALA I 109 24.27 -28.95 -16.05
C ALA I 109 23.28 -28.61 -14.93
N TYR I 110 23.35 -29.36 -13.85
CA TYR I 110 22.44 -29.25 -12.71
C TYR I 110 22.90 -28.27 -11.69
N SER I 111 24.15 -27.83 -11.69
CA SER I 111 24.62 -26.88 -10.66
C SER I 111 25.31 -25.67 -11.33
N SER I 112 24.82 -25.26 -12.50
CA SER I 112 25.31 -24.02 -13.11
C SER I 112 24.87 -22.79 -12.29
N THR I 113 25.71 -21.75 -12.33
CA THR I 113 25.41 -20.48 -11.70
C THR I 113 25.13 -19.36 -12.71
N ARG I 114 25.42 -19.60 -14.00
CA ARG I 114 25.14 -18.65 -15.10
C ARG I 114 24.64 -19.38 -16.31
N PRO I 115 23.96 -18.68 -17.22
CA PRO I 115 23.61 -19.35 -18.47
C PRO I 115 24.86 -19.87 -19.16
N VAL I 116 24.79 -21.05 -19.75
CA VAL I 116 25.94 -21.64 -20.40
C VAL I 116 26.20 -20.85 -21.70
N GLN I 117 27.47 -20.58 -22.01
CA GLN I 117 27.84 -19.85 -23.22
C GLN I 117 28.37 -20.80 -24.28
N VAL I 118 27.74 -20.77 -25.45
CA VAL I 118 28.09 -21.61 -26.54
C VAL I 118 29.25 -20.98 -27.32
N LEU I 119 30.29 -21.76 -27.59
CA LEU I 119 31.51 -21.27 -28.19
C LEU I 119 31.71 -21.77 -29.61
N SER I 120 30.83 -22.60 -30.13
CA SER I 120 30.99 -23.22 -31.42
C SER I 120 29.72 -23.06 -32.21
N PRO I 121 29.81 -23.11 -33.54
CA PRO I 121 28.61 -23.19 -34.38
C PRO I 121 27.74 -24.38 -34.02
N GLN I 122 26.44 -24.19 -34.12
CA GLN I 122 25.44 -25.17 -33.67
C GLN I 122 25.04 -26.00 -34.89
N ILE I 123 25.88 -26.97 -35.21
CA ILE I 123 25.72 -27.77 -36.40
C ILE I 123 25.89 -29.20 -35.96
N ALA I 124 25.03 -30.08 -36.49
CA ALA I 124 25.05 -31.51 -36.16
C ALA I 124 25.41 -32.32 -37.40
N VAL I 125 25.86 -33.55 -37.18
CA VAL I 125 26.11 -34.51 -38.24
C VAL I 125 25.07 -35.58 -38.15
N VAL I 126 24.37 -35.85 -39.26
CA VAL I 126 23.32 -36.86 -39.35
C VAL I 126 23.80 -37.95 -40.31
N THR I 127 23.65 -39.20 -39.89
CA THR I 127 24.09 -40.36 -40.66
C THR I 127 22.87 -41.16 -41.06
N HIS I 128 23.00 -41.90 -42.18
CA HIS I 128 21.87 -42.57 -42.81
C HIS I 128 21.15 -43.62 -41.96
N ASP I 129 21.79 -44.11 -40.90
CA ASP I 129 21.15 -45.02 -39.94
C ASP I 129 20.33 -44.25 -38.90
N GLY I 130 20.21 -42.93 -39.06
CA GLY I 130 19.41 -42.10 -38.17
C GLY I 130 20.18 -41.55 -37.00
N SER I 131 21.49 -41.83 -36.90
CA SER I 131 22.26 -41.33 -35.78
C SER I 131 22.67 -39.88 -36.00
N VAL I 132 22.71 -39.14 -34.90
CA VAL I 132 23.04 -37.75 -34.88
C VAL I 132 24.21 -37.59 -33.93
N MET I 133 25.19 -36.77 -34.31
CA MET I 133 26.30 -36.37 -33.47
C MET I 133 26.26 -34.83 -33.37
N PHE I 134 26.29 -34.30 -32.15
CA PHE I 134 26.25 -32.88 -31.88
C PHE I 134 27.29 -32.60 -30.82
N ILE I 135 28.21 -31.67 -31.10
CA ILE I 135 29.36 -31.40 -30.22
C ILE I 135 29.50 -29.92 -29.90
N PRO I 136 28.60 -29.38 -29.07
CA PRO I 136 28.74 -27.99 -28.65
C PRO I 136 29.91 -27.76 -27.69
N ALA I 137 30.73 -26.77 -28.01
CA ALA I 137 31.76 -26.29 -27.12
C ALA I 137 31.13 -25.20 -26.26
N GLN I 138 31.49 -25.18 -24.99
CA GLN I 138 30.78 -24.40 -24.01
C GLN I 138 31.70 -23.90 -22.91
N ARG I 139 31.33 -22.74 -22.36
CA ARG I 139 31.86 -22.27 -21.09
C ARG I 139 30.77 -22.32 -20.03
N LEU I 140 31.04 -23.01 -18.92
CA LEU I 140 30.09 -23.21 -17.85
C LEU I 140 30.68 -22.66 -16.57
N SER I 141 29.93 -21.81 -15.88
CA SER I 141 30.21 -21.51 -14.45
C SER I 141 29.38 -22.45 -13.55
N PHE I 142 30.01 -23.07 -12.57
CA PHE I 142 29.29 -23.96 -11.66
C PHE I 142 29.78 -23.92 -10.22
N MET I 143 28.95 -24.52 -9.36
CA MET I 143 29.18 -24.47 -7.93
C MET I 143 30.31 -25.41 -7.58
N CYS I 144 31.34 -24.86 -6.96
CA CYS I 144 32.50 -25.59 -6.54
C CYS I 144 33.29 -24.72 -5.58
N ASP I 145 33.57 -25.25 -4.39
CA ASP I 145 34.49 -24.67 -3.42
C ASP I 145 35.94 -25.07 -3.76
N PRO I 146 36.75 -24.12 -4.25
CA PRO I 146 38.09 -24.46 -4.68
C PRO I 146 39.17 -24.38 -3.59
N THR I 147 38.78 -24.36 -2.33
CA THR I 147 39.75 -24.37 -1.22
C THR I 147 40.65 -25.58 -1.38
N GLY I 148 41.95 -25.33 -1.33
CA GLY I 148 42.95 -26.38 -1.48
C GLY I 148 43.50 -26.52 -2.89
N VAL I 149 42.99 -25.73 -3.83
CA VAL I 149 43.46 -25.78 -5.21
C VAL I 149 44.95 -25.49 -5.34
N ASP I 150 45.47 -24.67 -4.42
CA ASP I 150 46.87 -24.26 -4.41
C ASP I 150 47.76 -25.14 -3.55
N SER I 151 47.33 -26.37 -3.23
CA SER I 151 48.14 -27.35 -2.52
C SER I 151 48.51 -28.50 -3.44
N GLU I 152 49.31 -29.43 -2.95
CA GLU I 152 49.74 -30.59 -3.73
C GLU I 152 48.56 -31.55 -3.99
N GLU I 153 47.68 -31.72 -2.99
CA GLU I 153 46.54 -32.62 -3.10
C GLU I 153 45.51 -32.09 -4.08
N GLY I 154 45.44 -30.77 -4.19
CA GLY I 154 44.47 -30.12 -5.05
C GLY I 154 43.08 -30.17 -4.45
N VAL I 155 42.09 -30.08 -5.31
CA VAL I 155 40.71 -29.97 -4.90
C VAL I 155 39.90 -30.73 -5.92
N THR I 156 38.75 -31.22 -5.49
CA THR I 156 37.87 -31.98 -6.35
C THR I 156 36.59 -31.21 -6.47
N CYS I 157 36.12 -30.97 -7.69
CA CYS I 157 34.69 -30.67 -7.88
C CYS I 157 34.01 -31.52 -8.91
N ALA I 158 32.69 -31.37 -8.91
CA ALA I 158 31.78 -32.25 -9.60
C ALA I 158 30.60 -31.45 -10.05
N VAL I 159 30.07 -31.80 -11.21
CA VAL I 159 28.87 -31.23 -11.71
C VAL I 159 28.25 -32.33 -12.53
N LYS I 160 26.94 -32.50 -12.42
CA LYS I 160 26.29 -33.52 -13.17
C LYS I 160 25.42 -32.96 -14.27
N PHE I 161 25.23 -33.78 -15.29
CA PHE I 161 24.53 -33.43 -16.49
C PHE I 161 23.44 -34.44 -16.74
N GLY I 162 22.25 -33.97 -17.08
CA GLY I 162 21.14 -34.83 -17.44
C GLY I 162 20.03 -34.08 -18.10
N SER I 163 19.03 -34.83 -18.55
CA SER I 163 17.83 -34.22 -19.06
C SER I 163 17.16 -33.44 -17.91
N TRP I 164 16.63 -32.27 -18.26
CA TRP I 164 15.91 -31.45 -17.28
C TRP I 164 14.55 -31.95 -17.06
N VAL I 165 13.88 -32.49 -18.07
CA VAL I 165 12.49 -32.94 -17.90
C VAL I 165 12.13 -34.37 -18.28
N TYR I 166 13.03 -35.11 -18.89
CA TYR I 166 12.74 -36.51 -19.28
C TYR I 166 13.35 -37.44 -18.25
N SER I 167 12.56 -38.39 -17.77
CA SER I 167 13.08 -39.48 -16.91
C SER I 167 13.84 -40.52 -17.72
N GLY I 168 14.46 -41.41 -17.01
CA GLY I 168 15.09 -42.63 -17.55
C GLY I 168 14.23 -43.48 -18.42
N PHE I 169 12.92 -43.47 -18.21
CA PHE I 169 11.98 -44.16 -19.09
C PHE I 169 11.82 -43.57 -20.48
N GLU I 170 12.23 -42.30 -20.67
CA GLU I 170 12.17 -41.63 -21.96
C GLU I 170 13.54 -41.38 -22.59
N ILE I 171 14.49 -40.92 -21.77
CA ILE I 171 15.86 -40.70 -22.17
C ILE I 171 16.77 -41.38 -21.21
N ASP I 172 17.53 -42.35 -21.70
CA ASP I 172 18.59 -43.04 -20.97
C ASP I 172 19.89 -42.41 -21.40
N LEU I 173 20.84 -42.26 -20.47
CA LEU I 173 22.18 -41.79 -20.81
C LEU I 173 23.17 -42.87 -20.64
N LYS I 174 24.15 -42.91 -21.51
CA LYS I 174 25.32 -43.70 -21.31
C LYS I 174 26.56 -42.90 -21.69
N THR I 175 27.70 -43.43 -21.30
CA THR I 175 28.98 -42.91 -21.68
C THR I 175 29.71 -44.03 -22.39
N ASP I 176 30.56 -43.71 -23.34
CA ASP I 176 31.42 -44.74 -23.96
C ASP I 176 32.61 -45.08 -23.09
N THR I 177 32.96 -44.18 -22.19
CA THR I 177 34.14 -44.34 -21.36
C THR I 177 33.91 -43.61 -20.06
N ASP I 178 34.61 -44.04 -19.04
CA ASP I 178 34.65 -43.35 -17.75
C ASP I 178 35.64 -42.19 -17.70
N GLN I 179 36.57 -42.12 -18.63
CA GLN I 179 37.64 -41.12 -18.59
C GLN I 179 37.21 -39.94 -19.44
N VAL I 180 37.26 -38.75 -18.87
CA VAL I 180 37.11 -37.51 -19.62
C VAL I 180 38.29 -37.37 -20.57
N ASP I 181 38.01 -37.02 -21.83
CA ASP I 181 39.07 -36.80 -22.80
C ASP I 181 39.87 -35.52 -22.43
N LEU I 182 41.13 -35.74 -22.09
CA LEU I 182 42.11 -34.69 -21.76
C LEU I 182 43.12 -34.45 -22.88
N SER I 183 42.92 -35.00 -24.07
CA SER I 183 43.93 -34.87 -25.13
C SER I 183 43.97 -33.48 -25.80
N SER I 184 42.96 -32.65 -25.60
CA SER I 184 42.99 -31.25 -26.07
C SER I 184 43.06 -30.29 -24.89
N TYR I 185 43.50 -30.74 -23.72
CA TYR I 185 43.59 -29.85 -22.57
C TYR I 185 44.73 -28.88 -22.80
N TYR I 186 44.47 -27.60 -22.54
CA TYR I 186 45.43 -26.53 -22.84
C TYR I 186 46.75 -26.75 -22.11
N ALA I 187 47.82 -26.88 -22.90
CA ALA I 187 49.13 -27.18 -22.38
C ALA I 187 49.66 -26.17 -21.38
N SER I 188 49.23 -24.91 -21.44
CA SER I 188 49.72 -23.88 -20.50
C SER I 188 48.64 -23.36 -19.57
N SER I 189 47.72 -24.22 -19.19
CA SER I 189 46.66 -23.84 -18.23
C SER I 189 47.28 -23.40 -16.90
N LYS I 190 46.60 -22.56 -16.14
CA LYS I 190 47.01 -22.33 -14.74
C LYS I 190 46.88 -23.64 -13.91
N TYR I 191 46.01 -24.55 -14.35
CA TYR I 191 45.63 -25.70 -13.57
C TYR I 191 46.03 -27.01 -14.24
N GLU I 192 46.56 -27.91 -13.43
CA GLU I 192 46.94 -29.24 -13.80
C GLU I 192 45.78 -30.17 -13.40
N ILE I 193 45.37 -31.04 -14.31
CA ILE I 193 44.30 -32.02 -14.04
C ILE I 193 44.88 -33.29 -13.45
N LEU I 194 44.52 -33.61 -12.21
CA LEU I 194 45.00 -34.83 -11.55
C LEU I 194 44.12 -36.02 -11.89
N SER I 195 42.83 -35.78 -12.07
CA SER I 195 41.91 -36.86 -12.42
C SER I 195 40.65 -36.24 -12.99
N ALA I 196 39.99 -36.94 -13.90
CA ALA I 196 38.77 -36.44 -14.50
C ALA I 196 37.92 -37.61 -15.01
N THR I 197 36.76 -37.84 -14.37
CA THR I 197 35.90 -38.93 -14.71
C THR I 197 34.48 -38.49 -15.08
N GLN I 198 33.80 -39.34 -15.83
CA GLN I 198 32.39 -39.16 -16.23
C GLN I 198 31.66 -40.48 -15.95
N THR I 199 30.67 -40.43 -15.05
CA THR I 199 30.05 -41.63 -14.54
C THR I 199 28.54 -41.51 -14.53
N ARG I 200 27.88 -42.43 -15.24
CA ARG I 200 26.45 -42.56 -15.18
C ARG I 200 25.95 -42.86 -13.76
N GLN I 201 24.87 -42.20 -13.35
CA GLN I 201 24.25 -42.35 -12.02
C GLN I 201 22.75 -42.35 -12.19
N VAL I 202 22.08 -43.19 -11.42
CA VAL I 202 20.63 -43.34 -11.48
C VAL I 202 20.10 -42.78 -10.18
N GLN I 203 19.15 -41.88 -10.26
CA GLN I 203 18.50 -41.29 -9.06
C GLN I 203 17.05 -41.59 -9.05
N HIS I 204 16.47 -41.89 -7.92
CA HIS I 204 15.03 -42.05 -7.73
C HIS I 204 14.56 -40.96 -6.80
N TYR I 205 13.37 -40.44 -7.03
CA TYR I 205 12.69 -39.56 -6.03
C TYR I 205 11.51 -40.28 -5.45
N SER I 206 11.19 -40.05 -4.20
CA SER I 206 10.07 -40.78 -3.52
C SER I 206 8.69 -40.61 -4.18
N CYS I 207 8.43 -39.42 -4.71
CA CYS I 207 7.19 -39.08 -5.43
C CYS I 207 6.82 -39.96 -6.62
N CYS I 208 7.82 -40.49 -7.32
CA CYS I 208 7.76 -40.86 -8.72
C CYS I 208 8.40 -42.24 -8.84
N PRO I 209 7.87 -43.13 -9.68
CA PRO I 209 8.51 -44.45 -9.83
C PRO I 209 9.72 -44.48 -10.77
N GLU I 210 9.85 -43.48 -11.61
CA GLU I 210 10.82 -43.52 -12.71
C GLU I 210 12.20 -43.12 -12.23
N PRO I 211 13.23 -43.82 -12.71
CA PRO I 211 14.61 -43.31 -12.46
C PRO I 211 14.92 -42.09 -13.27
N TYR I 212 15.73 -41.20 -12.76
CA TYR I 212 16.25 -40.04 -13.51
C TYR I 212 17.77 -40.23 -13.60
N ILE I 213 18.34 -39.96 -14.77
CA ILE I 213 19.70 -40.38 -15.05
C ILE I 213 20.53 -39.16 -15.27
N ASP I 214 21.72 -39.15 -14.69
CA ASP I 214 22.72 -38.13 -14.98
C ASP I 214 24.11 -38.78 -15.19
N VAL I 215 24.99 -37.97 -15.77
CA VAL I 215 26.39 -38.27 -15.86
C VAL I 215 27.10 -37.27 -14.99
N ASN I 216 27.86 -37.78 -14.03
CA ASN I 216 28.60 -36.96 -13.09
C ASN I 216 30.03 -36.75 -13.57
N LEU I 217 30.38 -35.49 -13.78
CA LEU I 217 31.70 -35.11 -14.24
C LEU I 217 32.46 -34.68 -12.99
N VAL I 218 33.46 -35.43 -12.59
CA VAL I 218 34.23 -35.20 -11.39
C VAL I 218 35.66 -34.90 -11.82
N VAL I 219 36.16 -33.73 -11.47
CA VAL I 219 37.48 -33.29 -11.86
C VAL I 219 38.26 -32.89 -10.62
N LYS I 220 39.43 -33.50 -10.46
CA LYS I 220 40.35 -33.15 -9.40
C LYS I 220 41.49 -32.40 -10.03
N PHE I 221 41.87 -31.26 -9.46
CA PHE I 221 42.85 -30.37 -10.08
C PHE I 221 43.56 -29.52 -9.07
N ARG I 222 44.67 -28.91 -9.50
CA ARG I 222 45.43 -28.00 -8.67
C ARG I 222 46.18 -26.98 -9.52
N GLU I 223 46.77 -25.97 -8.88
CA GLU I 223 47.56 -24.96 -9.60
C GLU I 223 48.86 -25.56 -10.09
N ARG I 224 49.51 -24.87 -11.03
CA ARG I 224 50.87 -25.14 -11.54
C ARG I 224 50.77 -26.23 -12.56
N GLN J 20 5.75 -42.11 -31.85
CA GLN J 20 5.96 -40.68 -32.36
C GLN J 20 4.70 -40.27 -33.12
N ALA J 21 4.08 -41.16 -33.93
CA ALA J 21 2.87 -40.80 -34.70
C ALA J 21 1.70 -40.31 -33.84
N ASN J 22 1.44 -41.02 -32.74
CA ASN J 22 0.35 -40.64 -31.84
C ASN J 22 0.64 -39.31 -31.17
N LEU J 23 1.88 -39.13 -30.73
CA LEU J 23 2.27 -37.91 -30.09
C LEU J 23 2.21 -36.73 -31.05
N MET J 24 2.68 -36.92 -32.28
CA MET J 24 2.58 -35.86 -33.30
C MET J 24 1.14 -35.46 -33.52
N ARG J 25 0.23 -36.44 -33.56
CA ARG J 25 -1.19 -36.19 -33.76
C ARG J 25 -1.81 -35.40 -32.58
N LEU J 26 -1.45 -35.81 -31.36
CA LEU J 26 -1.92 -35.13 -30.15
C LEU J 26 -1.48 -33.67 -30.12
N LYS J 27 -0.21 -33.44 -30.39
CA LYS J 27 0.36 -32.10 -30.35
C LYS J 27 -0.30 -31.22 -31.40
N SER J 28 -0.50 -31.80 -32.58
CA SER J 28 -1.19 -31.13 -33.66
C SER J 28 -2.62 -30.74 -33.26
N ASP J 29 -3.36 -31.66 -32.68
CA ASP J 29 -4.73 -31.38 -32.22
C ASP J 29 -4.77 -30.30 -31.15
N LEU J 30 -3.86 -30.34 -30.20
CA LEU J 30 -3.79 -29.33 -29.14
C LEU J 30 -3.32 -27.94 -29.64
N PHE J 31 -2.25 -27.86 -30.44
CA PHE J 31 -1.59 -26.60 -30.73
C PHE J 31 -1.89 -25.99 -32.09
N ASN J 32 -2.11 -26.78 -33.11
CA ASN J 32 -2.42 -26.26 -34.48
C ASN J 32 -3.91 -26.11 -34.77
N ARG J 33 -4.79 -26.72 -33.96
CA ARG J 33 -6.21 -26.68 -34.24
C ARG J 33 -7.02 -25.72 -33.36
N SER J 34 -6.38 -25.02 -32.42
CA SER J 34 -7.05 -23.88 -31.79
C SER J 34 -6.03 -22.79 -31.45
N PRO J 35 -6.50 -21.57 -31.22
CA PRO J 35 -5.52 -20.52 -30.81
C PRO J 35 -4.97 -20.83 -29.45
N MET J 36 -3.85 -20.23 -29.11
CA MET J 36 -3.27 -20.38 -27.77
C MET J 36 -4.26 -19.84 -26.70
N TYR J 37 -4.13 -20.38 -25.50
CA TYR J 37 -4.91 -19.92 -24.39
C TYR J 37 -4.58 -18.41 -24.20
N PRO J 38 -5.60 -17.55 -24.19
CA PRO J 38 -5.35 -16.08 -24.06
C PRO J 38 -5.11 -15.62 -22.64
N GLY J 39 -4.98 -16.56 -21.68
CA GLY J 39 -4.83 -16.22 -20.27
C GLY J 39 -6.17 -16.15 -19.55
N PRO J 40 -6.12 -16.11 -18.22
CA PRO J 40 -7.32 -16.13 -17.39
C PRO J 40 -8.07 -14.81 -17.38
N THR J 41 -9.33 -14.85 -16.98
CA THR J 41 -10.16 -13.64 -16.77
C THR J 41 -10.94 -13.78 -15.46
N LYS J 42 -11.68 -12.73 -15.07
CA LYS J 42 -12.54 -12.81 -13.88
C LYS J 42 -13.52 -13.99 -13.98
N ASP J 43 -14.09 -14.21 -15.16
CA ASP J 43 -15.04 -15.31 -15.40
C ASP J 43 -14.41 -16.69 -15.46
N ASP J 44 -13.12 -16.79 -15.79
CA ASP J 44 -12.42 -18.08 -15.83
C ASP J 44 -11.04 -17.98 -15.18
N PRO J 45 -11.00 -17.86 -13.85
CA PRO J 45 -9.71 -17.66 -13.20
C PRO J 45 -8.91 -18.93 -13.13
N LEU J 46 -7.67 -18.77 -12.73
CA LEU J 46 -6.71 -19.80 -12.77
C LEU J 46 -5.96 -19.80 -11.46
N THR J 47 -5.66 -20.96 -10.94
CA THR J 47 -4.82 -21.10 -9.79
C THR J 47 -3.49 -21.68 -10.21
N VAL J 48 -2.44 -21.00 -9.77
CA VAL J 48 -1.07 -21.40 -10.01
C VAL J 48 -0.44 -21.75 -8.70
N THR J 49 0.17 -22.94 -8.66
CA THR J 49 0.85 -23.43 -7.49
C THR J 49 2.33 -23.18 -7.69
N LEU J 50 3.01 -22.78 -6.62
CA LEU J 50 4.33 -22.23 -6.68
C LEU J 50 5.10 -22.74 -5.47
N GLY J 51 6.31 -23.25 -5.72
CA GLY J 51 7.25 -23.62 -4.67
C GLY J 51 8.66 -23.39 -5.15
N PHE J 52 9.57 -23.22 -4.18
CA PHE J 52 10.94 -22.85 -4.48
C PHE J 52 11.87 -23.90 -3.96
N THR J 53 12.87 -24.24 -4.78
CA THR J 53 13.99 -25.04 -4.37
C THR J 53 15.20 -24.15 -4.41
N LEU J 54 15.82 -23.92 -3.26
CA LEU J 54 16.94 -23.01 -3.16
C LEU J 54 18.20 -23.81 -3.30
N GLN J 55 19.00 -23.46 -4.30
CA GLN J 55 20.19 -24.22 -4.62
C GLN J 55 21.46 -23.58 -4.08
N ASP J 56 21.57 -22.25 -4.15
CA ASP J 56 22.75 -21.58 -3.57
C ASP J 56 22.51 -20.09 -3.43
N ILE J 57 23.12 -19.50 -2.41
CA ILE J 57 23.26 -18.06 -2.33
C ILE J 57 24.64 -17.83 -2.88
N VAL J 58 24.74 -17.26 -4.06
CA VAL J 58 26.00 -17.22 -4.82
C VAL J 58 26.80 -15.95 -4.64
N LYS J 59 26.16 -14.89 -4.16
CA LYS J 59 26.84 -13.59 -4.06
C LYS J 59 26.07 -12.67 -3.11
N VAL J 60 26.82 -11.93 -2.32
CA VAL J 60 26.30 -10.94 -1.42
C VAL J 60 27.10 -9.67 -1.66
N ASP J 61 26.46 -8.52 -1.85
CA ASP J 61 27.20 -7.28 -2.13
C ASP J 61 26.69 -6.19 -1.20
N SER J 62 27.50 -5.84 -0.22
CA SER J 62 27.08 -4.92 0.82
C SER J 62 27.28 -3.46 0.40
N SER J 63 28.00 -3.23 -0.71
CA SER J 63 28.16 -1.87 -1.21
C SER J 63 26.95 -1.42 -2.02
N THR J 64 26.20 -2.37 -2.60
CA THR J 64 24.96 -2.04 -3.32
C THR J 64 23.69 -2.63 -2.74
N ASN J 65 23.81 -3.42 -1.67
CA ASN J 65 22.68 -4.16 -1.11
C ASN J 65 21.95 -5.00 -2.15
N GLU J 66 22.72 -5.84 -2.85
CA GLU J 66 22.22 -6.88 -3.75
C GLU J 66 22.65 -8.27 -3.24
N VAL J 67 21.78 -9.25 -3.41
CA VAL J 67 22.13 -10.64 -3.12
C VAL J 67 21.70 -11.43 -4.35
N ASP J 68 22.50 -12.43 -4.73
CA ASP J 68 22.18 -13.30 -5.86
C ASP J 68 21.86 -14.72 -5.37
N LEU J 69 20.74 -15.27 -5.83
CA LEU J 69 20.35 -16.63 -5.50
C LEU J 69 20.30 -17.39 -6.77
N VAL J 70 20.52 -18.70 -6.67
CA VAL J 70 20.15 -19.65 -7.70
C VAL J 70 19.11 -20.57 -7.09
N TYR J 71 18.00 -20.72 -7.79
CA TYR J 71 16.87 -21.49 -7.33
C TYR J 71 16.09 -22.04 -8.51
N TRP J 72 15.23 -23.01 -8.24
CA TRP J 72 14.28 -23.57 -9.20
C TRP J 72 12.89 -23.17 -8.75
N GLU J 73 12.07 -22.79 -9.68
CA GLU J 73 10.75 -22.28 -9.39
C GLU J 73 9.77 -23.28 -9.95
N ARG J 74 9.12 -24.06 -9.09
CA ARG J 74 8.16 -25.04 -9.55
C ARG J 74 6.86 -24.33 -9.73
N GLN J 75 6.28 -24.39 -10.94
CA GLN J 75 4.99 -23.79 -11.24
C GLN J 75 4.07 -24.83 -11.81
N ARG J 76 2.82 -24.82 -11.34
CA ARG J 76 1.87 -25.75 -11.83
C ARG J 76 0.53 -25.09 -11.98
N TRP J 77 -0.16 -25.42 -13.07
CA TRP J 77 -1.53 -24.92 -13.28
C TRP J 77 -2.22 -25.92 -14.18
N LYS J 78 -3.49 -25.70 -14.45
CA LYS J 78 -4.29 -26.65 -15.18
C LYS J 78 -5.21 -25.93 -16.14
N LEU J 79 -5.30 -26.42 -17.38
CA LEU J 79 -6.18 -25.86 -18.38
C LEU J 79 -7.07 -26.92 -19.01
N ASN J 80 -8.35 -26.63 -19.14
CA ASN J 80 -9.27 -27.51 -19.81
C ASN J 80 -8.88 -27.72 -21.26
N SER J 81 -8.32 -26.69 -21.88
CA SER J 81 -7.98 -26.77 -23.29
C SER J 81 -6.77 -27.67 -23.55
N LEU J 82 -6.05 -28.10 -22.51
CA LEU J 82 -4.96 -29.03 -22.66
C LEU J 82 -5.31 -30.49 -22.27
N MET J 83 -6.59 -30.80 -22.09
CA MET J 83 -7.03 -32.15 -21.72
C MET J 83 -7.18 -33.01 -22.94
N TRP J 84 -7.00 -34.33 -22.75
CA TRP J 84 -7.27 -35.31 -23.77
C TRP J 84 -7.53 -36.66 -23.13
N ASP J 85 -8.19 -37.54 -23.87
CA ASP J 85 -8.41 -38.90 -23.42
C ASP J 85 -7.23 -39.75 -23.93
N PRO J 86 -6.42 -40.32 -23.02
CA PRO J 86 -5.30 -41.16 -23.45
C PRO J 86 -5.65 -42.30 -24.41
N ASN J 87 -6.86 -42.85 -24.32
CA ASN J 87 -7.30 -43.91 -25.20
C ASN J 87 -7.43 -43.47 -26.65
N GLU J 88 -7.65 -42.19 -26.89
CA GLU J 88 -7.71 -41.67 -28.24
C GLU J 88 -6.31 -41.46 -28.83
N TYR J 89 -5.26 -41.47 -28.01
CA TYR J 89 -3.91 -41.17 -28.46
C TYR J 89 -2.87 -42.21 -28.02
N GLY J 90 -3.15 -43.47 -28.31
CA GLY J 90 -2.25 -44.57 -27.97
C GLY J 90 -1.75 -44.61 -26.55
N ASN J 91 -2.59 -44.21 -25.61
CA ASN J 91 -2.32 -44.27 -24.16
C ASN J 91 -1.26 -43.32 -23.66
N ILE J 92 -0.98 -42.28 -24.46
CA ILE J 92 -0.13 -41.20 -24.01
C ILE J 92 -0.87 -40.48 -22.90
N THR J 93 -0.20 -40.35 -21.77
CA THR J 93 -0.73 -39.69 -20.59
C THR J 93 -0.03 -38.37 -20.29
N ASP J 94 1.16 -38.18 -20.87
CA ASP J 94 1.84 -36.89 -20.75
C ASP J 94 2.89 -36.71 -21.85
N PHE J 95 3.33 -35.49 -22.05
CA PHE J 95 4.39 -35.19 -22.99
C PHE J 95 5.11 -33.90 -22.59
N ARG J 96 6.28 -33.73 -23.18
CA ARG J 96 7.12 -32.55 -22.97
C ARG J 96 6.99 -31.64 -24.14
N THR J 97 7.08 -30.36 -23.91
CA THR J 97 6.98 -29.39 -25.00
C THR J 97 7.63 -28.09 -24.58
N SER J 98 8.15 -27.39 -25.56
CA SER J 98 8.82 -26.12 -25.36
C SER J 98 7.82 -25.19 -24.68
N ALA J 99 8.27 -24.45 -23.70
CA ALA J 99 7.41 -23.46 -23.02
C ALA J 99 6.90 -22.40 -23.97
N ALA J 100 7.58 -22.19 -25.09
CA ALA J 100 7.10 -21.24 -26.11
C ALA J 100 5.82 -21.71 -26.81
N ASP J 101 5.54 -23.01 -26.84
CA ASP J 101 4.31 -23.55 -27.43
C ASP J 101 3.05 -23.33 -26.57
N ILE J 102 3.19 -22.90 -25.33
CA ILE J 102 2.05 -22.79 -24.43
C ILE J 102 2.07 -21.48 -23.68
N TRP J 103 0.91 -21.11 -23.17
CA TRP J 103 0.81 -20.01 -22.23
C TRP J 103 1.50 -20.39 -20.95
N THR J 104 2.25 -19.44 -20.39
CA THR J 104 2.85 -19.54 -19.08
C THR J 104 2.49 -18.30 -18.25
N PRO J 105 2.42 -18.42 -16.93
CA PRO J 105 2.01 -17.26 -16.15
C PRO J 105 3.15 -16.24 -15.96
N ASP J 106 2.80 -14.97 -15.76
CA ASP J 106 3.77 -13.86 -15.68
C ASP J 106 4.28 -13.57 -14.25
N ILE J 107 4.64 -14.62 -13.55
CA ILE J 107 5.11 -14.55 -12.20
C ILE J 107 6.47 -13.90 -12.27
N THR J 108 6.72 -12.92 -11.42
CA THR J 108 8.01 -12.22 -11.46
C THR J 108 8.38 -11.87 -9.99
N ALA J 109 9.68 -11.81 -9.74
CA ALA J 109 10.20 -11.21 -8.55
C ALA J 109 9.91 -9.70 -8.58
N TYR J 110 9.47 -9.17 -7.43
CA TYR J 110 9.05 -7.79 -7.33
C TYR J 110 10.20 -6.84 -7.00
N SER J 111 11.31 -7.35 -6.51
CA SER J 111 12.44 -6.49 -6.12
C SER J 111 13.73 -7.01 -6.77
N SER J 112 13.65 -7.51 -8.00
CA SER J 112 14.87 -7.77 -8.77
C SER J 112 15.62 -6.48 -9.14
N THR J 113 16.93 -6.57 -9.23
CA THR J 113 17.78 -5.47 -9.66
C THR J 113 18.41 -5.69 -11.03
N ARG J 114 18.32 -6.92 -11.56
CA ARG J 114 18.82 -7.26 -12.94
C ARG J 114 17.86 -8.18 -13.61
N PRO J 115 17.90 -8.27 -14.92
CA PRO J 115 17.06 -9.29 -15.58
C PRO J 115 17.41 -10.67 -15.05
N VAL J 116 16.41 -11.52 -14.85
CA VAL J 116 16.65 -12.84 -14.31
C VAL J 116 17.32 -13.68 -15.38
N GLN J 117 18.29 -14.51 -15.00
CA GLN J 117 18.99 -15.40 -15.94
C GLN J 117 18.50 -16.81 -15.83
N VAL J 118 18.04 -17.35 -16.93
CA VAL J 118 17.50 -18.70 -17.00
C VAL J 118 18.66 -19.69 -17.15
N LEU J 119 18.67 -20.73 -16.33
CA LEU J 119 19.77 -21.68 -16.27
C LEU J 119 19.40 -23.05 -16.80
N SER J 120 18.17 -23.26 -17.21
CA SER J 120 17.70 -24.58 -17.63
C SER J 120 16.94 -24.43 -18.93
N PRO J 121 16.81 -25.52 -19.70
CA PRO J 121 15.92 -25.52 -20.86
C PRO J 121 14.50 -25.14 -20.47
N GLN J 122 13.83 -24.44 -21.37
CA GLN J 122 12.48 -23.91 -21.14
C GLN J 122 11.50 -24.89 -21.75
N ILE J 123 11.25 -25.97 -21.00
CA ILE J 123 10.44 -27.07 -21.48
C ILE J 123 9.50 -27.38 -20.34
N ALA J 124 8.25 -27.66 -20.70
CA ALA J 124 7.19 -27.96 -19.74
C ALA J 124 6.68 -29.35 -19.91
N VAL J 125 6.06 -29.90 -18.86
CA VAL J 125 5.40 -31.20 -18.94
C VAL J 125 3.90 -30.98 -18.90
N VAL J 126 3.18 -31.53 -19.88
CA VAL J 126 1.74 -31.45 -19.97
C VAL J 126 1.15 -32.85 -19.75
N THR J 127 0.14 -32.94 -18.89
CA THR J 127 -0.50 -34.21 -18.55
C THR J 127 -1.93 -34.20 -19.04
N HIS J 128 -2.47 -35.39 -19.30
CA HIS J 128 -3.76 -35.52 -19.96
C HIS J 128 -4.97 -34.92 -19.23
N ASP J 129 -4.83 -34.65 -17.93
CA ASP J 129 -5.87 -33.91 -17.18
C ASP J 129 -5.77 -32.38 -17.37
N GLY J 130 -4.85 -31.94 -18.25
CA GLY J 130 -4.68 -30.53 -18.54
C GLY J 130 -3.69 -29.80 -17.67
N SER J 131 -3.03 -30.52 -16.74
CA SER J 131 -2.09 -29.87 -15.85
C SER J 131 -0.73 -29.70 -16.55
N VAL J 132 -0.08 -28.60 -16.21
CA VAL J 132 1.18 -28.24 -16.75
C VAL J 132 2.14 -28.07 -15.56
N MET J 133 3.36 -28.57 -15.71
CA MET J 133 4.42 -28.38 -14.73
C MET J 133 5.59 -27.72 -15.48
N PHE J 134 6.10 -26.61 -14.93
CA PHE J 134 7.17 -25.85 -15.53
C PHE J 134 8.13 -25.49 -14.39
N ILE J 135 9.41 -25.86 -14.53
CA ILE J 135 10.39 -25.72 -13.45
C ILE J 135 11.67 -25.02 -13.95
N PRO J 136 11.58 -23.72 -14.25
CA PRO J 136 12.77 -23.00 -14.64
C PRO J 136 13.77 -22.77 -13.47
N ALA J 137 15.02 -23.12 -13.73
CA ALA J 137 16.10 -22.77 -12.84
C ALA J 137 16.61 -21.39 -13.22
N GLN J 138 16.94 -20.60 -12.23
CA GLN J 138 17.19 -19.18 -12.41
C GLN J 138 18.21 -18.63 -11.46
N ARG J 139 18.93 -17.62 -11.91
CA ARG J 139 19.75 -16.76 -11.06
C ARG J 139 19.13 -15.37 -10.98
N LEU J 140 18.88 -14.89 -9.77
CA LEU J 140 18.17 -13.65 -9.51
C LEU J 140 19.08 -12.77 -8.65
N SER J 141 19.30 -11.53 -9.06
CA SER J 141 19.83 -10.49 -8.17
C SER J 141 18.64 -9.70 -7.56
N PHE J 142 18.64 -9.50 -6.24
CA PHE J 142 17.55 -8.76 -5.61
C PHE J 142 17.99 -7.89 -4.44
N MET J 143 17.08 -7.00 -4.06
CA MET J 143 17.37 -6.01 -3.04
C MET J 143 17.38 -6.67 -1.68
N CYS J 144 18.50 -6.55 -1.00
CA CYS J 144 18.72 -7.11 0.31
C CYS J 144 19.93 -6.45 0.92
N ASP J 145 19.77 -5.88 2.10
CA ASP J 145 20.88 -5.41 2.93
C ASP J 145 21.45 -6.58 3.75
N PRO J 146 22.66 -7.04 3.41
CA PRO J 146 23.21 -8.23 4.08
C PRO J 146 24.02 -7.93 5.34
N THR J 147 23.91 -6.73 5.92
CA THR J 147 24.56 -6.40 7.18
C THR J 147 24.17 -7.42 8.22
N GLY J 148 25.18 -8.00 8.87
CA GLY J 148 24.99 -9.03 9.88
C GLY J 148 25.14 -10.44 9.37
N VAL J 149 25.37 -10.60 8.07
CA VAL J 149 25.54 -11.94 7.48
C VAL J 149 26.70 -12.70 8.09
N ASP J 150 27.72 -11.97 8.54
CA ASP J 150 28.92 -12.56 9.12
C ASP J 150 28.85 -12.70 10.66
N SER J 151 27.66 -12.67 11.24
CA SER J 151 27.46 -12.95 12.65
C SER J 151 26.73 -14.28 12.84
N GLU J 152 26.56 -14.69 14.10
CA GLU J 152 25.86 -15.93 14.42
C GLU J 152 24.36 -15.85 14.11
N GLU J 153 23.77 -14.69 14.34
CA GLU J 153 22.33 -14.48 14.12
C GLU J 153 22.01 -14.46 12.64
N GLY J 154 22.99 -14.03 11.83
CA GLY J 154 22.83 -13.94 10.40
C GLY J 154 21.96 -12.77 10.03
N VAL J 155 21.36 -12.85 8.86
CA VAL J 155 20.60 -11.77 8.29
C VAL J 155 19.43 -12.39 7.57
N THR J 156 18.36 -11.64 7.47
CA THR J 156 17.14 -12.10 6.83
C THR J 156 16.91 -11.21 5.64
N CYS J 157 16.69 -11.81 4.48
CA CYS J 157 16.01 -11.09 3.40
C CYS J 157 14.86 -11.82 2.79
N ALA J 158 14.14 -11.06 1.97
CA ALA J 158 12.86 -11.44 1.46
C ALA J 158 12.69 -10.88 0.09
N VAL J 159 12.00 -11.65 -0.74
CA VAL J 159 11.66 -11.18 -2.06
C VAL J 159 10.33 -11.87 -2.32
N LYS J 160 9.40 -11.13 -2.90
CA LYS J 160 8.14 -11.77 -3.22
C LYS J 160 7.95 -11.93 -4.71
N PHE J 161 7.14 -12.92 -5.03
CA PHE J 161 6.88 -13.34 -6.38
C PHE J 161 5.38 -13.33 -6.61
N GLY J 162 4.97 -12.72 -7.71
CA GLY J 162 3.58 -12.73 -8.12
C GLY J 162 3.41 -12.33 -9.57
N SER J 163 2.17 -12.41 -10.02
CA SER J 163 1.83 -11.94 -11.33
C SER J 163 2.13 -10.41 -11.38
N TRP J 164 2.65 -9.97 -12.50
CA TRP J 164 2.92 -8.56 -12.71
C TRP J 164 1.68 -7.82 -13.07
N VAL J 165 0.77 -8.44 -13.83
CA VAL J 165 -0.43 -7.72 -14.28
C VAL J 165 -1.79 -8.35 -13.99
N TYR J 166 -1.85 -9.57 -13.48
CA TYR J 166 -3.14 -10.20 -13.17
C TYR J 166 -3.38 -10.05 -11.66
N SER J 167 -4.58 -9.59 -11.31
CA SER J 167 -5.03 -9.61 -9.91
C SER J 167 -5.41 -10.98 -9.42
N GLY J 168 -5.70 -11.06 -8.15
CA GLY J 168 -6.28 -12.25 -7.51
C GLY J 168 -7.56 -12.76 -8.11
N PHE J 169 -8.33 -11.90 -8.72
CA PHE J 169 -9.52 -12.30 -9.45
C PHE J 169 -9.27 -13.09 -10.73
N GLU J 170 -8.05 -13.01 -11.28
CA GLU J 170 -7.68 -13.74 -12.49
C GLU J 170 -6.69 -14.88 -12.22
N ILE J 171 -5.66 -14.61 -11.42
CA ILE J 171 -4.65 -15.56 -11.03
C ILE J 171 -4.53 -15.57 -9.52
N ASP J 172 -4.87 -16.72 -8.93
CA ASP J 172 -4.63 -17.00 -7.52
C ASP J 172 -3.38 -17.83 -7.42
N LEU J 173 -2.59 -17.63 -6.38
CA LEU J 173 -1.41 -18.43 -6.09
C LEU J 173 -1.64 -19.24 -4.86
N LYS J 174 -1.13 -20.45 -4.85
CA LYS J 174 -0.98 -21.19 -3.64
C LYS J 174 0.38 -21.85 -3.59
N THR J 175 0.71 -22.35 -2.42
CA THR J 175 1.91 -23.12 -2.21
C THR J 175 1.46 -24.47 -1.68
N ASP J 176 2.20 -25.53 -1.96
CA ASP J 176 1.93 -26.85 -1.36
C ASP J 176 2.43 -26.92 0.07
N THR J 177 3.39 -26.07 0.41
CA THR J 177 4.02 -26.10 1.70
C THR J 177 4.58 -24.72 1.99
N ASP J 178 4.76 -24.44 3.27
CA ASP J 178 5.41 -23.22 3.73
C ASP J 178 6.92 -23.29 3.74
N GLN J 179 7.52 -24.47 3.64
CA GLN J 179 8.96 -24.62 3.70
C GLN J 179 9.53 -24.63 2.31
N VAL J 180 10.51 -23.77 2.08
CA VAL J 180 11.33 -23.84 0.85
C VAL J 180 12.11 -25.15 0.83
N ASP J 181 12.11 -25.82 -0.29
CA ASP J 181 12.90 -27.04 -0.45
C ASP J 181 14.41 -26.71 -0.44
N LEU J 182 15.06 -27.20 0.60
CA LEU J 182 16.51 -27.10 0.83
C LEU J 182 17.26 -28.40 0.58
N SER J 183 16.62 -29.40 0.01
CA SER J 183 17.28 -30.71 -0.17
C SER J 183 18.32 -30.73 -1.31
N SER J 184 18.34 -29.73 -2.17
CA SER J 184 19.40 -29.59 -3.19
C SER J 184 20.31 -28.41 -2.90
N TYR J 185 20.32 -27.92 -1.65
CA TYR J 185 21.14 -26.75 -1.34
C TYR J 185 22.60 -27.19 -1.34
N TYR J 186 23.46 -26.41 -1.99
CA TYR J 186 24.86 -26.76 -2.18
C TYR J 186 25.57 -26.95 -0.84
N ALA J 187 26.08 -28.15 -0.62
CA ALA J 187 26.70 -28.54 0.63
C ALA J 187 27.90 -27.69 1.00
N SER J 188 28.61 -27.08 0.04
CA SER J 188 29.79 -26.29 0.33
C SER J 188 29.60 -24.81 0.01
N SER J 189 28.39 -24.32 0.17
CA SER J 189 28.09 -22.90 -0.03
C SER J 189 28.91 -22.04 0.91
N LYS J 190 29.19 -20.79 0.55
CA LYS J 190 29.72 -19.84 1.53
C LYS J 190 28.71 -19.59 2.67
N TYR J 191 27.43 -19.80 2.39
CA TYR J 191 26.35 -19.44 3.27
C TYR J 191 25.56 -20.64 3.77
N GLU J 192 25.27 -20.62 5.05
CA GLU J 192 24.46 -21.59 5.74
C GLU J 192 23.05 -21.04 5.83
N ILE J 193 22.03 -21.84 5.47
CA ILE J 193 20.64 -21.43 5.55
C ILE J 193 20.07 -21.74 6.93
N LEU J 194 19.68 -20.72 7.68
CA LEU J 194 19.08 -20.92 9.00
C LEU J 194 17.59 -21.15 8.90
N SER J 195 16.94 -20.51 7.94
CA SER J 195 15.52 -20.67 7.77
C SER J 195 15.14 -20.20 6.38
N ALA J 196 14.11 -20.80 5.80
CA ALA J 196 13.66 -20.44 4.46
C ALA J 196 12.20 -20.80 4.29
N THR J 197 11.34 -19.79 4.16
CA THR J 197 9.91 -20.00 4.04
C THR J 197 9.32 -19.37 2.80
N GLN J 198 8.17 -19.89 2.38
CA GLN J 198 7.39 -19.37 1.25
C GLN J 198 5.94 -19.22 1.68
N THR J 199 5.43 -18.01 1.68
CA THR J 199 4.15 -17.68 2.30
C THR J 199 3.29 -16.86 1.37
N ARG J 200 2.13 -17.42 1.03
CA ARG J 200 1.12 -16.71 0.30
C ARG J 200 0.63 -15.48 1.07
N GLN J 201 0.49 -14.33 0.38
CA GLN J 201 -0.01 -13.09 0.94
C GLN J 201 -0.93 -12.43 -0.02
N VAL J 202 -1.92 -11.71 0.50
CA VAL J 202 -2.88 -10.95 -0.28
C VAL J 202 -2.53 -9.47 -0.08
N GLN J 203 -2.31 -8.73 -1.16
CA GLN J 203 -1.88 -7.35 -1.09
C GLN J 203 -2.94 -6.48 -1.76
N HIS J 204 -3.19 -5.32 -1.21
CA HIS J 204 -3.96 -4.27 -1.89
C HIS J 204 -3.02 -3.11 -2.15
N TYR J 205 -3.08 -2.56 -3.36
CA TYR J 205 -2.31 -1.37 -3.72
C TYR J 205 -3.22 -0.19 -3.88
N SER J 206 -2.72 1.02 -3.64
CA SER J 206 -3.51 2.25 -3.85
C SER J 206 -4.08 2.45 -5.25
N CYS J 207 -3.34 2.02 -6.29
CA CYS J 207 -3.78 2.13 -7.69
C CYS J 207 -5.10 1.42 -8.04
N CYS J 208 -5.38 0.31 -7.36
CA CYS J 208 -6.23 -0.74 -7.90
C CYS J 208 -7.16 -1.18 -6.80
N PRO J 209 -8.44 -1.45 -7.06
CA PRO J 209 -9.31 -2.01 -6.01
C PRO J 209 -9.18 -3.52 -5.82
N GLU J 210 -8.62 -4.21 -6.80
CA GLU J 210 -8.51 -5.66 -6.74
C GLU J 210 -7.32 -6.09 -5.89
N PRO J 211 -7.47 -7.14 -5.12
CA PRO J 211 -6.31 -7.73 -4.45
C PRO J 211 -5.33 -8.39 -5.39
N TYR J 212 -4.05 -8.34 -5.08
CA TYR J 212 -3.00 -9.05 -5.79
C TYR J 212 -2.40 -10.09 -4.86
N ILE J 213 -1.96 -11.19 -5.42
CA ILE J 213 -1.43 -12.29 -4.64
C ILE J 213 0.02 -12.46 -4.92
N ASP J 214 0.79 -12.61 -3.85
CA ASP J 214 2.19 -12.99 -3.97
C ASP J 214 2.55 -14.10 -2.99
N VAL J 215 3.70 -14.71 -3.28
CA VAL J 215 4.35 -15.61 -2.38
C VAL J 215 5.63 -14.95 -1.96
N ASN J 216 5.78 -14.78 -0.65
CA ASN J 216 6.94 -14.15 -0.06
C ASN J 216 7.97 -15.21 0.34
N LEU J 217 9.15 -15.10 -0.25
CA LEU J 217 10.25 -16.02 -0.02
C LEU J 217 11.15 -15.30 0.98
N VAL J 218 11.22 -15.82 2.20
CA VAL J 218 11.99 -15.20 3.27
C VAL J 218 13.08 -16.17 3.65
N VAL J 219 14.32 -15.72 3.55
CA VAL J 219 15.48 -16.57 3.77
C VAL J 219 16.37 -15.90 4.81
N LYS J 220 16.68 -16.63 5.87
CA LYS J 220 17.60 -16.18 6.88
C LYS J 220 18.86 -17.00 6.71
N PHE J 221 20.01 -16.35 6.70
CA PHE J 221 21.26 -17.02 6.39
C PHE J 221 22.45 -16.30 6.99
N ARG J 222 23.58 -17.00 7.03
CA ARG J 222 24.83 -16.43 7.50
C ARG J 222 26.03 -17.10 6.85
N GLU J 223 27.22 -16.55 7.08
CA GLU J 223 28.45 -17.16 6.54
C GLU J 223 28.77 -18.46 7.25
N ARG J 224 29.64 -19.27 6.64
CA ARG J 224 30.25 -20.49 7.22
C ARG J 224 29.23 -21.62 7.06
C1 NAG K . 9.06 45.74 21.45
C2 NAG K . 9.73 44.79 20.45
C3 NAG K . 10.64 45.70 19.64
C4 NAG K . 9.70 46.53 18.76
C5 NAG K . 8.63 47.30 19.58
C6 NAG K . 7.42 47.64 18.71
C7 NAG K . 9.88 42.34 20.94
C8 NAG K . 10.59 41.26 21.73
N2 NAG K . 10.34 43.61 21.08
O3 NAG K . 11.62 45.00 18.86
O4 NAG K . 10.47 47.46 17.96
O5 NAG K . 8.14 46.58 20.75
O6 NAG K . 7.79 48.26 17.46
O7 NAG K . 8.93 42.02 20.25
C22 7A9 L . -35.31 1.79 45.50
C13 7A9 L . -33.23 -4.64 48.68
C21 7A9 L . -36.27 0.84 46.25
C14 7A9 L . -30.86 -3.04 51.95
C11 7A9 L . -31.87 -4.97 50.65
C16 7A9 L . -33.31 1.21 46.60
C20 7A9 L . -35.51 0.29 47.45
C19 7A9 L . -35.50 1.46 48.43
O07 7A9 L . -34.34 -2.82 46.93
C06 7A9 L . -33.66 -2.33 47.82
N05 7A9 L . -33.44 -1.00 47.94
C15 7A9 L . -34.11 -0.09 46.96
C18 7A9 L . -34.84 2.66 47.73
N17 7A9 L . -34.28 2.30 46.41
C04 7A9 L . -32.52 -0.35 48.90
C08 7A9 L . -33.04 -3.25 48.81
C12 7A9 L . -32.63 -5.49 49.60
C10 7A9 L . -31.68 -3.59 50.79
C01 7A9 L . -30.11 -1.73 51.66
C09 7A9 L . -32.27 -2.73 49.86
C03 7A9 L . -32.07 -1.25 50.07
C02 7A9 L . -30.61 -0.93 50.45
C1 NAG M . -21.99 2.64 72.10
C2 NAG M . -21.60 3.95 72.80
C3 NAG M . -21.05 3.72 74.22
C4 NAG M . -20.62 2.27 74.47
C5 NAG M . -21.67 1.22 74.06
C6 NAG M . -22.61 0.84 75.22
C7 NAG M . -20.68 5.99 71.68
C8 NAG M . -19.54 6.53 70.85
N2 NAG M . -20.60 4.69 72.03
O3 NAG M . -22.03 4.10 75.19
O4 NAG M . -19.38 2.05 73.78
O5 NAG M . -22.52 1.64 72.97
O6 NAG M . -21.89 0.19 76.27
O7 NAG M . -21.63 6.71 71.97
C22 7A9 N . -16.67 -13.72 27.47
C13 7A9 N . -9.87 -15.95 25.18
C21 7A9 N . -16.16 -14.88 26.58
C14 7A9 N . -7.71 -15.92 28.92
C11 7A9 N . -7.88 -16.34 26.48
C16 7A9 N . -14.50 -13.40 28.54
C20 7A9 N . -14.84 -15.42 27.11
C19 7A9 N . -15.12 -16.04 28.46
O07 7A9 N . -12.42 -15.14 25.20
C06 7A9 N . -11.90 -15.10 26.32
N05 7A9 N . -12.50 -14.65 27.43
C15 7A9 N . -13.92 -14.22 27.34
C18 7A9 N . -16.00 -15.10 29.31
N17 7A9 N . -15.96 -13.73 28.76
C04 7A9 N . -11.84 -14.38 28.68
C08 7A9 N . -10.52 -15.54 26.37
C12 7A9 N . -8.55 -16.37 25.26
C10 7A9 N . -8.51 -15.91 27.65
C01 7A9 N . -8.51 -15.47 30.16
C09 7A9 N . -9.83 -15.48 27.57
C03 7A9 N . -10.54 -15.13 28.81
C02 7A9 N . -9.63 -14.49 29.83
C1 NAG O . 3.54 -22.07 46.30
C2 NAG O . 4.41 -21.75 47.52
C3 NAG O . 5.85 -22.22 47.30
C4 NAG O . 6.01 -23.56 46.56
C5 NAG O . 5.16 -23.64 45.28
C6 NAG O . 5.20 -25.04 44.62
C7 NAG O . 3.43 -19.46 48.22
C8 NAG O . 3.84 -18.12 48.74
N2 NAG O . 4.44 -20.31 47.92
O3 NAG O . 6.44 -22.37 48.60
O4 NAG O . 7.40 -23.74 46.26
O5 NAG O . 3.81 -23.33 45.63
O6 NAG O . 5.72 -25.01 43.28
O7 NAG O . 2.24 -19.70 48.11
C22 7A9 P . -5.49 5.07 7.58
C13 7A9 P . -0.66 10.55 5.39
C21 7A9 P . -5.23 5.78 6.26
C14 7A9 P . 2.63 9.40 7.87
C11 7A9 P . 1.58 10.82 6.16
C16 7A9 P . -3.80 6.41 8.68
C20 7A9 P . -3.79 6.25 6.17
C19 7A9 P . -2.94 5.01 6.32
O07 7A9 P . -3.09 9.22 5.68
C06 7A9 P . -2.12 8.79 6.35
N05 7A9 P . -2.21 7.80 7.21
C15 7A9 P . -3.56 7.19 7.36
C18 7A9 P . -3.20 4.33 7.66
N17 7A9 P . -4.26 5.04 8.39
C04 7A9 P . -1.21 7.33 8.17
C08 7A9 P . -0.81 9.47 6.27
C12 7A9 P . 0.54 11.21 5.35
C10 7A9 P . 1.45 9.75 7.02
C01 7A9 P . 2.35 8.48 9.08
C09 7A9 P . 0.24 9.10 7.10
C03 7A9 P . 0.17 7.93 7.99
C02 7A9 P . 0.88 8.20 9.30
C1 NAG Q . 22.96 4.32 15.14
C2 NAG Q . 22.86 2.84 15.49
C3 NAG Q . 24.26 2.34 15.11
C4 NAG Q . 24.63 2.69 13.65
C5 NAG Q . 24.28 4.15 13.25
C6 NAG Q . 24.42 4.50 11.75
C7 NAG Q . 21.40 2.12 17.44
C8 NAG Q . 21.33 2.16 18.95
N2 NAG Q . 22.52 2.69 16.91
O3 NAG Q . 24.46 0.94 15.30
O4 NAG Q . 26.04 2.42 13.52
O5 NAG Q . 22.97 4.52 13.72
O6 NAG Q . 23.76 3.61 10.83
O7 NAG Q . 20.47 1.60 16.81
C22 7A9 R . -16.50 32.10 12.86
C13 7A9 R . -16.79 38.82 16.51
C21 7A9 R . -17.25 33.41 12.59
C14 7A9 R . -12.60 38.98 17.60
C11 7A9 R . -14.90 39.93 17.53
C16 7A9 R . -15.53 32.99 14.86
C20 7A9 R . -16.40 34.54 13.09
C19 7A9 R . -15.08 34.40 12.34
O07 7A9 R . -17.74 36.55 15.20
C06 7A9 R . -16.53 36.56 15.46
N05 7A9 R . -15.70 35.54 15.23
C15 7A9 R . -16.28 34.34 14.58
C18 7A9 R . -14.32 33.17 12.80
N17 7A9 R . -15.23 32.32 13.59
C04 7A9 R . -14.30 35.41 15.67
C08 7A9 R . -15.94 37.75 16.17
C12 7A9 R . -16.25 39.91 17.16
C10 7A9 R . -14.06 38.88 17.20
C01 7A9 R . -11.78 37.68 17.43
C09 7A9 R . -14.59 37.78 16.54
C03 7A9 R . -13.65 36.70 16.16
C02 7A9 R . -12.67 36.45 17.29
C1 NAG S . -23.81 -11.89 -19.35
C2 NAG S . -23.54 -13.07 -18.44
C3 NAG S . -24.90 -13.78 -18.38
C4 NAG S . -25.90 -12.81 -17.72
C5 NAG S . -25.77 -11.39 -18.34
C6 NAG S . -26.63 -10.30 -17.68
C7 NAG S . -21.71 -14.21 -19.78
C8 NAG S . -22.29 -13.92 -21.14
N2 NAG S . -22.31 -13.81 -18.69
O3 NAG S . -24.85 -15.01 -17.66
O4 NAG S . -27.25 -13.32 -17.78
O5 NAG S . -24.39 -10.98 -18.44
O6 NAG S . -25.83 -9.39 -16.92
O7 NAG S . -20.66 -14.85 -19.62
C1 NAG T . -7.49 16.04 -48.28
C2 NAG T . -8.31 16.67 -47.16
C3 NAG T . -9.02 17.90 -47.75
C4 NAG T . -7.98 18.88 -48.29
C5 NAG T . -7.11 18.21 -49.35
C6 NAG T . -5.97 19.11 -49.82
C7 NAG T . -9.00 14.77 -45.73
C8 NAG T . -10.17 13.98 -45.21
N2 NAG T . -9.29 15.75 -46.59
O3 NAG T . -9.87 18.53 -46.78
O4 NAG T . -8.65 20.02 -48.85
O5 NAG T . -6.55 16.97 -48.85
O6 NAG T . -5.15 19.51 -48.71
O7 NAG T . -7.85 14.52 -45.39
C22 7A9 U . 36.54 -2.79 -44.37
C13 7A9 U . 39.57 -7.64 -49.45
C21 7A9 U . 37.99 -3.09 -44.75
C14 7A9 U . 36.74 -7.01 -52.62
C11 7A9 U . 38.82 -8.08 -51.71
C16 7A9 U . 35.66 -4.21 -46.08
C20 7A9 U . 38.04 -3.47 -46.23
C19 7A9 U . 37.57 -2.27 -47.03
O07 7A9 U . 39.06 -6.39 -46.99
C06 7A9 U . 38.30 -6.10 -47.92
N05 7A9 U . 37.27 -5.24 -47.78
C15 7A9 U . 37.09 -4.67 -46.42
C18 7A9 U . 36.13 -1.94 -46.65
N17 7A9 U . 35.67 -2.84 -45.56
C04 7A9 U . 36.23 -4.97 -48.78
C08 7A9 U . 38.47 -6.78 -49.24
C12 7A9 U . 39.73 -8.29 -50.67
C10 7A9 U . 37.73 -7.22 -51.51
C01 7A9 U . 35.30 -6.86 -52.11
C09 7A9 U . 37.56 -6.57 -50.26
C03 7A9 U . 36.42 -5.63 -50.15
C02 7A9 U . 35.16 -6.35 -50.65
C22 7A9 V . 36.44 -30.49 -33.19
C13 7A9 V . 33.04 -37.48 -32.49
C21 7A9 V . 36.84 -31.82 -32.54
C14 7A9 V . 31.65 -37.54 -36.57
C11 7A9 V . 32.04 -38.64 -34.36
C16 7A9 V . 34.26 -31.40 -33.65
C20 7A9 V . 36.10 -32.97 -33.20
C19 7A9 V . 36.46 -32.94 -34.68
O07 7A9 V . 34.24 -35.08 -31.49
C06 7A9 V . 33.78 -35.05 -32.65
N05 7A9 V . 33.85 -33.95 -33.44
C15 7A9 V . 34.62 -32.76 -32.99
C18 7A9 V . 36.04 -31.60 -35.29
N17 7A9 V . 35.43 -30.74 -34.24
C04 7A9 V . 33.14 -33.81 -34.74
C08 7A9 V . 33.16 -36.30 -33.24
C12 7A9 V . 32.49 -38.63 -33.03
C10 7A9 V . 32.16 -37.48 -35.14
C01 7A9 V . 31.66 -36.20 -37.34
C09 7A9 V . 32.70 -36.31 -34.57
C03 7A9 V . 32.87 -35.12 -35.45
C02 7A9 V . 31.70 -34.97 -36.42
C1 NAG W . 26.57 -47.83 -53.58
C2 NAG W . 25.84 -48.10 -54.91
C3 NAG W . 25.17 -49.47 -54.91
C4 NAG W . 26.21 -50.54 -54.55
C5 NAG W . 26.64 -50.23 -53.08
C6 NAG W . 27.51 -51.25 -52.35
C7 NAG W . 24.87 -46.22 -56.24
C8 NAG W . 23.67 -45.31 -56.39
N2 NAG W . 24.82 -47.09 -55.22
O3 NAG W . 24.56 -49.70 -56.17
O4 NAG W . 25.74 -51.88 -54.89
O5 NAG W . 27.33 -48.97 -53.10
O6 NAG W . 28.22 -50.67 -51.24
O7 NAG W . 25.82 -46.13 -57.02
C1 NAG X . -5.54 -48.43 -26.33
C2 NAG X . -4.77 -49.70 -26.75
C3 NAG X . -5.41 -50.99 -26.19
C4 NAG X . -6.04 -50.84 -24.78
C5 NAG X . -6.84 -49.54 -24.69
C6 NAG X . -7.53 -49.33 -23.34
C7 NAG X . -4.05 -49.00 -29.03
C8 NAG X . -4.16 -49.35 -30.49
N2 NAG X . -4.71 -49.83 -28.21
O3 NAG X . -4.43 -52.03 -26.18
O4 NAG X . -6.88 -51.97 -24.55
O5 NAG X . -5.94 -48.45 -24.96
O6 NAG X . -7.78 -50.58 -22.68
O7 NAG X . -3.41 -48.02 -28.63
C22 7A9 Y . 3.05 -3.83 -9.17
C13 7A9 Y . -1.42 1.49 -11.93
C21 7A9 Y . 2.05 -2.98 -8.37
C14 7A9 Y . -4.47 -1.10 -13.51
C11 7A9 Y . -3.61 1.20 -12.92
C16 7A9 Y . 1.92 -3.77 -11.29
C20 7A9 Y . 0.78 -2.85 -9.22
C19 7A9 Y . 0.09 -4.20 -9.11
O07 7A9 Y . 0.98 0.23 -11.00
C06 7A9 Y . 0.08 -0.52 -11.43
N05 7A9 Y . 0.18 -1.86 -11.43
C15 7A9 Y . 1.26 -2.51 -10.65
C18 7A9 Y . 1.11 -5.27 -9.54
N17 7A9 Y . 2.33 -4.67 -10.16
C04 7A9 Y . -0.66 -2.78 -12.23
C08 7A9 Y . -1.19 0.10 -11.96
C12 7A9 Y . -2.62 2.04 -12.41
C10 7A9 Y . -3.39 -0.19 -12.96
C01 7A9 Y . -3.92 -2.37 -14.22
C09 7A9 Y . -2.20 -0.73 -12.47
C03 7A9 Y . -2.05 -2.23 -12.52
C02 7A9 Y . -2.46 -2.70 -13.92
#